data_1CMI
# 
_entry.id   1CMI 
# 
_audit_conform.dict_name       mmcif_pdbx.dic 
_audit_conform.dict_version    5.386 
_audit_conform.dict_location   http://mmcif.pdb.org/dictionaries/ascii/mmcif_pdbx.dic 
# 
loop_
_database_2.database_id 
_database_2.database_code 
_database_2.pdbx_database_accession 
_database_2.pdbx_DOI 
PDB   1CMI         pdb_00001cmi 10.2210/pdb1cmi/pdb 
RCSB  RCSB001017   ?            ?                   
WWPDB D_1000001017 ?            ?                   
# 
loop_
_pdbx_audit_revision_history.ordinal 
_pdbx_audit_revision_history.data_content_type 
_pdbx_audit_revision_history.major_revision 
_pdbx_audit_revision_history.minor_revision 
_pdbx_audit_revision_history.revision_date 
1 'Structure model' 1 0 2000-02-21 
2 'Structure model' 1 1 2008-04-26 
3 'Structure model' 1 2 2011-07-13 
4 'Structure model' 1 3 2019-12-18 
5 'Structure model' 1 4 2024-02-14 
# 
_pdbx_audit_revision_details.ordinal             1 
_pdbx_audit_revision_details.revision_ordinal    1 
_pdbx_audit_revision_details.data_content_type   'Structure model' 
_pdbx_audit_revision_details.provider            repository 
_pdbx_audit_revision_details.type                'Initial release' 
_pdbx_audit_revision_details.description         ? 
_pdbx_audit_revision_details.details             ? 
# 
loop_
_pdbx_audit_revision_group.ordinal 
_pdbx_audit_revision_group.revision_ordinal 
_pdbx_audit_revision_group.data_content_type 
_pdbx_audit_revision_group.group 
1 2 'Structure model' 'Version format compliance' 
2 3 'Structure model' 'Version format compliance' 
3 4 'Structure model' Advisory                    
4 4 'Structure model' 'Derived calculations'      
5 5 'Structure model' Advisory                    
6 5 'Structure model' 'Data collection'           
7 5 'Structure model' 'Database references'       
8 5 'Structure model' 'Source and taxonomy'       
9 5 'Structure model' 'Structure summary'         
# 
loop_
_pdbx_audit_revision_category.ordinal 
_pdbx_audit_revision_category.revision_ordinal 
_pdbx_audit_revision_category.data_content_type 
_pdbx_audit_revision_category.category 
1  4 'Structure model' pdbx_struct_assembly         
2  4 'Structure model' pdbx_struct_assembly_gen     
3  4 'Structure model' pdbx_struct_assembly_prop    
4  4 'Structure model' pdbx_struct_oper_list        
5  4 'Structure model' pdbx_unobs_or_zero_occ_atoms 
6  5 'Structure model' chem_comp_atom               
7  5 'Structure model' chem_comp_bond               
8  5 'Structure model' database_2                   
9  5 'Structure model' entity                       
10 5 'Structure model' entity_name_com              
11 5 'Structure model' entity_src_gen               
12 5 'Structure model' pdbx_entity_src_syn          
13 5 'Structure model' pdbx_unobs_or_zero_occ_atoms 
14 5 'Structure model' struct_ref                   
15 5 'Structure model' struct_ref_seq               
# 
loop_
_pdbx_audit_revision_item.ordinal 
_pdbx_audit_revision_item.revision_ordinal 
_pdbx_audit_revision_item.data_content_type 
_pdbx_audit_revision_item.item 
1 5 'Structure model' '_database_2.pdbx_DOI'                
2 5 'Structure model' '_database_2.pdbx_database_accession' 
3 5 'Structure model' '_entity.pdbx_description'            
4 5 'Structure model' '_entity.pdbx_fragment'               
5 5 'Structure model' '_entity_name_com.name'               
6 5 'Structure model' '_entity_src_gen.pdbx_beg_seq_num'    
7 5 'Structure model' '_entity_src_gen.pdbx_end_seq_num'    
8 5 'Structure model' '_entity_src_gen.pdbx_gene_src_gene'  
9 5 'Structure model' '_entity_src_gen.pdbx_seq_type'       
# 
_pdbx_database_PDB_obs_spr.id               SPRSDE 
_pdbx_database_PDB_obs_spr.date             2000-02-21 
_pdbx_database_PDB_obs_spr.pdb_id           1CMI 
_pdbx_database_PDB_obs_spr.replace_pdb_id   1B1W 
_pdbx_database_PDB_obs_spr.details          ? 
# 
_pdbx_database_status.status_code                     REL 
_pdbx_database_status.entry_id                        1CMI 
_pdbx_database_status.recvd_initial_deposition_date   1999-05-06 
_pdbx_database_status.deposit_site                    BNL 
_pdbx_database_status.process_site                    RCSB 
_pdbx_database_status.status_code_sf                  REL 
_pdbx_database_status.SG_entry                        . 
_pdbx_database_status.status_code_mr                  ? 
_pdbx_database_status.status_code_cs                  ? 
_pdbx_database_status.pdb_format_compatible           Y 
_pdbx_database_status.methods_development_category    ? 
_pdbx_database_status.status_code_nmr_data            ? 
# 
loop_
_audit_author.name 
_audit_author.pdbx_ordinal 
'Liang, J.'   1 
'Guo, W.'     2 
'Jaffery, S.' 3 
'Snyder, S.'  4 
'Clardy, J.'  5 
# 
_citation.id                        primary 
_citation.title                     'Structure of the PIN/LC8 dimer with a bound peptide.' 
_citation.journal_abbrev            Nat.Struct.Biol. 
_citation.journal_volume            6 
_citation.page_first                735 
_citation.page_last                 740 
_citation.year                      1999 
_citation.journal_id_ASTM           NSBIEW 
_citation.country                   US 
_citation.journal_id_ISSN           1072-8368 
_citation.journal_id_CSD            2024 
_citation.book_publisher            ? 
_citation.pdbx_database_id_PubMed   10426949 
_citation.pdbx_database_id_DOI      10.1038/11501 
# 
loop_
_citation_author.citation_id 
_citation_author.name 
_citation_author.ordinal 
_citation_author.identifier_ORCID 
primary 'Liang, J.'     1 ? 
primary 'Jaffrey, S.R.' 2 ? 
primary 'Guo, W.'       3 ? 
primary 'Snyder, S.H.'  4 ? 
primary 'Clardy, J.'    5 ? 
# 
loop_
_entity.id 
_entity.type 
_entity.src_method 
_entity.pdbx_description 
_entity.formula_weight 
_entity.pdbx_number_of_molecules 
_entity.pdbx_ec 
_entity.pdbx_mutation 
_entity.pdbx_fragment 
_entity.details 
1 polymer man 'Dynein light chain 1, cytoplasmic' 9875.278 2  ?          ? ?                 ? 
2 polymer syn 'Nitric oxide synthase 1'           1493.705 2  1.14.13.39 ? 'RESIDUE 225-237' ? 
3 water   nat water                               18.015   20 ?          ? ?                 ? 
# 
loop_
_entity_name_com.entity_id 
_entity_name_com.name 
1 '8 kDa dynein light chain,DLC8,Dynein light chain LC8-type 1,Protein inhibitor of neuronal nitric oxide synthase,PIN' 
2 
'Constitutive NOS,NC-NOS,NOS type I,Neuronal NOS,N-NOS,nNOS,Nitric oxide synthase,brain,bNOS,Peptidyl-cysteine S-nitrosylase NOS1' 
# 
loop_
_entity_poly.entity_id 
_entity_poly.type 
_entity_poly.nstd_linkage 
_entity_poly.nstd_monomer 
_entity_poly.pdbx_seq_one_letter_code 
_entity_poly.pdbx_seq_one_letter_code_can 
_entity_poly.pdbx_strand_id 
_entity_poly.pdbx_target_identifier 
1 'polypeptide(L)' no no 
;KAVIKNADMSEEMQQDSVECATQALEKYNIEKDIAAHIKKEFDKKYNPTWHCIVGRNFGSYVTHETKHFIYFYLGQVAIL
LFKSG
;
;KAVIKNADMSEEMQQDSVECATQALEKYNIEKDIAAHIKKEFDKKYNPTWHCIVGRNFGSYVTHETKHFIYFYLGQVAIL
LFKSG
;
A,B ? 
2 'polypeptide(L)' no no KAEMKDTGIQVDR                                                                            KAEMKDTGIQVDR 
C,D ? 
# 
_pdbx_entity_nonpoly.entity_id   3 
_pdbx_entity_nonpoly.name        water 
_pdbx_entity_nonpoly.comp_id     HOH 
# 
loop_
_entity_poly_seq.entity_id 
_entity_poly_seq.num 
_entity_poly_seq.mon_id 
_entity_poly_seq.hetero 
1 1  LYS n 
1 2  ALA n 
1 3  VAL n 
1 4  ILE n 
1 5  LYS n 
1 6  ASN n 
1 7  ALA n 
1 8  ASP n 
1 9  MET n 
1 10 SER n 
1 11 GLU n 
1 12 GLU n 
1 13 MET n 
1 14 GLN n 
1 15 GLN n 
1 16 ASP n 
1 17 SER n 
1 18 VAL n 
1 19 GLU n 
1 20 CYS n 
1 21 ALA n 
1 22 THR n 
1 23 GLN n 
1 24 ALA n 
1 25 LEU n 
1 26 GLU n 
1 27 LYS n 
1 28 TYR n 
1 29 ASN n 
1 30 ILE n 
1 31 GLU n 
1 32 LYS n 
1 33 ASP n 
1 34 ILE n 
1 35 ALA n 
1 36 ALA n 
1 37 HIS n 
1 38 ILE n 
1 39 LYS n 
1 40 LYS n 
1 41 GLU n 
1 42 PHE n 
1 43 ASP n 
1 44 LYS n 
1 45 LYS n 
1 46 TYR n 
1 47 ASN n 
1 48 PRO n 
1 49 THR n 
1 50 TRP n 
1 51 HIS n 
1 52 CYS n 
1 53 ILE n 
1 54 VAL n 
1 55 GLY n 
1 56 ARG n 
1 57 ASN n 
1 58 PHE n 
1 59 GLY n 
1 60 SER n 
1 61 TYR n 
1 62 VAL n 
1 63 THR n 
1 64 HIS n 
1 65 GLU n 
1 66 THR n 
1 67 LYS n 
1 68 HIS n 
1 69 PHE n 
1 70 ILE n 
1 71 TYR n 
1 72 PHE n 
1 73 TYR n 
1 74 LEU n 
1 75 GLY n 
1 76 GLN n 
1 77 VAL n 
1 78 ALA n 
1 79 ILE n 
1 80 LEU n 
1 81 LEU n 
1 82 PHE n 
1 83 LYS n 
1 84 SER n 
1 85 GLY n 
2 1  LYS n 
2 2  ALA n 
2 3  GLU n 
2 4  MET n 
2 5  LYS n 
2 6  ASP n 
2 7  THR n 
2 8  GLY n 
2 9  ILE n 
2 10 GLN n 
2 11 VAL n 
2 12 ASP n 
2 13 ARG n 
# 
_entity_src_gen.entity_id                          1 
_entity_src_gen.pdbx_src_id                        1 
_entity_src_gen.pdbx_alt_source_flag               sample 
_entity_src_gen.pdbx_seq_type                      'Biological sequence' 
_entity_src_gen.pdbx_beg_seq_num                   1 
_entity_src_gen.pdbx_end_seq_num                   85 
_entity_src_gen.gene_src_common_name               human 
_entity_src_gen.gene_src_genus                     Homo 
_entity_src_gen.pdbx_gene_src_gene                 'DYNLL1, DLC1, DNCL1, DNCLC1, HDLC1' 
_entity_src_gen.gene_src_species                   ? 
_entity_src_gen.gene_src_strain                    ? 
_entity_src_gen.gene_src_tissue                    ? 
_entity_src_gen.gene_src_tissue_fraction           ? 
_entity_src_gen.gene_src_details                   ? 
_entity_src_gen.pdbx_gene_src_fragment             ? 
_entity_src_gen.pdbx_gene_src_scientific_name      'Homo sapiens' 
_entity_src_gen.pdbx_gene_src_ncbi_taxonomy_id     9606 
_entity_src_gen.pdbx_gene_src_variant              ? 
_entity_src_gen.pdbx_gene_src_cell_line            ? 
_entity_src_gen.pdbx_gene_src_atcc                 ? 
_entity_src_gen.pdbx_gene_src_organ                ? 
_entity_src_gen.pdbx_gene_src_organelle            ? 
_entity_src_gen.pdbx_gene_src_cell                 ? 
_entity_src_gen.pdbx_gene_src_cellular_location    ? 
_entity_src_gen.host_org_common_name               ? 
_entity_src_gen.pdbx_host_org_scientific_name      'Escherichia coli BL21' 
_entity_src_gen.pdbx_host_org_ncbi_taxonomy_id     511693 
_entity_src_gen.host_org_genus                     Escherichia 
_entity_src_gen.pdbx_host_org_gene                 ? 
_entity_src_gen.pdbx_host_org_organ                ? 
_entity_src_gen.host_org_species                   'Escherichia coli' 
_entity_src_gen.pdbx_host_org_tissue               ? 
_entity_src_gen.pdbx_host_org_tissue_fraction      ? 
_entity_src_gen.pdbx_host_org_strain               BL21 
_entity_src_gen.pdbx_host_org_variant              ? 
_entity_src_gen.pdbx_host_org_cell_line            ? 
_entity_src_gen.pdbx_host_org_atcc                 ? 
_entity_src_gen.pdbx_host_org_culture_collection   ? 
_entity_src_gen.pdbx_host_org_cell                 ? 
_entity_src_gen.pdbx_host_org_organelle            ? 
_entity_src_gen.pdbx_host_org_cellular_location    ? 
_entity_src_gen.pdbx_host_org_vector_type          PLASMID 
_entity_src_gen.pdbx_host_org_vector               PET-15B 
_entity_src_gen.host_org_details                   ? 
_entity_src_gen.expression_system_id               ? 
_entity_src_gen.plasmid_name                       PGEX-4T-2 
_entity_src_gen.plasmid_details                    ? 
_entity_src_gen.pdbx_description                   ? 
# 
_pdbx_entity_src_syn.entity_id              2 
_pdbx_entity_src_syn.pdbx_src_id            1 
_pdbx_entity_src_syn.pdbx_alt_source_flag   sample 
_pdbx_entity_src_syn.pdbx_beg_seq_num       1 
_pdbx_entity_src_syn.pdbx_end_seq_num       13 
_pdbx_entity_src_syn.organism_scientific    'Mus musculus' 
_pdbx_entity_src_syn.organism_common_name   Mouse 
_pdbx_entity_src_syn.ncbi_taxonomy_id       10090 
_pdbx_entity_src_syn.details                ? 
# 
loop_
_chem_comp.id 
_chem_comp.type 
_chem_comp.mon_nstd_flag 
_chem_comp.name 
_chem_comp.pdbx_synonyms 
_chem_comp.formula 
_chem_comp.formula_weight 
ALA 'L-peptide linking' y ALANINE         ? 'C3 H7 N O2'     89.093  
ARG 'L-peptide linking' y ARGININE        ? 'C6 H15 N4 O2 1' 175.209 
ASN 'L-peptide linking' y ASPARAGINE      ? 'C4 H8 N2 O3'    132.118 
ASP 'L-peptide linking' y 'ASPARTIC ACID' ? 'C4 H7 N O4'     133.103 
CYS 'L-peptide linking' y CYSTEINE        ? 'C3 H7 N O2 S'   121.158 
GLN 'L-peptide linking' y GLUTAMINE       ? 'C5 H10 N2 O3'   146.144 
GLU 'L-peptide linking' y 'GLUTAMIC ACID' ? 'C5 H9 N O4'     147.129 
GLY 'peptide linking'   y GLYCINE         ? 'C2 H5 N O2'     75.067  
HIS 'L-peptide linking' y HISTIDINE       ? 'C6 H10 N3 O2 1' 156.162 
HOH non-polymer         . WATER           ? 'H2 O'           18.015  
ILE 'L-peptide linking' y ISOLEUCINE      ? 'C6 H13 N O2'    131.173 
LEU 'L-peptide linking' y LEUCINE         ? 'C6 H13 N O2'    131.173 
LYS 'L-peptide linking' y LYSINE          ? 'C6 H15 N2 O2 1' 147.195 
MET 'L-peptide linking' y METHIONINE      ? 'C5 H11 N O2 S'  149.211 
PHE 'L-peptide linking' y PHENYLALANINE   ? 'C9 H11 N O2'    165.189 
PRO 'L-peptide linking' y PROLINE         ? 'C5 H9 N O2'     115.130 
SER 'L-peptide linking' y SERINE          ? 'C3 H7 N O3'     105.093 
THR 'L-peptide linking' y THREONINE       ? 'C4 H9 N O3'     119.119 
TRP 'L-peptide linking' y TRYPTOPHAN      ? 'C11 H12 N2 O2'  204.225 
TYR 'L-peptide linking' y TYROSINE        ? 'C9 H11 N O3'    181.189 
VAL 'L-peptide linking' y VALINE          ? 'C5 H11 N O2'    117.146 
# 
loop_
_pdbx_poly_seq_scheme.asym_id 
_pdbx_poly_seq_scheme.entity_id 
_pdbx_poly_seq_scheme.seq_id 
_pdbx_poly_seq_scheme.mon_id 
_pdbx_poly_seq_scheme.ndb_seq_num 
_pdbx_poly_seq_scheme.pdb_seq_num 
_pdbx_poly_seq_scheme.auth_seq_num 
_pdbx_poly_seq_scheme.pdb_mon_id 
_pdbx_poly_seq_scheme.auth_mon_id 
_pdbx_poly_seq_scheme.pdb_strand_id 
_pdbx_poly_seq_scheme.pdb_ins_code 
_pdbx_poly_seq_scheme.hetero 
A 1 1  LYS 1  5  5  LYS LYS A . n 
A 1 2  ALA 2  6  6  ALA ALA A . n 
A 1 3  VAL 3  7  7  VAL VAL A . n 
A 1 4  ILE 4  8  8  ILE ILE A . n 
A 1 5  LYS 5  9  9  LYS LYS A . n 
A 1 6  ASN 6  10 10 ASN ASN A . n 
A 1 7  ALA 7  11 11 ALA ALA A . n 
A 1 8  ASP 8  12 12 ASP ASP A . n 
A 1 9  MET 9  13 13 MET MET A . n 
A 1 10 SER 10 14 14 SER SER A . n 
A 1 11 GLU 11 15 15 GLU GLU A . n 
A 1 12 GLU 12 16 16 GLU GLU A . n 
A 1 13 MET 13 17 17 MET MET A . n 
A 1 14 GLN 14 18 18 GLN GLN A . n 
A 1 15 GLN 15 19 19 GLN GLN A . n 
A 1 16 ASP 16 20 20 ASP ASP A . n 
A 1 17 SER 17 21 21 SER SER A . n 
A 1 18 VAL 18 22 22 VAL VAL A . n 
A 1 19 GLU 19 23 23 GLU GLU A . n 
A 1 20 CYS 20 24 24 CYS CYS A . n 
A 1 21 ALA 21 25 25 ALA ALA A . n 
A 1 22 THR 22 26 26 THR THR A . n 
A 1 23 GLN 23 27 27 GLN GLN A . n 
A 1 24 ALA 24 28 28 ALA ALA A . n 
A 1 25 LEU 25 29 29 LEU LEU A . n 
A 1 26 GLU 26 30 30 GLU GLU A . n 
A 1 27 LYS 27 31 31 LYS LYS A . n 
A 1 28 TYR 28 32 32 TYR TYR A . n 
A 1 29 ASN 29 33 33 ASN ASN A . n 
A 1 30 ILE 30 34 34 ILE ILE A . n 
A 1 31 GLU 31 35 35 GLU GLU A . n 
A 1 32 LYS 32 36 36 LYS LYS A . n 
A 1 33 ASP 33 37 37 ASP ASP A . n 
A 1 34 ILE 34 38 38 ILE ILE A . n 
A 1 35 ALA 35 39 39 ALA ALA A . n 
A 1 36 ALA 36 40 40 ALA ALA A . n 
A 1 37 HIS 37 41 41 HIS HIS A . n 
A 1 38 ILE 38 42 42 ILE ILE A . n 
A 1 39 LYS 39 43 43 LYS LYS A . n 
A 1 40 LYS 40 44 44 LYS LYS A . n 
A 1 41 GLU 41 45 45 GLU GLU A . n 
A 1 42 PHE 42 46 46 PHE PHE A . n 
A 1 43 ASP 43 47 47 ASP ASP A . n 
A 1 44 LYS 44 48 48 LYS LYS A . n 
A 1 45 LYS 45 49 49 LYS LYS A . n 
A 1 46 TYR 46 50 50 TYR TYR A . n 
A 1 47 ASN 47 51 51 ASN ASN A . n 
A 1 48 PRO 48 52 52 PRO PRO A . n 
A 1 49 THR 49 53 53 THR THR A . n 
A 1 50 TRP 50 54 54 TRP TRP A . n 
A 1 51 HIS 51 55 55 HIS HIS A . n 
A 1 52 CYS 52 56 56 CYS CYS A . n 
A 1 53 ILE 53 57 57 ILE ILE A . n 
A 1 54 VAL 54 58 58 VAL VAL A . n 
A 1 55 GLY 55 59 59 GLY GLY A . n 
A 1 56 ARG 56 60 60 ARG ARG A . n 
A 1 57 ASN 57 61 61 ASN ASN A . n 
A 1 58 PHE 58 62 62 PHE PHE A . n 
A 1 59 GLY 59 63 63 GLY GLY A . n 
A 1 60 SER 60 64 64 SER SER A . n 
A 1 61 TYR 61 65 65 TYR TYR A . n 
A 1 62 VAL 62 66 66 VAL VAL A . n 
A 1 63 THR 63 67 67 THR THR A . n 
A 1 64 HIS 64 68 68 HIS HIS A . n 
A 1 65 GLU 65 69 69 GLU GLU A . n 
A 1 66 THR 66 70 70 THR THR A . n 
A 1 67 LYS 67 71 71 LYS LYS A . n 
A 1 68 HIS 68 72 72 HIS HIS A . n 
A 1 69 PHE 69 73 73 PHE PHE A . n 
A 1 70 ILE 70 74 74 ILE ILE A . n 
A 1 71 TYR 71 75 75 TYR TYR A . n 
A 1 72 PHE 72 76 76 PHE PHE A . n 
A 1 73 TYR 73 77 77 TYR TYR A . n 
A 1 74 LEU 74 78 78 LEU LEU A . n 
A 1 75 GLY 75 79 79 GLY GLY A . n 
A 1 76 GLN 76 80 80 GLN GLN A . n 
A 1 77 VAL 77 81 81 VAL VAL A . n 
A 1 78 ALA 78 82 82 ALA ALA A . n 
A 1 79 ILE 79 83 83 ILE ILE A . n 
A 1 80 LEU 80 84 84 LEU LEU A . n 
A 1 81 LEU 81 85 85 LEU LEU A . n 
A 1 82 PHE 82 86 86 PHE PHE A . n 
A 1 83 LYS 83 87 87 LYS LYS A . n 
A 1 84 SER 84 88 88 SER SER A . n 
A 1 85 GLY 85 89 89 GLY GLY A . n 
B 1 1  LYS 1  5  5  LYS LYS B . n 
B 1 2  ALA 2  6  6  ALA ALA B . n 
B 1 3  VAL 3  7  7  VAL VAL B . n 
B 1 4  ILE 4  8  8  ILE ILE B . n 
B 1 5  LYS 5  9  9  LYS LYS B . n 
B 1 6  ASN 6  10 10 ASN ASN B . n 
B 1 7  ALA 7  11 11 ALA ALA B . n 
B 1 8  ASP 8  12 12 ASP ASP B . n 
B 1 9  MET 9  13 13 MET MET B . n 
B 1 10 SER 10 14 14 SER SER B . n 
B 1 11 GLU 11 15 15 GLU GLU B . n 
B 1 12 GLU 12 16 16 GLU GLU B . n 
B 1 13 MET 13 17 17 MET MET B . n 
B 1 14 GLN 14 18 18 GLN GLN B . n 
B 1 15 GLN 15 19 19 GLN GLN B . n 
B 1 16 ASP 16 20 20 ASP ASP B . n 
B 1 17 SER 17 21 21 SER SER B . n 
B 1 18 VAL 18 22 22 VAL VAL B . n 
B 1 19 GLU 19 23 23 GLU GLU B . n 
B 1 20 CYS 20 24 24 CYS CYS B . n 
B 1 21 ALA 21 25 25 ALA ALA B . n 
B 1 22 THR 22 26 26 THR THR B . n 
B 1 23 GLN 23 27 27 GLN GLN B . n 
B 1 24 ALA 24 28 28 ALA ALA B . n 
B 1 25 LEU 25 29 29 LEU LEU B . n 
B 1 26 GLU 26 30 30 GLU GLU B . n 
B 1 27 LYS 27 31 31 LYS LYS B . n 
B 1 28 TYR 28 32 32 TYR TYR B . n 
B 1 29 ASN 29 33 33 ASN ASN B . n 
B 1 30 ILE 30 34 34 ILE ILE B . n 
B 1 31 GLU 31 35 35 GLU GLU B . n 
B 1 32 LYS 32 36 36 LYS LYS B . n 
B 1 33 ASP 33 37 37 ASP ASP B . n 
B 1 34 ILE 34 38 38 ILE ILE B . n 
B 1 35 ALA 35 39 39 ALA ALA B . n 
B 1 36 ALA 36 40 40 ALA ALA B . n 
B 1 37 HIS 37 41 41 HIS HIS B . n 
B 1 38 ILE 38 42 42 ILE ILE B . n 
B 1 39 LYS 39 43 43 LYS LYS B . n 
B 1 40 LYS 40 44 44 LYS LYS B . n 
B 1 41 GLU 41 45 45 GLU GLU B . n 
B 1 42 PHE 42 46 46 PHE PHE B . n 
B 1 43 ASP 43 47 47 ASP ASP B . n 
B 1 44 LYS 44 48 48 LYS LYS B . n 
B 1 45 LYS 45 49 49 LYS LYS B . n 
B 1 46 TYR 46 50 50 TYR TYR B . n 
B 1 47 ASN 47 51 51 ASN ASN B . n 
B 1 48 PRO 48 52 52 PRO PRO B . n 
B 1 49 THR 49 53 53 THR THR B . n 
B 1 50 TRP 50 54 54 TRP TRP B . n 
B 1 51 HIS 51 55 55 HIS HIS B . n 
B 1 52 CYS 52 56 56 CYS CYS B . n 
B 1 53 ILE 53 57 57 ILE ILE B . n 
B 1 54 VAL 54 58 58 VAL VAL B . n 
B 1 55 GLY 55 59 59 GLY GLY B . n 
B 1 56 ARG 56 60 60 ARG ARG B . n 
B 1 57 ASN 57 61 61 ASN ASN B . n 
B 1 58 PHE 58 62 62 PHE PHE B . n 
B 1 59 GLY 59 63 63 GLY GLY B . n 
B 1 60 SER 60 64 64 SER SER B . n 
B 1 61 TYR 61 65 65 TYR TYR B . n 
B 1 62 VAL 62 66 66 VAL VAL B . n 
B 1 63 THR 63 67 67 THR THR B . n 
B 1 64 HIS 64 68 68 HIS HIS B . n 
B 1 65 GLU 65 69 69 GLU GLU B . n 
B 1 66 THR 66 70 70 THR THR B . n 
B 1 67 LYS 67 71 71 LYS LYS B . n 
B 1 68 HIS 68 72 72 HIS HIS B . n 
B 1 69 PHE 69 73 73 PHE PHE B . n 
B 1 70 ILE 70 74 74 ILE ILE B . n 
B 1 71 TYR 71 75 75 TYR TYR B . n 
B 1 72 PHE 72 76 76 PHE PHE B . n 
B 1 73 TYR 73 77 77 TYR TYR B . n 
B 1 74 LEU 74 78 78 LEU LEU B . n 
B 1 75 GLY 75 79 79 GLY GLY B . n 
B 1 76 GLN 76 80 80 GLN GLN B . n 
B 1 77 VAL 77 81 81 VAL VAL B . n 
B 1 78 ALA 78 82 82 ALA ALA B . n 
B 1 79 ILE 79 83 83 ILE ILE B . n 
B 1 80 LEU 80 84 84 LEU LEU B . n 
B 1 81 LEU 81 85 85 LEU LEU B . n 
B 1 82 PHE 82 86 86 PHE PHE B . n 
B 1 83 LYS 83 87 87 LYS LYS B . n 
B 1 84 SER 84 88 88 SER SER B . n 
B 1 85 GLY 85 89 89 GLY GLY B . n 
C 2 1  LYS 1  1  ?  ?   ?   C . n 
C 2 2  ALA 2  2  2  ALA ALA C . n 
C 2 3  GLU 3  3  3  GLU GLU C . n 
C 2 4  MET 4  4  4  MET MET C . n 
C 2 5  LYS 5  5  5  LYS LYS C . n 
C 2 6  ASP 6  6  6  ASP ASP C . n 
C 2 7  THR 7  7  7  THR THR C . n 
C 2 8  GLY 8  8  8  GLY GLY C . n 
C 2 9  ILE 9  9  9  ILE ILE C . n 
C 2 10 GLN 10 10 10 GLN GLN C . n 
C 2 11 VAL 11 11 11 VAL VAL C . n 
C 2 12 ASP 12 12 12 ASP ASP C . n 
C 2 13 ARG 13 13 13 ARG ARG C . n 
D 2 1  LYS 1  1  ?  ?   ?   D . n 
D 2 2  ALA 2  2  2  ALA ALA D . n 
D 2 3  GLU 3  3  3  GLU GLU D . n 
D 2 4  MET 4  4  4  MET MET D . n 
D 2 5  LYS 5  5  5  LYS LYS D . n 
D 2 6  ASP 6  6  6  ASP ASP D . n 
D 2 7  THR 7  7  7  THR THR D . n 
D 2 8  GLY 8  8  8  GLY GLY D . n 
D 2 9  ILE 9  9  9  ILE ILE D . n 
D 2 10 GLN 10 10 10 GLN GLN D . n 
D 2 11 VAL 11 11 11 VAL VAL D . n 
D 2 12 ASP 12 12 12 ASP ASP D . n 
D 2 13 ARG 13 13 13 ARG ARG D . n 
# 
loop_
_pdbx_nonpoly_scheme.asym_id 
_pdbx_nonpoly_scheme.entity_id 
_pdbx_nonpoly_scheme.mon_id 
_pdbx_nonpoly_scheme.ndb_seq_num 
_pdbx_nonpoly_scheme.pdb_seq_num 
_pdbx_nonpoly_scheme.auth_seq_num 
_pdbx_nonpoly_scheme.pdb_mon_id 
_pdbx_nonpoly_scheme.auth_mon_id 
_pdbx_nonpoly_scheme.pdb_strand_id 
_pdbx_nonpoly_scheme.pdb_ins_code 
E 3 HOH 1 90 3  HOH HOH A . 
E 3 HOH 2 91 8  HOH HOH A . 
E 3 HOH 3 92 12 HOH HOH A . 
E 3 HOH 4 93 13 HOH HOH A . 
E 3 HOH 5 94 15 HOH HOH A . 
E 3 HOH 6 95 16 HOH HOH A . 
E 3 HOH 7 96 20 HOH HOH A . 
F 3 HOH 1 90 2  HOH HOH B . 
F 3 HOH 2 91 5  HOH HOH B . 
F 3 HOH 3 92 6  HOH HOH B . 
F 3 HOH 4 93 7  HOH HOH B . 
F 3 HOH 5 94 10 HOH HOH B . 
F 3 HOH 6 95 11 HOH HOH B . 
F 3 HOH 7 96 14 HOH HOH B . 
F 3 HOH 8 97 18 HOH HOH B . 
F 3 HOH 9 98 21 HOH HOH B . 
G 3 HOH 1 14 4  HOH HOH C . 
G 3 HOH 2 15 17 HOH HOH C . 
H 3 HOH 1 14 9  HOH HOH D . 
H 3 HOH 2 15 19 HOH HOH D . 
# 
loop_
_pdbx_unobs_or_zero_occ_atoms.id 
_pdbx_unobs_or_zero_occ_atoms.PDB_model_num 
_pdbx_unobs_or_zero_occ_atoms.polymer_flag 
_pdbx_unobs_or_zero_occ_atoms.occupancy_flag 
_pdbx_unobs_or_zero_occ_atoms.auth_asym_id 
_pdbx_unobs_or_zero_occ_atoms.auth_comp_id 
_pdbx_unobs_or_zero_occ_atoms.auth_seq_id 
_pdbx_unobs_or_zero_occ_atoms.PDB_ins_code 
_pdbx_unobs_or_zero_occ_atoms.auth_atom_id 
_pdbx_unobs_or_zero_occ_atoms.label_alt_id 
_pdbx_unobs_or_zero_occ_atoms.label_asym_id 
_pdbx_unobs_or_zero_occ_atoms.label_comp_id 
_pdbx_unobs_or_zero_occ_atoms.label_seq_id 
_pdbx_unobs_or_zero_occ_atoms.label_atom_id 
1 1 Y 1 C ALA 2 ? CB ? C ALA 2 CB 
2 1 Y 0 C ALA 2 ? N  ? C ALA 2 N  
3 1 Y 1 D ALA 2 ? CB ? D ALA 2 CB 
4 1 Y 0 D ALA 2 ? N  ? D ALA 2 N  
# 
loop_
_software.name 
_software.classification 
_software.version 
_software.citation_id 
_software.pdbx_ordinal 
SOLVE  phasing          .         ? 1 
X-PLOR refinement       CNS       ? 2 
MOSFLM 'data reduction' .         ? 3 
CCP4   'data scaling'   '(SCALA)' ? 4 
CNS    refinement       .         ? 5 
# 
_cell.entry_id           1CMI 
_cell.length_a           67.200 
_cell.length_b           67.200 
_cell.length_c           217.000 
_cell.angle_alpha        90.00 
_cell.angle_beta         90.00 
_cell.angle_gamma        90.00 
_cell.Z_PDB              32 
_cell.pdbx_unique_axis   ? 
_cell.length_a_esd       ? 
_cell.length_b_esd       ? 
_cell.length_c_esd       ? 
_cell.angle_alpha_esd    ? 
_cell.angle_beta_esd     ? 
_cell.angle_gamma_esd    ? 
# 
_symmetry.entry_id                         1CMI 
_symmetry.space_group_name_H-M             'I 41 2 2' 
_symmetry.pdbx_full_space_group_name_H-M   ? 
_symmetry.cell_setting                     ? 
_symmetry.Int_Tables_number                98 
_symmetry.space_group_name_Hall            ? 
# 
_exptl.entry_id          1CMI 
_exptl.method            'X-RAY DIFFRACTION' 
_exptl.crystals_number   1 
# 
_exptl_crystal.id                    1 
_exptl_crystal.density_meas          ? 
_exptl_crystal.density_Matthews      2.69 
_exptl_crystal.density_percent_sol   51 
_exptl_crystal.description           ? 
_exptl_crystal.F_000                 ? 
_exptl_crystal.preparation           ? 
# 
_exptl_crystal_grow.crystal_id      1 
_exptl_crystal_grow.method          ? 
_exptl_crystal_grow.temp            ? 
_exptl_crystal_grow.temp_details    ? 
_exptl_crystal_grow.pH              8.4 
_exptl_crystal_grow.pdbx_details    'pH 8.4' 
_exptl_crystal_grow.pdbx_pH_range   . 
# 
_diffrn.id                     1 
_diffrn.ambient_temp           100 
_diffrn.ambient_temp_details   ? 
_diffrn.crystal_id             1 
# 
_diffrn_detector.diffrn_id              1 
_diffrn_detector.detector               CCD 
_diffrn_detector.type                   ADSC 
_diffrn_detector.pdbx_collection_date   1998-04 
_diffrn_detector.details                ? 
# 
_diffrn_radiation.diffrn_id                        1 
_diffrn_radiation.wavelength_id                    1 
_diffrn_radiation.pdbx_monochromatic_or_laue_m_l   M 
_diffrn_radiation.monochromator                    ? 
_diffrn_radiation.pdbx_diffrn_protocol             MAD 
_diffrn_radiation.pdbx_scattering_type             x-ray 
# 
loop_
_diffrn_radiation_wavelength.id 
_diffrn_radiation_wavelength.wavelength 
_diffrn_radiation_wavelength.wt 
1 0.9792 1.0 
2 0.9790 1.0 
3 0.964  1.0 
# 
_diffrn_source.diffrn_id                   1 
_diffrn_source.source                      SYNCHROTRON 
_diffrn_source.type                        'CHESS BEAMLINE F1' 
_diffrn_source.pdbx_synchrotron_site       CHESS 
_diffrn_source.pdbx_synchrotron_beamline   F1 
_diffrn_source.pdbx_wavelength             ? 
_diffrn_source.pdbx_wavelength_list        '0.9792, 0.9790, 0.964' 
# 
_reflns.entry_id                     1CMI 
_reflns.observed_criterion_sigma_I   0 
_reflns.observed_criterion_sigma_F   ? 
_reflns.d_resolution_low             20.0 
_reflns.d_resolution_high            2.5 
_reflns.number_obs                   9052 
_reflns.number_all                   ? 
_reflns.percent_possible_obs         99.7 
_reflns.pdbx_Rmerge_I_obs            0.0470000 
_reflns.pdbx_Rsym_value              ? 
_reflns.pdbx_netI_over_sigmaI        8.8 
_reflns.B_iso_Wilson_estimate        65.0 
_reflns.pdbx_redundancy              6.2 
_reflns.R_free_details               ? 
_reflns.limit_h_max                  ? 
_reflns.limit_h_min                  ? 
_reflns.limit_k_max                  ? 
_reflns.limit_k_min                  ? 
_reflns.limit_l_max                  ? 
_reflns.limit_l_min                  ? 
_reflns.observed_criterion_F_max     ? 
_reflns.observed_criterion_F_min     ? 
_reflns.pdbx_chi_squared             ? 
_reflns.pdbx_scaling_rejects         ? 
_reflns.pdbx_diffrn_id               1 
_reflns.pdbx_ordinal                 1 
# 
_reflns_shell.d_res_high             2.5 
_reflns_shell.d_res_low              2.63 
_reflns_shell.percent_possible_all   99.8 
_reflns_shell.Rmerge_I_obs           0.2090000 
_reflns_shell.pdbx_Rsym_value        ? 
_reflns_shell.meanI_over_sigI_obs    3.5 
_reflns_shell.pdbx_redundancy        6.3 
_reflns_shell.percent_possible_obs   ? 
_reflns_shell.number_unique_all      ? 
_reflns_shell.number_measured_all    ? 
_reflns_shell.number_measured_obs    ? 
_reflns_shell.number_unique_obs      ? 
_reflns_shell.pdbx_chi_squared       ? 
_reflns_shell.pdbx_diffrn_id         ? 
_reflns_shell.pdbx_ordinal           1 
# 
_refine.entry_id                                 1CMI 
_refine.ls_number_reflns_obs                     9000 
_refine.ls_number_reflns_all                     ? 
_refine.pdbx_ls_sigma_I                          ? 
_refine.pdbx_ls_sigma_F                          0 
_refine.pdbx_data_cutoff_high_absF               1454419.65 
_refine.pdbx_data_cutoff_low_absF                0.0 
_refine.pdbx_data_cutoff_high_rms_absF           ? 
_refine.ls_d_res_low                             50.0 
_refine.ls_d_res_high                            2.5 
_refine.ls_percent_reflns_obs                    99.7 
_refine.ls_R_factor_obs                          ? 
_refine.ls_R_factor_all                          ? 
_refine.ls_R_factor_R_work                       0.2400000 
_refine.ls_R_factor_R_free                       0.2830000 
_refine.ls_R_factor_R_free_error                 0.013 
_refine.ls_R_factor_R_free_error_details         ? 
_refine.ls_percent_reflns_R_free                 5.0 
_refine.ls_number_reflns_R_free                  446 
_refine.ls_number_parameters                     ? 
_refine.ls_number_restraints                     ? 
_refine.occupancy_min                            ? 
_refine.occupancy_max                            ? 
_refine.B_iso_mean                               53.2 
_refine.aniso_B[1][1]                            2.75 
_refine.aniso_B[2][2]                            2.75 
_refine.aniso_B[3][3]                            -5.5 
_refine.aniso_B[1][2]                            0.0 
_refine.aniso_B[1][3]                            0.0 
_refine.aniso_B[2][3]                            0.0 
_refine.solvent_model_details                    ? 
_refine.solvent_model_param_ksol                 ? 
_refine.solvent_model_param_bsol                 ? 
_refine.pdbx_ls_cross_valid_method               FREE-R 
_refine.details                                  ? 
_refine.pdbx_starting_model                      ? 
_refine.pdbx_method_to_determine_struct          MAD 
_refine.pdbx_isotropic_thermal_model             ? 
_refine.pdbx_stereochemistry_target_values       ? 
_refine.pdbx_stereochem_target_val_spec_case     ? 
_refine.pdbx_R_Free_selection_details            RANDOM 
_refine.pdbx_overall_ESU_R_Free                  ? 
_refine.overall_SU_ML                            ? 
_refine.overall_SU_B                             ? 
_refine.ls_redundancy_reflns_obs                 ? 
_refine.B_iso_min                                ? 
_refine.B_iso_max                                ? 
_refine.pdbx_refine_id                           'X-RAY DIFFRACTION' 
_refine.pdbx_overall_phase_error                 ? 
_refine.correlation_coeff_Fo_to_Fc               ? 
_refine.correlation_coeff_Fo_to_Fc_free          ? 
_refine.pdbx_solvent_vdw_probe_radii             ? 
_refine.pdbx_solvent_ion_probe_radii             ? 
_refine.pdbx_solvent_shrinkage_radii             ? 
_refine.overall_SU_R_Cruickshank_DPI             ? 
_refine.overall_SU_R_free                        ? 
_refine.ls_wR_factor_R_free                      ? 
_refine.ls_wR_factor_R_work                      ? 
_refine.overall_FOM_free_R_set                   ? 
_refine.overall_FOM_work_R_set                   ? 
_refine.pdbx_overall_ESU_R                       ? 
_refine.pdbx_diffrn_id                           1 
_refine.pdbx_TLS_residual_ADP_flag               ? 
_refine.pdbx_overall_SU_R_free_Cruickshank_DPI   ? 
_refine.pdbx_overall_SU_R_Blow_DPI               ? 
_refine.pdbx_overall_SU_R_free_Blow_DPI          ? 
# 
_refine_analyze.entry_id                        1CMI 
_refine_analyze.Luzzati_coordinate_error_obs    0.35 
_refine_analyze.Luzzati_sigma_a_obs             0.3 
_refine_analyze.Luzzati_d_res_low_obs           5 
_refine_analyze.Luzzati_coordinate_error_free   0.41 
_refine_analyze.Luzzati_sigma_a_free            0.37 
_refine_analyze.Luzzati_d_res_low_free          ? 
_refine_analyze.number_disordered_residues      ? 
_refine_analyze.occupancy_sum_hydrogen          ? 
_refine_analyze.occupancy_sum_non_hydrogen      ? 
_refine_analyze.pdbx_Luzzati_d_res_high_obs     ? 
_refine_analyze.pdbx_refine_id                  'X-RAY DIFFRACTION' 
# 
_refine_hist.pdbx_refine_id                   'X-RAY DIFFRACTION' 
_refine_hist.cycle_id                         LAST 
_refine_hist.pdbx_number_atoms_protein        1576 
_refine_hist.pdbx_number_atoms_nucleic_acid   0 
_refine_hist.pdbx_number_atoms_ligand         0 
_refine_hist.number_atoms_solvent             20 
_refine_hist.number_atoms_total               1596 
_refine_hist.d_res_high                       2.5 
_refine_hist.d_res_low                        50.0 
# 
loop_
_refine_ls_restr.type 
_refine_ls_restr.dev_ideal 
_refine_ls_restr.dev_ideal_target 
_refine_ls_restr.weight 
_refine_ls_restr.number 
_refine_ls_restr.pdbx_refine_id 
_refine_ls_restr.pdbx_restraint_function 
x_bond_d                0.007 ? ? ? 'X-RAY DIFFRACTION' ? 
x_bond_d_na             ?     ? ? ? 'X-RAY DIFFRACTION' ? 
x_bond_d_prot           ?     ? ? ? 'X-RAY DIFFRACTION' ? 
x_angle_d               ?     ? ? ? 'X-RAY DIFFRACTION' ? 
x_angle_d_na            ?     ? ? ? 'X-RAY DIFFRACTION' ? 
x_angle_d_prot          ?     ? ? ? 'X-RAY DIFFRACTION' ? 
x_angle_deg             1.2   ? ? ? 'X-RAY DIFFRACTION' ? 
x_angle_deg_na          ?     ? ? ? 'X-RAY DIFFRACTION' ? 
x_angle_deg_prot        ?     ? ? ? 'X-RAY DIFFRACTION' ? 
x_dihedral_angle_d      23.5  ? ? ? 'X-RAY DIFFRACTION' ? 
x_dihedral_angle_d_na   ?     ? ? ? 'X-RAY DIFFRACTION' ? 
x_dihedral_angle_d_prot ?     ? ? ? 'X-RAY DIFFRACTION' ? 
x_improper_angle_d      0.59  ? ? ? 'X-RAY DIFFRACTION' ? 
x_improper_angle_d_na   ?     ? ? ? 'X-RAY DIFFRACTION' ? 
x_improper_angle_d_prot ?     ? ? ? 'X-RAY DIFFRACTION' ? 
x_mcbond_it             1.5   ? ? ? 'X-RAY DIFFRACTION' ? 
x_mcangle_it            2.0   ? ? ? 'X-RAY DIFFRACTION' ? 
x_scbond_it             2.0   ? ? ? 'X-RAY DIFFRACTION' ? 
x_scangle_it            2.5   ? ? ? 'X-RAY DIFFRACTION' ? 
# 
loop_
_refine_ls_restr_ncs.dom_id 
_refine_ls_restr_ncs.ncs_model_details 
_refine_ls_restr_ncs.rms_dev_position 
_refine_ls_restr_ncs.weight_position 
_refine_ls_restr_ncs.rms_dev_B_iso 
_refine_ls_restr_ncs.weight_B_iso 
_refine_ls_restr_ncs.pdbx_type 
_refine_ls_restr_ncs.pdbx_auth_asym_id 
_refine_ls_restr_ncs.pdbx_ens_id 
_refine_ls_restr_ncs.pdbx_refine_id 
_refine_ls_restr_ncs.pdbx_ordinal 
_refine_ls_restr_ncs.pdbx_number 
_refine_ls_restr_ncs.pdbx_asym_id 
_refine_ls_restr_ncs.pdbx_rms 
_refine_ls_restr_ncs.pdbx_weight 
1 RESTRAINTS 100.0 ? 2.0 ? . . 1 'X-RAY DIFFRACTION' 1 ? ? ? ? 
2 ?          100.0 ? 2.0 ? . . 2 'X-RAY DIFFRACTION' 2 ? ? ? ? 
# 
_refine_ls_shell.pdbx_total_number_of_bins_used   6 
_refine_ls_shell.d_res_high                       2.5 
_refine_ls_shell.d_res_low                        2.66 
_refine_ls_shell.number_reflns_R_work             1373 
_refine_ls_shell.R_factor_R_work                  0.3140000 
_refine_ls_shell.percent_reflns_obs               99.7 
_refine_ls_shell.R_factor_R_free                  0.3360000 
_refine_ls_shell.R_factor_R_free_error            0.038 
_refine_ls_shell.percent_reflns_R_free            5.4 
_refine_ls_shell.number_reflns_R_free             79 
_refine_ls_shell.redundancy_reflns_obs            ? 
_refine_ls_shell.number_reflns_all                ? 
_refine_ls_shell.number_reflns_obs                ? 
_refine_ls_shell.pdbx_refine_id                   'X-RAY DIFFRACTION' 
_refine_ls_shell.R_factor_all                     ? 
# 
loop_
_pdbx_xplor_file.serial_no 
_pdbx_xplor_file.param_file 
_pdbx_xplor_file.topol_file 
_pdbx_xplor_file.pdbx_refine_id 
1 PROTEIN_REP.PARAM PROTEIN.TOP 'X-RAY DIFFRACTION' 
2 WATER_REP.PARAM   WATER.TOP   'X-RAY DIFFRACTION' 
# 
loop_
_struct_ncs_oper.id 
_struct_ncs_oper.code 
_struct_ncs_oper.details 
_struct_ncs_oper.matrix[1][1] 
_struct_ncs_oper.matrix[1][2] 
_struct_ncs_oper.matrix[1][3] 
_struct_ncs_oper.matrix[2][1] 
_struct_ncs_oper.matrix[2][2] 
_struct_ncs_oper.matrix[2][3] 
_struct_ncs_oper.matrix[3][1] 
_struct_ncs_oper.matrix[3][2] 
_struct_ncs_oper.matrix[3][3] 
_struct_ncs_oper.vector[1] 
_struct_ncs_oper.vector[2] 
_struct_ncs_oper.vector[3] 
1 given ? -0.96486500 -0.25994446 0.03838167 -0.20034516 0.63326389 -0.74756273 0.17002253 -0.72897645 -0.66310189 5.40897 1.75687 3.77875 
2 given ? -0.96486500 -0.25994446 0.03838167 -0.20034516 0.63326389 -0.74756273 0.17002253 -0.72897645 -0.66310189 5.40897 1.75687 3.77875 
# 
loop_
_struct_ncs_dom.id 
_struct_ncs_dom.pdbx_ens_id 
_struct_ncs_dom.details 
1 1 ? 
2 2 ? 
# 
loop_
_struct_ncs_ens.id 
_struct_ncs_ens.details 
1 ? 
2 ? 
# 
_struct.entry_id                  1CMI 
_struct.title                     'STRUCTURE OF THE HUMAN PIN/LC8 DIMER WITH A BOUND PEPTIDE' 
_struct.pdbx_model_details        ? 
_struct.pdbx_CASP_flag            ? 
_struct.pdbx_model_type_details   ? 
# 
_struct_keywords.entry_id        1CMI 
_struct_keywords.pdbx_keywords   'OXIDOREDUCTASE/OXIDOREDUCTASE INHIBITOR' 
_struct_keywords.text            'PIN, LC8, NNOS, DYNEIN LIGHT CHAIN, OXIDOREDUCTASE-OXIDOREDUCTASE INHIBITOR complex' 
# 
loop_
_struct_asym.id 
_struct_asym.pdbx_blank_PDB_chainid_flag 
_struct_asym.pdbx_modified 
_struct_asym.entity_id 
_struct_asym.details 
A N N 1 ? 
B N N 1 ? 
C N N 2 ? 
D N N 2 ? 
E N N 3 ? 
F N N 3 ? 
G N N 3 ? 
H N N 3 ? 
# 
loop_
_struct_ref.id 
_struct_ref.db_name 
_struct_ref.db_code 
_struct_ref.pdbx_db_accession 
_struct_ref.pdbx_db_isoform 
_struct_ref.entity_id 
_struct_ref.pdbx_seq_one_letter_code 
_struct_ref.pdbx_align_begin 
1 UNP DYL1_HUMAN P63167 ? 1 
;KAVIKNADMSEEMQQDSVECATQALEKYNIEKDIAAHIKKEFDKKYNPTWHCIVGRNFGSYVTHETKHFIYFYLGQVAIL
LFKSG
;
5   
2 UNP NOS1_MOUSE Q9Z0J4 ? 2 KAEMKDTGIQVDR                                                                            225 
# 
loop_
_struct_ref_seq.align_id 
_struct_ref_seq.ref_id 
_struct_ref_seq.pdbx_PDB_id_code 
_struct_ref_seq.pdbx_strand_id 
_struct_ref_seq.seq_align_beg 
_struct_ref_seq.pdbx_seq_align_beg_ins_code 
_struct_ref_seq.seq_align_end 
_struct_ref_seq.pdbx_seq_align_end_ins_code 
_struct_ref_seq.pdbx_db_accession 
_struct_ref_seq.db_align_beg 
_struct_ref_seq.pdbx_db_align_beg_ins_code 
_struct_ref_seq.db_align_end 
_struct_ref_seq.pdbx_db_align_end_ins_code 
_struct_ref_seq.pdbx_auth_seq_align_beg 
_struct_ref_seq.pdbx_auth_seq_align_end 
1 1 1CMI A 1 ? 85 ? P63167 5   ? 89  ? 5 89 
2 1 1CMI B 1 ? 85 ? P63167 5   ? 89  ? 5 89 
3 2 1CMI C 1 ? 13 ? Q9Z0J4 225 ? 237 ? 1 13 
4 2 1CMI D 1 ? 13 ? Q9Z0J4 225 ? 237 ? 1 13 
# 
loop_
_pdbx_struct_assembly.id 
_pdbx_struct_assembly.details 
_pdbx_struct_assembly.method_details 
_pdbx_struct_assembly.oligomeric_details 
_pdbx_struct_assembly.oligomeric_count 
1 author_defined_assembly ? dimeric 2 
2 author_defined_assembly ? dimeric 2 
# 
loop_
_pdbx_struct_assembly_gen.assembly_id 
_pdbx_struct_assembly_gen.oper_expression 
_pdbx_struct_assembly_gen.asym_id_list 
1 1 A,C,E,G 
2 1 B,D,F,H 
# 
_pdbx_struct_oper_list.id                   1 
_pdbx_struct_oper_list.type                 'identity operation' 
_pdbx_struct_oper_list.name                 1_555 
_pdbx_struct_oper_list.symmetry_operation   x,y,z 
_pdbx_struct_oper_list.matrix[1][1]         1.0000000000 
_pdbx_struct_oper_list.matrix[1][2]         0.0000000000 
_pdbx_struct_oper_list.matrix[1][3]         0.0000000000 
_pdbx_struct_oper_list.vector[1]            0.0000000000 
_pdbx_struct_oper_list.matrix[2][1]         0.0000000000 
_pdbx_struct_oper_list.matrix[2][2]         1.0000000000 
_pdbx_struct_oper_list.matrix[2][3]         0.0000000000 
_pdbx_struct_oper_list.vector[2]            0.0000000000 
_pdbx_struct_oper_list.matrix[3][1]         0.0000000000 
_pdbx_struct_oper_list.matrix[3][2]         0.0000000000 
_pdbx_struct_oper_list.matrix[3][3]         1.0000000000 
_pdbx_struct_oper_list.vector[3]            0.0000000000 
# 
loop_
_struct_conf.conf_type_id 
_struct_conf.id 
_struct_conf.pdbx_PDB_helix_id 
_struct_conf.beg_label_comp_id 
_struct_conf.beg_label_asym_id 
_struct_conf.beg_label_seq_id 
_struct_conf.pdbx_beg_PDB_ins_code 
_struct_conf.end_label_comp_id 
_struct_conf.end_label_asym_id 
_struct_conf.end_label_seq_id 
_struct_conf.pdbx_end_PDB_ins_code 
_struct_conf.beg_auth_comp_id 
_struct_conf.beg_auth_asym_id 
_struct_conf.beg_auth_seq_id 
_struct_conf.end_auth_comp_id 
_struct_conf.end_auth_asym_id 
_struct_conf.end_auth_seq_id 
_struct_conf.pdbx_PDB_helix_class 
_struct_conf.details 
_struct_conf.pdbx_PDB_helix_length 
HELX_P HELX_P1 1 GLU A 11 ? LYS A 27 ? GLU A 15 LYS A 31 1 ? 17 
HELX_P HELX_P2 2 GLU A 31 ? TYR A 46 ? GLU A 35 TYR A 50 1 ? 16 
HELX_P HELX_P3 3 MET B 13 ? LYS B 27 ? MET B 17 LYS B 31 1 ? 15 
HELX_P HELX_P4 4 GLU B 31 ? TYR B 46 ? GLU B 35 TYR B 50 1 ? 16 
# 
_struct_conf_type.id          HELX_P 
_struct_conf_type.criteria    ? 
_struct_conf_type.reference   ? 
# 
loop_
_struct_mon_prot_cis.pdbx_id 
_struct_mon_prot_cis.label_comp_id 
_struct_mon_prot_cis.label_seq_id 
_struct_mon_prot_cis.label_asym_id 
_struct_mon_prot_cis.label_alt_id 
_struct_mon_prot_cis.pdbx_PDB_ins_code 
_struct_mon_prot_cis.auth_comp_id 
_struct_mon_prot_cis.auth_seq_id 
_struct_mon_prot_cis.auth_asym_id 
_struct_mon_prot_cis.pdbx_label_comp_id_2 
_struct_mon_prot_cis.pdbx_label_seq_id_2 
_struct_mon_prot_cis.pdbx_label_asym_id_2 
_struct_mon_prot_cis.pdbx_PDB_ins_code_2 
_struct_mon_prot_cis.pdbx_auth_comp_id_2 
_struct_mon_prot_cis.pdbx_auth_seq_id_2 
_struct_mon_prot_cis.pdbx_auth_asym_id_2 
_struct_mon_prot_cis.pdbx_PDB_model_num 
_struct_mon_prot_cis.pdbx_omega_angle 
1 PRO 48 A . ? PRO 52 A THR 49 A ? THR 53 A 1 -0.31 
2 PRO 48 B . ? PRO 52 B THR 49 B ? THR 53 B 1 -0.26 
# 
loop_
_struct_sheet.id 
_struct_sheet.type 
_struct_sheet.number_strands 
_struct_sheet.details 
A ? 4 ? 
B ? 4 ? 
# 
loop_
_struct_sheet_order.sheet_id 
_struct_sheet_order.range_id_1 
_struct_sheet_order.range_id_2 
_struct_sheet_order.offset 
_struct_sheet_order.sense 
A 1 2 ? anti-parallel 
A 2 3 ? anti-parallel 
A 3 4 ? anti-parallel 
B 1 2 ? anti-parallel 
B 2 3 ? anti-parallel 
B 3 4 ? anti-parallel 
# 
loop_
_struct_sheet_range.sheet_id 
_struct_sheet_range.id 
_struct_sheet_range.beg_label_comp_id 
_struct_sheet_range.beg_label_asym_id 
_struct_sheet_range.beg_label_seq_id 
_struct_sheet_range.pdbx_beg_PDB_ins_code 
_struct_sheet_range.end_label_comp_id 
_struct_sheet_range.end_label_asym_id 
_struct_sheet_range.end_label_seq_id 
_struct_sheet_range.pdbx_end_PDB_ins_code 
_struct_sheet_range.beg_auth_comp_id 
_struct_sheet_range.beg_auth_asym_id 
_struct_sheet_range.beg_auth_seq_id 
_struct_sheet_range.end_auth_comp_id 
_struct_sheet_range.end_auth_asym_id 
_struct_sheet_range.end_auth_seq_id 
A 1 TRP A 50 ? GLY A 55 ? TRP A 54 GLY A 59 
A 2 VAL A 77 ? LYS A 83 ? VAL A 81 LYS A 87 
A 3 PHE A 69 ? LEU A 74 ? PHE A 73 LEU A 78 
A 4 VAL A 3  ? ALA A 7  ? VAL A 7  ALA A 11 
B 1 TRP B 50 ? GLY B 55 ? TRP B 54 GLY B 59 
B 2 VAL B 77 ? LYS B 83 ? VAL B 81 LYS B 87 
B 3 PHE B 69 ? LEU B 74 ? PHE B 73 LEU B 78 
B 4 ALA B 2  ? ALA B 7  ? ALA B 6  ALA B 11 
# 
loop_
_pdbx_struct_sheet_hbond.sheet_id 
_pdbx_struct_sheet_hbond.range_id_1 
_pdbx_struct_sheet_hbond.range_id_2 
_pdbx_struct_sheet_hbond.range_1_label_atom_id 
_pdbx_struct_sheet_hbond.range_1_label_comp_id 
_pdbx_struct_sheet_hbond.range_1_label_asym_id 
_pdbx_struct_sheet_hbond.range_1_label_seq_id 
_pdbx_struct_sheet_hbond.range_1_PDB_ins_code 
_pdbx_struct_sheet_hbond.range_1_auth_atom_id 
_pdbx_struct_sheet_hbond.range_1_auth_comp_id 
_pdbx_struct_sheet_hbond.range_1_auth_asym_id 
_pdbx_struct_sheet_hbond.range_1_auth_seq_id 
_pdbx_struct_sheet_hbond.range_2_label_atom_id 
_pdbx_struct_sheet_hbond.range_2_label_comp_id 
_pdbx_struct_sheet_hbond.range_2_label_asym_id 
_pdbx_struct_sheet_hbond.range_2_label_seq_id 
_pdbx_struct_sheet_hbond.range_2_PDB_ins_code 
_pdbx_struct_sheet_hbond.range_2_auth_atom_id 
_pdbx_struct_sheet_hbond.range_2_auth_comp_id 
_pdbx_struct_sheet_hbond.range_2_auth_asym_id 
_pdbx_struct_sheet_hbond.range_2_auth_seq_id 
A 1 2 O HIS A 51 ? O HIS A 55 N PHE A 82 ? N PHE A 86 
A 2 3 O VAL A 77 ? O VAL A 81 N LEU A 74 ? N LEU A 78 
A 3 4 O TYR A 71 ? O TYR A 75 N ASN A 6  ? N ASN A 10 
B 1 2 O HIS B 51 ? O HIS B 55 N PHE B 82 ? N PHE B 86 
B 2 3 O VAL B 77 ? O VAL B 81 N LEU B 74 ? N LEU B 78 
B 3 4 O TYR B 71 ? O TYR B 75 N ASN B 6  ? N ASN B 10 
# 
loop_
_pdbx_validate_torsion.id 
_pdbx_validate_torsion.PDB_model_num 
_pdbx_validate_torsion.auth_comp_id 
_pdbx_validate_torsion.auth_asym_id 
_pdbx_validate_torsion.auth_seq_id 
_pdbx_validate_torsion.PDB_ins_code 
_pdbx_validate_torsion.label_alt_id 
_pdbx_validate_torsion.phi 
_pdbx_validate_torsion.psi 
1  1 ASN A 10 ? ? -165.90 102.59 
2  1 ASN A 51 ? ? 67.50   148.53 
3  1 GLU B 15 ? ? -55.11  -9.08  
4  1 ASN B 51 ? ? 63.31   151.87 
5  1 LYS B 71 ? ? 72.20   -0.86  
6  1 LEU B 78 ? ? -169.31 112.67 
7  1 SER B 88 ? ? -96.79  -89.60 
8  1 GLU C 3  ? ? 76.11   76.61  
9  1 ASP C 12 ? ? -140.81 49.56  
10 1 GLU D 3  ? ? 113.63  96.50  
# 
loop_
_pdbx_unobs_or_zero_occ_residues.id 
_pdbx_unobs_or_zero_occ_residues.PDB_model_num 
_pdbx_unobs_or_zero_occ_residues.polymer_flag 
_pdbx_unobs_or_zero_occ_residues.occupancy_flag 
_pdbx_unobs_or_zero_occ_residues.auth_asym_id 
_pdbx_unobs_or_zero_occ_residues.auth_comp_id 
_pdbx_unobs_or_zero_occ_residues.auth_seq_id 
_pdbx_unobs_or_zero_occ_residues.PDB_ins_code 
_pdbx_unobs_or_zero_occ_residues.label_asym_id 
_pdbx_unobs_or_zero_occ_residues.label_comp_id 
_pdbx_unobs_or_zero_occ_residues.label_seq_id 
1 1 Y 1 C LYS 1 ? C LYS 1 
2 1 Y 1 D LYS 1 ? D LYS 1 
# 
loop_
_chem_comp_atom.comp_id 
_chem_comp_atom.atom_id 
_chem_comp_atom.type_symbol 
_chem_comp_atom.pdbx_aromatic_flag 
_chem_comp_atom.pdbx_stereo_config 
_chem_comp_atom.pdbx_ordinal 
ALA N    N N N 1   
ALA CA   C N S 2   
ALA C    C N N 3   
ALA O    O N N 4   
ALA CB   C N N 5   
ALA OXT  O N N 6   
ALA H    H N N 7   
ALA H2   H N N 8   
ALA HA   H N N 9   
ALA HB1  H N N 10  
ALA HB2  H N N 11  
ALA HB3  H N N 12  
ALA HXT  H N N 13  
ARG N    N N N 14  
ARG CA   C N S 15  
ARG C    C N N 16  
ARG O    O N N 17  
ARG CB   C N N 18  
ARG CG   C N N 19  
ARG CD   C N N 20  
ARG NE   N N N 21  
ARG CZ   C N N 22  
ARG NH1  N N N 23  
ARG NH2  N N N 24  
ARG OXT  O N N 25  
ARG H    H N N 26  
ARG H2   H N N 27  
ARG HA   H N N 28  
ARG HB2  H N N 29  
ARG HB3  H N N 30  
ARG HG2  H N N 31  
ARG HG3  H N N 32  
ARG HD2  H N N 33  
ARG HD3  H N N 34  
ARG HE   H N N 35  
ARG HH11 H N N 36  
ARG HH12 H N N 37  
ARG HH21 H N N 38  
ARG HH22 H N N 39  
ARG HXT  H N N 40  
ASN N    N N N 41  
ASN CA   C N S 42  
ASN C    C N N 43  
ASN O    O N N 44  
ASN CB   C N N 45  
ASN CG   C N N 46  
ASN OD1  O N N 47  
ASN ND2  N N N 48  
ASN OXT  O N N 49  
ASN H    H N N 50  
ASN H2   H N N 51  
ASN HA   H N N 52  
ASN HB2  H N N 53  
ASN HB3  H N N 54  
ASN HD21 H N N 55  
ASN HD22 H N N 56  
ASN HXT  H N N 57  
ASP N    N N N 58  
ASP CA   C N S 59  
ASP C    C N N 60  
ASP O    O N N 61  
ASP CB   C N N 62  
ASP CG   C N N 63  
ASP OD1  O N N 64  
ASP OD2  O N N 65  
ASP OXT  O N N 66  
ASP H    H N N 67  
ASP H2   H N N 68  
ASP HA   H N N 69  
ASP HB2  H N N 70  
ASP HB3  H N N 71  
ASP HD2  H N N 72  
ASP HXT  H N N 73  
CYS N    N N N 74  
CYS CA   C N R 75  
CYS C    C N N 76  
CYS O    O N N 77  
CYS CB   C N N 78  
CYS SG   S N N 79  
CYS OXT  O N N 80  
CYS H    H N N 81  
CYS H2   H N N 82  
CYS HA   H N N 83  
CYS HB2  H N N 84  
CYS HB3  H N N 85  
CYS HG   H N N 86  
CYS HXT  H N N 87  
GLN N    N N N 88  
GLN CA   C N S 89  
GLN C    C N N 90  
GLN O    O N N 91  
GLN CB   C N N 92  
GLN CG   C N N 93  
GLN CD   C N N 94  
GLN OE1  O N N 95  
GLN NE2  N N N 96  
GLN OXT  O N N 97  
GLN H    H N N 98  
GLN H2   H N N 99  
GLN HA   H N N 100 
GLN HB2  H N N 101 
GLN HB3  H N N 102 
GLN HG2  H N N 103 
GLN HG3  H N N 104 
GLN HE21 H N N 105 
GLN HE22 H N N 106 
GLN HXT  H N N 107 
GLU N    N N N 108 
GLU CA   C N S 109 
GLU C    C N N 110 
GLU O    O N N 111 
GLU CB   C N N 112 
GLU CG   C N N 113 
GLU CD   C N N 114 
GLU OE1  O N N 115 
GLU OE2  O N N 116 
GLU OXT  O N N 117 
GLU H    H N N 118 
GLU H2   H N N 119 
GLU HA   H N N 120 
GLU HB2  H N N 121 
GLU HB3  H N N 122 
GLU HG2  H N N 123 
GLU HG3  H N N 124 
GLU HE2  H N N 125 
GLU HXT  H N N 126 
GLY N    N N N 127 
GLY CA   C N N 128 
GLY C    C N N 129 
GLY O    O N N 130 
GLY OXT  O N N 131 
GLY H    H N N 132 
GLY H2   H N N 133 
GLY HA2  H N N 134 
GLY HA3  H N N 135 
GLY HXT  H N N 136 
HIS N    N N N 137 
HIS CA   C N S 138 
HIS C    C N N 139 
HIS O    O N N 140 
HIS CB   C N N 141 
HIS CG   C Y N 142 
HIS ND1  N Y N 143 
HIS CD2  C Y N 144 
HIS CE1  C Y N 145 
HIS NE2  N Y N 146 
HIS OXT  O N N 147 
HIS H    H N N 148 
HIS H2   H N N 149 
HIS HA   H N N 150 
HIS HB2  H N N 151 
HIS HB3  H N N 152 
HIS HD1  H N N 153 
HIS HD2  H N N 154 
HIS HE1  H N N 155 
HIS HE2  H N N 156 
HIS HXT  H N N 157 
HOH O    O N N 158 
HOH H1   H N N 159 
HOH H2   H N N 160 
ILE N    N N N 161 
ILE CA   C N S 162 
ILE C    C N N 163 
ILE O    O N N 164 
ILE CB   C N S 165 
ILE CG1  C N N 166 
ILE CG2  C N N 167 
ILE CD1  C N N 168 
ILE OXT  O N N 169 
ILE H    H N N 170 
ILE H2   H N N 171 
ILE HA   H N N 172 
ILE HB   H N N 173 
ILE HG12 H N N 174 
ILE HG13 H N N 175 
ILE HG21 H N N 176 
ILE HG22 H N N 177 
ILE HG23 H N N 178 
ILE HD11 H N N 179 
ILE HD12 H N N 180 
ILE HD13 H N N 181 
ILE HXT  H N N 182 
LEU N    N N N 183 
LEU CA   C N S 184 
LEU C    C N N 185 
LEU O    O N N 186 
LEU CB   C N N 187 
LEU CG   C N N 188 
LEU CD1  C N N 189 
LEU CD2  C N N 190 
LEU OXT  O N N 191 
LEU H    H N N 192 
LEU H2   H N N 193 
LEU HA   H N N 194 
LEU HB2  H N N 195 
LEU HB3  H N N 196 
LEU HG   H N N 197 
LEU HD11 H N N 198 
LEU HD12 H N N 199 
LEU HD13 H N N 200 
LEU HD21 H N N 201 
LEU HD22 H N N 202 
LEU HD23 H N N 203 
LEU HXT  H N N 204 
LYS N    N N N 205 
LYS CA   C N S 206 
LYS C    C N N 207 
LYS O    O N N 208 
LYS CB   C N N 209 
LYS CG   C N N 210 
LYS CD   C N N 211 
LYS CE   C N N 212 
LYS NZ   N N N 213 
LYS OXT  O N N 214 
LYS H    H N N 215 
LYS H2   H N N 216 
LYS HA   H N N 217 
LYS HB2  H N N 218 
LYS HB3  H N N 219 
LYS HG2  H N N 220 
LYS HG3  H N N 221 
LYS HD2  H N N 222 
LYS HD3  H N N 223 
LYS HE2  H N N 224 
LYS HE3  H N N 225 
LYS HZ1  H N N 226 
LYS HZ2  H N N 227 
LYS HZ3  H N N 228 
LYS HXT  H N N 229 
MET N    N N N 230 
MET CA   C N S 231 
MET C    C N N 232 
MET O    O N N 233 
MET CB   C N N 234 
MET CG   C N N 235 
MET SD   S N N 236 
MET CE   C N N 237 
MET OXT  O N N 238 
MET H    H N N 239 
MET H2   H N N 240 
MET HA   H N N 241 
MET HB2  H N N 242 
MET HB3  H N N 243 
MET HG2  H N N 244 
MET HG3  H N N 245 
MET HE1  H N N 246 
MET HE2  H N N 247 
MET HE3  H N N 248 
MET HXT  H N N 249 
PHE N    N N N 250 
PHE CA   C N S 251 
PHE C    C N N 252 
PHE O    O N N 253 
PHE CB   C N N 254 
PHE CG   C Y N 255 
PHE CD1  C Y N 256 
PHE CD2  C Y N 257 
PHE CE1  C Y N 258 
PHE CE2  C Y N 259 
PHE CZ   C Y N 260 
PHE OXT  O N N 261 
PHE H    H N N 262 
PHE H2   H N N 263 
PHE HA   H N N 264 
PHE HB2  H N N 265 
PHE HB3  H N N 266 
PHE HD1  H N N 267 
PHE HD2  H N N 268 
PHE HE1  H N N 269 
PHE HE2  H N N 270 
PHE HZ   H N N 271 
PHE HXT  H N N 272 
PRO N    N N N 273 
PRO CA   C N S 274 
PRO C    C N N 275 
PRO O    O N N 276 
PRO CB   C N N 277 
PRO CG   C N N 278 
PRO CD   C N N 279 
PRO OXT  O N N 280 
PRO H    H N N 281 
PRO HA   H N N 282 
PRO HB2  H N N 283 
PRO HB3  H N N 284 
PRO HG2  H N N 285 
PRO HG3  H N N 286 
PRO HD2  H N N 287 
PRO HD3  H N N 288 
PRO HXT  H N N 289 
SER N    N N N 290 
SER CA   C N S 291 
SER C    C N N 292 
SER O    O N N 293 
SER CB   C N N 294 
SER OG   O N N 295 
SER OXT  O N N 296 
SER H    H N N 297 
SER H2   H N N 298 
SER HA   H N N 299 
SER HB2  H N N 300 
SER HB3  H N N 301 
SER HG   H N N 302 
SER HXT  H N N 303 
THR N    N N N 304 
THR CA   C N S 305 
THR C    C N N 306 
THR O    O N N 307 
THR CB   C N R 308 
THR OG1  O N N 309 
THR CG2  C N N 310 
THR OXT  O N N 311 
THR H    H N N 312 
THR H2   H N N 313 
THR HA   H N N 314 
THR HB   H N N 315 
THR HG1  H N N 316 
THR HG21 H N N 317 
THR HG22 H N N 318 
THR HG23 H N N 319 
THR HXT  H N N 320 
TRP N    N N N 321 
TRP CA   C N S 322 
TRP C    C N N 323 
TRP O    O N N 324 
TRP CB   C N N 325 
TRP CG   C Y N 326 
TRP CD1  C Y N 327 
TRP CD2  C Y N 328 
TRP NE1  N Y N 329 
TRP CE2  C Y N 330 
TRP CE3  C Y N 331 
TRP CZ2  C Y N 332 
TRP CZ3  C Y N 333 
TRP CH2  C Y N 334 
TRP OXT  O N N 335 
TRP H    H N N 336 
TRP H2   H N N 337 
TRP HA   H N N 338 
TRP HB2  H N N 339 
TRP HB3  H N N 340 
TRP HD1  H N N 341 
TRP HE1  H N N 342 
TRP HE3  H N N 343 
TRP HZ2  H N N 344 
TRP HZ3  H N N 345 
TRP HH2  H N N 346 
TRP HXT  H N N 347 
TYR N    N N N 348 
TYR CA   C N S 349 
TYR C    C N N 350 
TYR O    O N N 351 
TYR CB   C N N 352 
TYR CG   C Y N 353 
TYR CD1  C Y N 354 
TYR CD2  C Y N 355 
TYR CE1  C Y N 356 
TYR CE2  C Y N 357 
TYR CZ   C Y N 358 
TYR OH   O N N 359 
TYR OXT  O N N 360 
TYR H    H N N 361 
TYR H2   H N N 362 
TYR HA   H N N 363 
TYR HB2  H N N 364 
TYR HB3  H N N 365 
TYR HD1  H N N 366 
TYR HD2  H N N 367 
TYR HE1  H N N 368 
TYR HE2  H N N 369 
TYR HH   H N N 370 
TYR HXT  H N N 371 
VAL N    N N N 372 
VAL CA   C N S 373 
VAL C    C N N 374 
VAL O    O N N 375 
VAL CB   C N N 376 
VAL CG1  C N N 377 
VAL CG2  C N N 378 
VAL OXT  O N N 379 
VAL H    H N N 380 
VAL H2   H N N 381 
VAL HA   H N N 382 
VAL HB   H N N 383 
VAL HG11 H N N 384 
VAL HG12 H N N 385 
VAL HG13 H N N 386 
VAL HG21 H N N 387 
VAL HG22 H N N 388 
VAL HG23 H N N 389 
VAL HXT  H N N 390 
# 
loop_
_chem_comp_bond.comp_id 
_chem_comp_bond.atom_id_1 
_chem_comp_bond.atom_id_2 
_chem_comp_bond.value_order 
_chem_comp_bond.pdbx_aromatic_flag 
_chem_comp_bond.pdbx_stereo_config 
_chem_comp_bond.pdbx_ordinal 
ALA N   CA   sing N N 1   
ALA N   H    sing N N 2   
ALA N   H2   sing N N 3   
ALA CA  C    sing N N 4   
ALA CA  CB   sing N N 5   
ALA CA  HA   sing N N 6   
ALA C   O    doub N N 7   
ALA C   OXT  sing N N 8   
ALA CB  HB1  sing N N 9   
ALA CB  HB2  sing N N 10  
ALA CB  HB3  sing N N 11  
ALA OXT HXT  sing N N 12  
ARG N   CA   sing N N 13  
ARG N   H    sing N N 14  
ARG N   H2   sing N N 15  
ARG CA  C    sing N N 16  
ARG CA  CB   sing N N 17  
ARG CA  HA   sing N N 18  
ARG C   O    doub N N 19  
ARG C   OXT  sing N N 20  
ARG CB  CG   sing N N 21  
ARG CB  HB2  sing N N 22  
ARG CB  HB3  sing N N 23  
ARG CG  CD   sing N N 24  
ARG CG  HG2  sing N N 25  
ARG CG  HG3  sing N N 26  
ARG CD  NE   sing N N 27  
ARG CD  HD2  sing N N 28  
ARG CD  HD3  sing N N 29  
ARG NE  CZ   sing N N 30  
ARG NE  HE   sing N N 31  
ARG CZ  NH1  sing N N 32  
ARG CZ  NH2  doub N N 33  
ARG NH1 HH11 sing N N 34  
ARG NH1 HH12 sing N N 35  
ARG NH2 HH21 sing N N 36  
ARG NH2 HH22 sing N N 37  
ARG OXT HXT  sing N N 38  
ASN N   CA   sing N N 39  
ASN N   H    sing N N 40  
ASN N   H2   sing N N 41  
ASN CA  C    sing N N 42  
ASN CA  CB   sing N N 43  
ASN CA  HA   sing N N 44  
ASN C   O    doub N N 45  
ASN C   OXT  sing N N 46  
ASN CB  CG   sing N N 47  
ASN CB  HB2  sing N N 48  
ASN CB  HB3  sing N N 49  
ASN CG  OD1  doub N N 50  
ASN CG  ND2  sing N N 51  
ASN ND2 HD21 sing N N 52  
ASN ND2 HD22 sing N N 53  
ASN OXT HXT  sing N N 54  
ASP N   CA   sing N N 55  
ASP N   H    sing N N 56  
ASP N   H2   sing N N 57  
ASP CA  C    sing N N 58  
ASP CA  CB   sing N N 59  
ASP CA  HA   sing N N 60  
ASP C   O    doub N N 61  
ASP C   OXT  sing N N 62  
ASP CB  CG   sing N N 63  
ASP CB  HB2  sing N N 64  
ASP CB  HB3  sing N N 65  
ASP CG  OD1  doub N N 66  
ASP CG  OD2  sing N N 67  
ASP OD2 HD2  sing N N 68  
ASP OXT HXT  sing N N 69  
CYS N   CA   sing N N 70  
CYS N   H    sing N N 71  
CYS N   H2   sing N N 72  
CYS CA  C    sing N N 73  
CYS CA  CB   sing N N 74  
CYS CA  HA   sing N N 75  
CYS C   O    doub N N 76  
CYS C   OXT  sing N N 77  
CYS CB  SG   sing N N 78  
CYS CB  HB2  sing N N 79  
CYS CB  HB3  sing N N 80  
CYS SG  HG   sing N N 81  
CYS OXT HXT  sing N N 82  
GLN N   CA   sing N N 83  
GLN N   H    sing N N 84  
GLN N   H2   sing N N 85  
GLN CA  C    sing N N 86  
GLN CA  CB   sing N N 87  
GLN CA  HA   sing N N 88  
GLN C   O    doub N N 89  
GLN C   OXT  sing N N 90  
GLN CB  CG   sing N N 91  
GLN CB  HB2  sing N N 92  
GLN CB  HB3  sing N N 93  
GLN CG  CD   sing N N 94  
GLN CG  HG2  sing N N 95  
GLN CG  HG3  sing N N 96  
GLN CD  OE1  doub N N 97  
GLN CD  NE2  sing N N 98  
GLN NE2 HE21 sing N N 99  
GLN NE2 HE22 sing N N 100 
GLN OXT HXT  sing N N 101 
GLU N   CA   sing N N 102 
GLU N   H    sing N N 103 
GLU N   H2   sing N N 104 
GLU CA  C    sing N N 105 
GLU CA  CB   sing N N 106 
GLU CA  HA   sing N N 107 
GLU C   O    doub N N 108 
GLU C   OXT  sing N N 109 
GLU CB  CG   sing N N 110 
GLU CB  HB2  sing N N 111 
GLU CB  HB3  sing N N 112 
GLU CG  CD   sing N N 113 
GLU CG  HG2  sing N N 114 
GLU CG  HG3  sing N N 115 
GLU CD  OE1  doub N N 116 
GLU CD  OE2  sing N N 117 
GLU OE2 HE2  sing N N 118 
GLU OXT HXT  sing N N 119 
GLY N   CA   sing N N 120 
GLY N   H    sing N N 121 
GLY N   H2   sing N N 122 
GLY CA  C    sing N N 123 
GLY CA  HA2  sing N N 124 
GLY CA  HA3  sing N N 125 
GLY C   O    doub N N 126 
GLY C   OXT  sing N N 127 
GLY OXT HXT  sing N N 128 
HIS N   CA   sing N N 129 
HIS N   H    sing N N 130 
HIS N   H2   sing N N 131 
HIS CA  C    sing N N 132 
HIS CA  CB   sing N N 133 
HIS CA  HA   sing N N 134 
HIS C   O    doub N N 135 
HIS C   OXT  sing N N 136 
HIS CB  CG   sing N N 137 
HIS CB  HB2  sing N N 138 
HIS CB  HB3  sing N N 139 
HIS CG  ND1  sing Y N 140 
HIS CG  CD2  doub Y N 141 
HIS ND1 CE1  doub Y N 142 
HIS ND1 HD1  sing N N 143 
HIS CD2 NE2  sing Y N 144 
HIS CD2 HD2  sing N N 145 
HIS CE1 NE2  sing Y N 146 
HIS CE1 HE1  sing N N 147 
HIS NE2 HE2  sing N N 148 
HIS OXT HXT  sing N N 149 
HOH O   H1   sing N N 150 
HOH O   H2   sing N N 151 
ILE N   CA   sing N N 152 
ILE N   H    sing N N 153 
ILE N   H2   sing N N 154 
ILE CA  C    sing N N 155 
ILE CA  CB   sing N N 156 
ILE CA  HA   sing N N 157 
ILE C   O    doub N N 158 
ILE C   OXT  sing N N 159 
ILE CB  CG1  sing N N 160 
ILE CB  CG2  sing N N 161 
ILE CB  HB   sing N N 162 
ILE CG1 CD1  sing N N 163 
ILE CG1 HG12 sing N N 164 
ILE CG1 HG13 sing N N 165 
ILE CG2 HG21 sing N N 166 
ILE CG2 HG22 sing N N 167 
ILE CG2 HG23 sing N N 168 
ILE CD1 HD11 sing N N 169 
ILE CD1 HD12 sing N N 170 
ILE CD1 HD13 sing N N 171 
ILE OXT HXT  sing N N 172 
LEU N   CA   sing N N 173 
LEU N   H    sing N N 174 
LEU N   H2   sing N N 175 
LEU CA  C    sing N N 176 
LEU CA  CB   sing N N 177 
LEU CA  HA   sing N N 178 
LEU C   O    doub N N 179 
LEU C   OXT  sing N N 180 
LEU CB  CG   sing N N 181 
LEU CB  HB2  sing N N 182 
LEU CB  HB3  sing N N 183 
LEU CG  CD1  sing N N 184 
LEU CG  CD2  sing N N 185 
LEU CG  HG   sing N N 186 
LEU CD1 HD11 sing N N 187 
LEU CD1 HD12 sing N N 188 
LEU CD1 HD13 sing N N 189 
LEU CD2 HD21 sing N N 190 
LEU CD2 HD22 sing N N 191 
LEU CD2 HD23 sing N N 192 
LEU OXT HXT  sing N N 193 
LYS N   CA   sing N N 194 
LYS N   H    sing N N 195 
LYS N   H2   sing N N 196 
LYS CA  C    sing N N 197 
LYS CA  CB   sing N N 198 
LYS CA  HA   sing N N 199 
LYS C   O    doub N N 200 
LYS C   OXT  sing N N 201 
LYS CB  CG   sing N N 202 
LYS CB  HB2  sing N N 203 
LYS CB  HB3  sing N N 204 
LYS CG  CD   sing N N 205 
LYS CG  HG2  sing N N 206 
LYS CG  HG3  sing N N 207 
LYS CD  CE   sing N N 208 
LYS CD  HD2  sing N N 209 
LYS CD  HD3  sing N N 210 
LYS CE  NZ   sing N N 211 
LYS CE  HE2  sing N N 212 
LYS CE  HE3  sing N N 213 
LYS NZ  HZ1  sing N N 214 
LYS NZ  HZ2  sing N N 215 
LYS NZ  HZ3  sing N N 216 
LYS OXT HXT  sing N N 217 
MET N   CA   sing N N 218 
MET N   H    sing N N 219 
MET N   H2   sing N N 220 
MET CA  C    sing N N 221 
MET CA  CB   sing N N 222 
MET CA  HA   sing N N 223 
MET C   O    doub N N 224 
MET C   OXT  sing N N 225 
MET CB  CG   sing N N 226 
MET CB  HB2  sing N N 227 
MET CB  HB3  sing N N 228 
MET CG  SD   sing N N 229 
MET CG  HG2  sing N N 230 
MET CG  HG3  sing N N 231 
MET SD  CE   sing N N 232 
MET CE  HE1  sing N N 233 
MET CE  HE2  sing N N 234 
MET CE  HE3  sing N N 235 
MET OXT HXT  sing N N 236 
PHE N   CA   sing N N 237 
PHE N   H    sing N N 238 
PHE N   H2   sing N N 239 
PHE CA  C    sing N N 240 
PHE CA  CB   sing N N 241 
PHE CA  HA   sing N N 242 
PHE C   O    doub N N 243 
PHE C   OXT  sing N N 244 
PHE CB  CG   sing N N 245 
PHE CB  HB2  sing N N 246 
PHE CB  HB3  sing N N 247 
PHE CG  CD1  doub Y N 248 
PHE CG  CD2  sing Y N 249 
PHE CD1 CE1  sing Y N 250 
PHE CD1 HD1  sing N N 251 
PHE CD2 CE2  doub Y N 252 
PHE CD2 HD2  sing N N 253 
PHE CE1 CZ   doub Y N 254 
PHE CE1 HE1  sing N N 255 
PHE CE2 CZ   sing Y N 256 
PHE CE2 HE2  sing N N 257 
PHE CZ  HZ   sing N N 258 
PHE OXT HXT  sing N N 259 
PRO N   CA   sing N N 260 
PRO N   CD   sing N N 261 
PRO N   H    sing N N 262 
PRO CA  C    sing N N 263 
PRO CA  CB   sing N N 264 
PRO CA  HA   sing N N 265 
PRO C   O    doub N N 266 
PRO C   OXT  sing N N 267 
PRO CB  CG   sing N N 268 
PRO CB  HB2  sing N N 269 
PRO CB  HB3  sing N N 270 
PRO CG  CD   sing N N 271 
PRO CG  HG2  sing N N 272 
PRO CG  HG3  sing N N 273 
PRO CD  HD2  sing N N 274 
PRO CD  HD3  sing N N 275 
PRO OXT HXT  sing N N 276 
SER N   CA   sing N N 277 
SER N   H    sing N N 278 
SER N   H2   sing N N 279 
SER CA  C    sing N N 280 
SER CA  CB   sing N N 281 
SER CA  HA   sing N N 282 
SER C   O    doub N N 283 
SER C   OXT  sing N N 284 
SER CB  OG   sing N N 285 
SER CB  HB2  sing N N 286 
SER CB  HB3  sing N N 287 
SER OG  HG   sing N N 288 
SER OXT HXT  sing N N 289 
THR N   CA   sing N N 290 
THR N   H    sing N N 291 
THR N   H2   sing N N 292 
THR CA  C    sing N N 293 
THR CA  CB   sing N N 294 
THR CA  HA   sing N N 295 
THR C   O    doub N N 296 
THR C   OXT  sing N N 297 
THR CB  OG1  sing N N 298 
THR CB  CG2  sing N N 299 
THR CB  HB   sing N N 300 
THR OG1 HG1  sing N N 301 
THR CG2 HG21 sing N N 302 
THR CG2 HG22 sing N N 303 
THR CG2 HG23 sing N N 304 
THR OXT HXT  sing N N 305 
TRP N   CA   sing N N 306 
TRP N   H    sing N N 307 
TRP N   H2   sing N N 308 
TRP CA  C    sing N N 309 
TRP CA  CB   sing N N 310 
TRP CA  HA   sing N N 311 
TRP C   O    doub N N 312 
TRP C   OXT  sing N N 313 
TRP CB  CG   sing N N 314 
TRP CB  HB2  sing N N 315 
TRP CB  HB3  sing N N 316 
TRP CG  CD1  doub Y N 317 
TRP CG  CD2  sing Y N 318 
TRP CD1 NE1  sing Y N 319 
TRP CD1 HD1  sing N N 320 
TRP CD2 CE2  doub Y N 321 
TRP CD2 CE3  sing Y N 322 
TRP NE1 CE2  sing Y N 323 
TRP NE1 HE1  sing N N 324 
TRP CE2 CZ2  sing Y N 325 
TRP CE3 CZ3  doub Y N 326 
TRP CE3 HE3  sing N N 327 
TRP CZ2 CH2  doub Y N 328 
TRP CZ2 HZ2  sing N N 329 
TRP CZ3 CH2  sing Y N 330 
TRP CZ3 HZ3  sing N N 331 
TRP CH2 HH2  sing N N 332 
TRP OXT HXT  sing N N 333 
TYR N   CA   sing N N 334 
TYR N   H    sing N N 335 
TYR N   H2   sing N N 336 
TYR CA  C    sing N N 337 
TYR CA  CB   sing N N 338 
TYR CA  HA   sing N N 339 
TYR C   O    doub N N 340 
TYR C   OXT  sing N N 341 
TYR CB  CG   sing N N 342 
TYR CB  HB2  sing N N 343 
TYR CB  HB3  sing N N 344 
TYR CG  CD1  doub Y N 345 
TYR CG  CD2  sing Y N 346 
TYR CD1 CE1  sing Y N 347 
TYR CD1 HD1  sing N N 348 
TYR CD2 CE2  doub Y N 349 
TYR CD2 HD2  sing N N 350 
TYR CE1 CZ   doub Y N 351 
TYR CE1 HE1  sing N N 352 
TYR CE2 CZ   sing Y N 353 
TYR CE2 HE2  sing N N 354 
TYR CZ  OH   sing N N 355 
TYR OH  HH   sing N N 356 
TYR OXT HXT  sing N N 357 
VAL N   CA   sing N N 358 
VAL N   H    sing N N 359 
VAL N   H2   sing N N 360 
VAL CA  C    sing N N 361 
VAL CA  CB   sing N N 362 
VAL CA  HA   sing N N 363 
VAL C   O    doub N N 364 
VAL C   OXT  sing N N 365 
VAL CB  CG1  sing N N 366 
VAL CB  CG2  sing N N 367 
VAL CB  HB   sing N N 368 
VAL CG1 HG11 sing N N 369 
VAL CG1 HG12 sing N N 370 
VAL CG1 HG13 sing N N 371 
VAL CG2 HG21 sing N N 372 
VAL CG2 HG22 sing N N 373 
VAL CG2 HG23 sing N N 374 
VAL OXT HXT  sing N N 375 
# 
_atom_sites.entry_id                    1CMI 
_atom_sites.fract_transf_matrix[1][1]   0.00205775 
_atom_sites.fract_transf_matrix[1][2]   0.01118685 
_atom_sites.fract_transf_matrix[1][3]   -0.00959501 
_atom_sites.fract_transf_matrix[2][1]   0.00946050 
_atom_sites.fract_transf_matrix[2][2]   -0.00843124 
_atom_sites.fract_transf_matrix[2][3]   -0.00780110 
_atom_sites.fract_transf_matrix[3][1]   -0.00349938 
_atom_sites.fract_transf_matrix[3][2]   -0.00155486 
_atom_sites.fract_transf_matrix[3][3]   -0.00256329 
_atom_sites.fract_transf_vector[1]      0.754504 
_atom_sites.fract_transf_vector[2]      0.530864 
_atom_sites.fract_transf_vector[3]      0.062262 
# 
loop_
_atom_type.symbol 
C 
N 
O 
S 
# 
loop_
_atom_site.group_PDB 
_atom_site.id 
_atom_site.type_symbol 
_atom_site.label_atom_id 
_atom_site.label_alt_id 
_atom_site.label_comp_id 
_atom_site.label_asym_id 
_atom_site.label_entity_id 
_atom_site.label_seq_id 
_atom_site.pdbx_PDB_ins_code 
_atom_site.Cartn_x 
_atom_site.Cartn_y 
_atom_site.Cartn_z 
_atom_site.occupancy 
_atom_site.B_iso_or_equiv 
_atom_site.pdbx_formal_charge 
_atom_site.auth_seq_id 
_atom_site.auth_comp_id 
_atom_site.auth_asym_id 
_atom_site.auth_atom_id 
_atom_site.pdbx_PDB_model_num 
ATOM   1    N N   . LYS A 1 1  ? -13.228 -8.516  12.619  1.00 73.74  ? 5  LYS A N   1 
ATOM   2    C CA  . LYS A 1 1  ? -13.771 -8.453  14.009  1.00 75.20  ? 5  LYS A CA  1 
ATOM   3    C C   . LYS A 1 1  ? -13.309 -7.201  14.749  1.00 72.57  ? 5  LYS A C   1 
ATOM   4    O O   . LYS A 1 1  ? -12.386 -7.257  15.564  1.00 73.72  ? 5  LYS A O   1 
ATOM   5    C CB  . LYS A 1 1  ? -13.331 -9.680  14.809  1.00 78.71  ? 5  LYS A CB  1 
ATOM   6    C CG  . LYS A 1 1  ? -13.797 -11.005 14.242  1.00 84.50  ? 5  LYS A CG  1 
ATOM   7    C CD  . LYS A 1 1  ? -13.387 -12.172 15.137  1.00 88.47  ? 5  LYS A CD  1 
ATOM   8    C CE  . LYS A 1 1  ? -11.872 -12.373 15.173  1.00 92.56  ? 5  LYS A CE  1 
ATOM   9    N NZ  . LYS A 1 1  ? -11.130 -11.229 15.788  1.00 96.41  ? 5  LYS A NZ  1 
ATOM   10   N N   . ALA A 1 2  ? -13.948 -6.072  14.472  1.00 66.78  ? 6  ALA A N   1 
ATOM   11   C CA  . ALA A 1 2  ? -13.573 -4.834  15.134  1.00 62.73  ? 6  ALA A CA  1 
ATOM   12   C C   . ALA A 1 2  ? -13.984 -4.893  16.601  1.00 61.46  ? 6  ALA A C   1 
ATOM   13   O O   . ALA A 1 2  ? -15.006 -5.486  16.944  1.00 63.42  ? 6  ALA A O   1 
ATOM   14   C CB  . ALA A 1 2  ? -14.234 -3.657  14.447  1.00 61.93  ? 6  ALA A CB  1 
ATOM   15   N N   . VAL A 1 3  ? -13.172 -4.289  17.461  1.00 58.40  ? 7  VAL A N   1 
ATOM   16   C CA  . VAL A 1 3  ? -13.437 -4.253  18.897  1.00 53.21  ? 7  VAL A CA  1 
ATOM   17   C C   . VAL A 1 3  ? -13.119 -2.855  19.402  1.00 53.32  ? 7  VAL A C   1 
ATOM   18   O O   . VAL A 1 3  ? -11.956 -2.474  19.469  1.00 53.81  ? 7  VAL A O   1 
ATOM   19   C CB  . VAL A 1 3  ? -12.544 -5.259  19.661  1.00 54.00  ? 7  VAL A CB  1 
ATOM   20   C CG1 . VAL A 1 3  ? -12.807 -5.163  21.155  1.00 49.10  ? 7  VAL A CG1 1 
ATOM   21   C CG2 . VAL A 1 3  ? -12.801 -6.672  19.163  1.00 48.39  ? 7  VAL A CG2 1 
ATOM   22   N N   . ILE A 1 4  ? -14.149 -2.087  19.745  1.00 56.04  ? 8  ILE A N   1 
ATOM   23   C CA  . ILE A 1 4  ? -13.948 -0.724  20.243  1.00 57.66  ? 8  ILE A CA  1 
ATOM   24   C C   . ILE A 1 4  ? -13.525 -0.740  21.714  1.00 57.36  ? 8  ILE A C   1 
ATOM   25   O O   . ILE A 1 4  ? -14.242 -1.255  22.571  1.00 56.58  ? 8  ILE A O   1 
ATOM   26   C CB  . ILE A 1 4  ? -15.237 0.132   20.092  1.00 58.88  ? 8  ILE A CB  1 
ATOM   27   C CG1 . ILE A 1 4  ? -15.543 0.374   18.607  1.00 60.23  ? 8  ILE A CG1 1 
ATOM   28   C CG2 . ILE A 1 4  ? -15.065 1.471   20.799  1.00 56.34  ? 8  ILE A CG2 1 
ATOM   29   C CD1 . ILE A 1 4  ? -15.943 -0.872  17.838  1.00 61.62  ? 8  ILE A CD1 1 
ATOM   30   N N   . LYS A 1 5  ? -12.360 -0.167  22.000  1.00 56.43  ? 9  LYS A N   1 
ATOM   31   C CA  . LYS A 1 5  ? -11.839 -0.135  23.368  1.00 58.42  ? 9  LYS A CA  1 
ATOM   32   C C   . LYS A 1 5  ? -12.113 1.180   24.097  1.00 58.91  ? 9  LYS A C   1 
ATOM   33   O O   . LYS A 1 5  ? -12.208 1.211   25.322  1.00 59.36  ? 9  LYS A O   1 
ATOM   34   C CB  . LYS A 1 5  ? -10.323 -0.388  23.365  1.00 58.18  ? 9  LYS A CB  1 
ATOM   35   C CG  . LYS A 1 5  ? -9.906  -1.791  22.944  1.00 59.90  ? 9  LYS A CG  1 
ATOM   36   C CD  . LYS A 1 5  ? -10.350 -2.826  23.965  1.00 63.96  ? 9  LYS A CD  1 
ATOM   37   C CE  . LYS A 1 5  ? -9.830  -4.211  23.616  1.00 69.50  ? 9  LYS A CE  1 
ATOM   38   N NZ  . LYS A 1 5  ? -10.236 -5.233  24.627  1.00 71.30  ? 9  LYS A NZ  1 
ATOM   39   N N   . ASN A 1 6  ? -12.235 2.264   23.346  1.00 61.07  ? 10 ASN A N   1 
ATOM   40   C CA  . ASN A 1 6  ? -12.466 3.572   23.944  1.00 62.63  ? 10 ASN A CA  1 
ATOM   41   C C   . ASN A 1 6  ? -12.906 4.522   22.837  1.00 62.39  ? 10 ASN A C   1 
ATOM   42   O O   . ASN A 1 6  ? -12.088 4.986   22.047  1.00 61.75  ? 10 ASN A O   1 
ATOM   43   C CB  . ASN A 1 6  ? -11.167 4.071   24.587  1.00 65.54  ? 10 ASN A CB  1 
ATOM   44   C CG  . ASN A 1 6  ? -11.379 5.253   25.514  1.00 68.50  ? 10 ASN A CG  1 
ATOM   45   O OD1 . ASN A 1 6  ? -12.049 6.227   25.162  1.00 71.81  ? 10 ASN A OD1 1 
ATOM   46   N ND2 . ASN A 1 6  ? -10.792 5.180   26.706  1.00 68.32  ? 10 ASN A ND2 1 
ATOM   47   N N   . ALA A 1 7  ? -14.203 4.796   22.779  1.00 63.36  ? 11 ALA A N   1 
ATOM   48   C CA  . ALA A 1 7  ? -14.746 5.680   21.762  1.00 66.63  ? 11 ALA A CA  1 
ATOM   49   C C   . ALA A 1 7  ? -15.352 6.929   22.379  1.00 68.54  ? 11 ALA A C   1 
ATOM   50   O O   . ALA A 1 7  ? -15.928 6.882   23.464  1.00 68.43  ? 11 ALA A O   1 
ATOM   51   C CB  . ALA A 1 7  ? -15.795 4.944   20.940  1.00 66.58  ? 11 ALA A CB  1 
ATOM   52   N N   . ASP A 1 8  ? -15.224 8.044   21.667  1.00 71.11  ? 12 ASP A N   1 
ATOM   53   C CA  . ASP A 1 8  ? -15.751 9.326   22.118  1.00 71.89  ? 12 ASP A CA  1 
ATOM   54   C C   . ASP A 1 8  ? -16.663 9.888   21.027  1.00 71.35  ? 12 ASP A C   1 
ATOM   55   O O   . ASP A 1 8  ? -17.531 10.714  21.291  1.00 72.58  ? 12 ASP A O   1 
ATOM   56   C CB  . ASP A 1 8  ? -14.597 10.301  22.369  1.00 74.55  ? 12 ASP A CB  1 
ATOM   57   C CG  . ASP A 1 8  ? -14.923 11.349  23.429  1.00 78.17  ? 12 ASP A CG  1 
ATOM   58   O OD1 . ASP A 1 8  ? -16.031 11.927  23.390  1.00 79.08  ? 12 ASP A OD1 1 
ATOM   59   O OD2 . ASP A 1 8  ? -14.056 11.603  24.295  1.00 78.56  ? 12 ASP A OD2 1 
ATOM   60   N N   . MET A 1 9  ? -16.461 9.423   19.799  1.00 70.97  ? 13 MET A N   1 
ATOM   61   C CA  . MET A 1 9  ? -17.236 9.889   18.656  1.00 70.70  ? 13 MET A CA  1 
ATOM   62   C C   . MET A 1 9  ? -18.639 9.302   18.521  1.00 72.22  ? 13 MET A C   1 
ATOM   63   O O   . MET A 1 9  ? -19.014 8.366   19.230  1.00 70.88  ? 13 MET A O   1 
ATOM   64   C CB  . MET A 1 9  ? -16.443 9.649   17.362  1.00 67.30  ? 13 MET A CB  1 
ATOM   65   C CG  . MET A 1 9  ? -15.765 8.289   17.268  1.00 60.28  ? 13 MET A CG  1 
ATOM   66   S SD  . MET A 1 9  ? -14.753 8.100   15.773  1.00 50.22  ? 13 MET A SD  1 
ATOM   67   C CE  . MET A 1 9  ? -13.456 9.273   16.085  1.00 49.77  ? 13 MET A CE  1 
ATOM   68   N N   . SER A 1 10 ? -19.405 9.879   17.597  1.00 73.64  ? 14 SER A N   1 
ATOM   69   C CA  . SER A 1 10 ? -20.773 9.453   17.323  1.00 77.57  ? 14 SER A CA  1 
ATOM   70   C C   . SER A 1 10 ? -20.802 8.062   16.707  1.00 80.54  ? 14 SER A C   1 
ATOM   71   O O   . SER A 1 10 ? -19.870 7.664   16.009  1.00 82.42  ? 14 SER A O   1 
ATOM   72   C CB  . SER A 1 10 ? -21.441 10.434  16.362  1.00 76.90  ? 14 SER A CB  1 
ATOM   73   O OG  . SER A 1 10 ? -20.750 10.470  15.125  1.00 76.74  ? 14 SER A OG  1 
ATOM   74   N N   . GLU A 1 11 ? -21.883 7.330   16.960  1.00 82.65  ? 15 GLU A N   1 
ATOM   75   C CA  . GLU A 1 11 ? -22.031 5.980   16.431  1.00 84.96  ? 15 GLU A CA  1 
ATOM   76   C C   . GLU A 1 11 ? -21.830 5.938   14.919  1.00 83.41  ? 15 GLU A C   1 
ATOM   77   O O   . GLU A 1 11 ? -21.442 4.909   14.365  1.00 82.51  ? 15 GLU A O   1 
ATOM   78   C CB  . GLU A 1 11 ? -23.409 5.415   16.800  1.00 88.40  ? 15 GLU A CB  1 
ATOM   79   C CG  . GLU A 1 11 ? -24.577 6.370   16.569  1.00 95.05  ? 15 GLU A CG  1 
ATOM   80   C CD  . GLU A 1 11 ? -25.914 5.770   16.993  1.00 98.53  ? 15 GLU A CD  1 
ATOM   81   O OE1 . GLU A 1 11 ? -25.941 4.578   17.371  1.00 99.74  ? 15 GLU A OE1 1 
ATOM   82   O OE2 . GLU A 1 11 ? -26.940 6.486   16.946  1.00 98.23  ? 15 GLU A OE2 1 
ATOM   83   N N   . GLU A 1 12 ? -22.083 7.064   14.261  1.00 81.74  ? 16 GLU A N   1 
ATOM   84   C CA  . GLU A 1 12 ? -21.928 7.160   12.813  1.00 81.40  ? 16 GLU A CA  1 
ATOM   85   C C   . GLU A 1 12 ? -20.457 7.333   12.441  1.00 76.84  ? 16 GLU A C   1 
ATOM   86   O O   . GLU A 1 12 ? -19.924 6.621   11.591  1.00 75.12  ? 16 GLU A O   1 
ATOM   87   C CB  . GLU A 1 12 ? -22.740 8.345   12.282  1.00 86.43  ? 16 GLU A CB  1 
ATOM   88   C CG  . GLU A 1 12 ? -24.206 8.315   12.699  1.00 94.34  ? 16 GLU A CG  1 
ATOM   89   C CD  . GLU A 1 12 ? -24.977 9.534   12.231  1.00 97.41  ? 16 GLU A CD  1 
ATOM   90   O OE1 . GLU A 1 12 ? -25.072 9.747   11.003  1.00 100.13 ? 16 GLU A OE1 1 
ATOM   91   O OE2 . GLU A 1 12 ? -25.490 10.280  13.095  1.00 99.70  ? 16 GLU A OE2 1 
ATOM   92   N N   . MET A 1 13 ? -19.810 8.292   13.090  1.00 73.86  ? 17 MET A N   1 
ATOM   93   C CA  . MET A 1 13 ? -18.403 8.583   12.855  1.00 70.77  ? 17 MET A CA  1 
ATOM   94   C C   . MET A 1 13 ? -17.571 7.366   13.256  1.00 67.97  ? 17 MET A C   1 
ATOM   95   O O   . MET A 1 13 ? -16.492 7.116   12.722  1.00 64.07  ? 17 MET A O   1 
ATOM   96   C CB  . MET A 1 13 ? -18.002 9.789   13.696  1.00 72.02  ? 17 MET A CB  1 
ATOM   97   C CG  . MET A 1 13 ? -16.662 10.377  13.368  1.00 74.78  ? 17 MET A CG  1 
ATOM   98   S SD  . MET A 1 13 ? -16.338 11.764  14.458  1.00 78.57  ? 17 MET A SD  1 
ATOM   99   C CE  . MET A 1 13 ? -17.412 13.004  13.748  1.00 74.49  ? 17 MET A CE  1 
ATOM   100  N N   . GLN A 1 14 ? -18.103 6.613   14.208  1.00 66.44  ? 18 GLN A N   1 
ATOM   101  C CA  . GLN A 1 14 ? -17.452 5.418   14.714  1.00 67.25  ? 18 GLN A CA  1 
ATOM   102  C C   . GLN A 1 14 ? -17.460 4.314   13.662  1.00 67.13  ? 18 GLN A C   1 
ATOM   103  O O   . GLN A 1 14 ? -16.481 3.585   13.498  1.00 67.64  ? 18 GLN A O   1 
ATOM   104  C CB  . GLN A 1 14 ? -18.174 4.971   15.988  1.00 66.21  ? 18 GLN A CB  1 
ATOM   105  C CG  . GLN A 1 14 ? -17.755 3.637   16.556  1.00 65.72  ? 18 GLN A CG  1 
ATOM   106  C CD  . GLN A 1 14 ? -18.224 3.464   17.989  1.00 67.14  ? 18 GLN A CD  1 
ATOM   107  O OE1 . GLN A 1 14 ? -18.440 2.345   18.457  1.00 66.86  ? 18 GLN A OE1 1 
ATOM   108  N NE2 . GLN A 1 14 ? -18.372 4.580   18.702  1.00 64.77  ? 18 GLN A NE2 1 
ATOM   109  N N   . GLN A 1 15 ? -18.567 4.205   12.937  1.00 67.84  ? 19 GLN A N   1 
ATOM   110  C CA  . GLN A 1 15 ? -18.700 3.189   11.905  1.00 66.64  ? 19 GLN A CA  1 
ATOM   111  C C   . GLN A 1 15 ? -17.747 3.487   10.747  1.00 62.99  ? 19 GLN A C   1 
ATOM   112  O O   . GLN A 1 15 ? -17.240 2.574   10.102  1.00 61.42  ? 19 GLN A O   1 
ATOM   113  C CB  . GLN A 1 15 ? -20.147 3.136   11.413  1.00 69.29  ? 19 GLN A CB  1 
ATOM   114  C CG  . GLN A 1 15 ? -20.541 1.815   10.769  1.00 75.74  ? 19 GLN A CG  1 
ATOM   115  C CD  . GLN A 1 15 ? -22.010 1.777   10.368  1.00 82.92  ? 19 GLN A CD  1 
ATOM   116  O OE1 . GLN A 1 15 ? -22.898 2.015   11.192  1.00 84.71  ? 19 GLN A OE1 1 
ATOM   117  N NE2 . GLN A 1 15 ? -22.272 1.474   9.098   1.00 84.08  ? 19 GLN A NE2 1 
ATOM   118  N N   . ASP A 1 16 ? -17.497 4.769   10.503  1.00 62.12  ? 20 ASP A N   1 
ATOM   119  C CA  . ASP A 1 16 ? -16.598 5.196   9.431   1.00 61.98  ? 20 ASP A CA  1 
ATOM   120  C C   . ASP A 1 16 ? -15.139 4.902   9.762   1.00 59.36  ? 20 ASP A C   1 
ATOM   121  O O   . ASP A 1 16 ? -14.313 4.739   8.864   1.00 56.41  ? 20 ASP A O   1 
ATOM   122  C CB  . ASP A 1 16 ? -16.767 6.695   9.161   1.00 67.67  ? 20 ASP A CB  1 
ATOM   123  C CG  . ASP A 1 16 ? -18.071 7.017   8.444   1.00 76.09  ? 20 ASP A CG  1 
ATOM   124  O OD1 . ASP A 1 16 ? -18.759 6.070   7.998   1.00 78.05  ? 20 ASP A OD1 1 
ATOM   125  O OD2 . ASP A 1 16 ? -18.405 8.219   8.320   1.00 77.65  ? 20 ASP A OD2 1 
ATOM   126  N N   . SER A 1 17 ? -14.825 4.843   11.055  1.00 56.88  ? 21 SER A N   1 
ATOM   127  C CA  . SER A 1 17 ? -13.469 4.555   11.508  1.00 52.03  ? 21 SER A CA  1 
ATOM   128  C C   . SER A 1 17 ? -13.120 3.108   11.198  1.00 49.27  ? 21 SER A C   1 
ATOM   129  O O   . SER A 1 17 ? -12.076 2.818   10.615  1.00 45.05  ? 21 SER A O   1 
ATOM   130  C CB  . SER A 1 17 ? -13.352 4.791   13.012  1.00 52.41  ? 21 SER A CB  1 
ATOM   131  O OG  . SER A 1 17 ? -13.551 6.155   13.313  1.00 53.56  ? 21 SER A OG  1 
ATOM   132  N N   . VAL A 1 18 ? -14.007 2.204   11.597  1.00 49.56  ? 22 VAL A N   1 
ATOM   133  C CA  . VAL A 1 18 ? -13.811 0.781   11.369  1.00 51.74  ? 22 VAL A CA  1 
ATOM   134  C C   . VAL A 1 18 ? -13.697 0.484   9.881   1.00 51.60  ? 22 VAL A C   1 
ATOM   135  O O   . VAL A 1 18 ? -12.689 -0.058  9.416   1.00 47.37  ? 22 VAL A O   1 
ATOM   136  C CB  . VAL A 1 18 ? -14.986 -0.036  11.943  1.00 53.11  ? 22 VAL A CB  1 
ATOM   137  C CG1 . VAL A 1 18 ? -14.824 -1.514  11.582  1.00 52.78  ? 22 VAL A CG1 1 
ATOM   138  C CG2 . VAL A 1 18 ? -15.044 0.141   13.459  1.00 49.16  ? 22 VAL A CG2 1 
ATOM   139  N N   . GLU A 1 19 ? -14.744 0.848   9.147   1.00 53.02  ? 23 GLU A N   1 
ATOM   140  C CA  . GLU A 1 19 ? -14.816 0.634   7.705   1.00 52.31  ? 23 GLU A CA  1 
ATOM   141  C C   . GLU A 1 19 ? -13.551 1.129   7.021   1.00 48.86  ? 23 GLU A C   1 
ATOM   142  O O   . GLU A 1 19 ? -12.869 0.387   6.309   1.00 48.19  ? 23 GLU A O   1 
ATOM   143  C CB  . GLU A 1 19 ? -16.024 1.377   7.143   1.00 58.96  ? 23 GLU A CB  1 
ATOM   144  C CG  . GLU A 1 19 ? -16.233 1.201   5.653   1.00 72.55  ? 23 GLU A CG  1 
ATOM   145  C CD  . GLU A 1 19 ? -17.246 2.190   5.092   1.00 80.85  ? 23 GLU A CD  1 
ATOM   146  O OE1 . GLU A 1 19 ? -18.402 2.208   5.572   1.00 82.49  ? 23 GLU A OE1 1 
ATOM   147  O OE2 . GLU A 1 19 ? -16.881 2.952   4.167   1.00 86.51  ? 23 GLU A OE2 1 
ATOM   148  N N   . CYS A 1 20 ? -13.242 2.393   7.249   1.00 46.14  ? 24 CYS A N   1 
ATOM   149  C CA  . CYS A 1 20 ? -12.068 3.007   6.663   1.00 46.56  ? 24 CYS A CA  1 
ATOM   150  C C   . CYS A 1 20 ? -10.785 2.230   6.984   1.00 45.60  ? 24 CYS A C   1 
ATOM   151  O O   . CYS A 1 20 ? -9.936  2.016   6.110   1.00 44.39  ? 24 CYS A O   1 
ATOM   152  C CB  . CYS A 1 20 ? -11.959 4.444   7.166   1.00 46.90  ? 24 CYS A CB  1 
ATOM   153  S SG  . CYS A 1 20 ? -10.561 5.330   6.515   1.00 61.14  ? 24 CYS A SG  1 
ATOM   154  N N   . ALA A 1 21 ? -10.646 1.802   8.236   1.00 43.04  ? 25 ALA A N   1 
ATOM   155  C CA  . ALA A 1 21 ? -9.457  1.055   8.641   1.00 43.50  ? 25 ALA A CA  1 
ATOM   156  C C   . ALA A 1 21 ? -9.433  -0.296  7.950   1.00 42.35  ? 25 ALA A C   1 
ATOM   157  O O   . ALA A 1 21 ? -8.357  -0.813  7.639   1.00 41.94  ? 25 ALA A O   1 
ATOM   158  C CB  . ALA A 1 21 ? -9.423  0.872   10.163  1.00 39.74  ? 25 ALA A CB  1 
ATOM   159  N N   . THR A 1 22 ? -10.618 -0.860  7.710   1.00 42.86  ? 26 THR A N   1 
ATOM   160  C CA  . THR A 1 22 ? -10.738 -2.158  7.050   1.00 46.76  ? 26 THR A CA  1 
ATOM   161  C C   . THR A 1 22 ? -10.176 -2.095  5.633   1.00 48.05  ? 26 THR A C   1 
ATOM   162  O O   . THR A 1 22 ? -9.396  -2.955  5.214   1.00 48.82  ? 26 THR A O   1 
ATOM   163  C CB  . THR A 1 22 ? -12.200 -2.618  6.946   1.00 49.22  ? 26 THR A CB  1 
ATOM   164  O OG1 . THR A 1 22 ? -12.789 -2.652  8.250   1.00 51.15  ? 26 THR A OG1 1 
ATOM   165  C CG2 . THR A 1 22 ? -12.263 -4.009  6.328   1.00 47.00  ? 26 THR A CG2 1 
ATOM   166  N N   . GLN A 1 23 ? -10.572 -1.072  4.893   1.00 46.98  ? 27 GLN A N   1 
ATOM   167  C CA  . GLN A 1 23 ? -10.082 -0.929  3.539   1.00 50.91  ? 27 GLN A CA  1 
ATOM   168  C C   . GLN A 1 23 ? -8.562  -0.760  3.544   1.00 49.68  ? 27 GLN A C   1 
ATOM   169  O O   . GLN A 1 23 ? -7.872  -1.325  2.700   1.00 50.37  ? 27 GLN A O   1 
ATOM   170  C CB  . GLN A 1 23 ? -10.749 0.267   2.860   1.00 55.02  ? 27 GLN A CB  1 
ATOM   171  C CG  . GLN A 1 23 ? -12.269 0.190   2.851   1.00 67.23  ? 27 GLN A CG  1 
ATOM   172  C CD  . GLN A 1 23 ? -12.913 1.363   2.135   1.00 76.19  ? 27 GLN A CD  1 
ATOM   173  O OE1 . GLN A 1 23 ? -12.524 2.519   2.333   1.00 81.64  ? 27 GLN A OE1 1 
ATOM   174  N NE2 . GLN A 1 23 ? -13.914 1.075   1.307   1.00 80.14  ? 27 GLN A NE2 1 
ATOM   175  N N   . ALA A 1 24 ? -8.041  0.009   4.496   1.00 46.69  ? 28 ALA A N   1 
ATOM   176  C CA  . ALA A 1 24 ? -6.599  0.237   4.575   1.00 46.42  ? 28 ALA A CA  1 
ATOM   177  C C   . ALA A 1 24 ? -5.847  -1.058  4.895   1.00 44.87  ? 28 ALA A C   1 
ATOM   178  O O   . ALA A 1 24 ? -4.751  -1.288  4.385   1.00 42.03  ? 28 ALA A O   1 
ATOM   179  C CB  . ALA A 1 24 ? -6.278  1.323   5.634   1.00 40.55  ? 28 ALA A CB  1 
ATOM   180  N N   . LEU A 1 25 ? -6.437  -1.903  5.735   1.00 44.06  ? 29 LEU A N   1 
ATOM   181  C CA  . LEU A 1 25 ? -5.799  -3.166  6.090   1.00 49.60  ? 29 LEU A CA  1 
ATOM   182  C C   . LEU A 1 25 ? -5.844  -4.150  4.919   1.00 51.92  ? 29 LEU A C   1 
ATOM   183  O O   . LEU A 1 25 ? -4.942  -4.966  4.739   1.00 52.51  ? 29 LEU A O   1 
ATOM   184  C CB  . LEU A 1 25 ? -6.481  -3.793  7.311   1.00 51.01  ? 29 LEU A CB  1 
ATOM   185  C CG  . LEU A 1 25 ? -6.166  -3.223  8.695   1.00 51.18  ? 29 LEU A CG  1 
ATOM   186  C CD1 . LEU A 1 25 ? -7.009  -3.948  9.734   1.00 55.16  ? 29 LEU A CD1 1 
ATOM   187  C CD2 . LEU A 1 25 ? -4.694  -3.393  9.009   1.00 47.24  ? 29 LEU A CD2 1 
ATOM   188  N N   . GLU A 1 26 ? -6.913  -4.078  4.135   1.00 53.77  ? 30 GLU A N   1 
ATOM   189  C CA  . GLU A 1 26 ? -7.056  -4.946  2.980   1.00 54.06  ? 30 GLU A CA  1 
ATOM   190  C C   . GLU A 1 26 ? -6.054  -4.531  1.910   1.00 52.85  ? 30 GLU A C   1 
ATOM   191  O O   . GLU A 1 26 ? -5.683  -5.335  1.056   1.00 52.51  ? 30 GLU A O   1 
ATOM   192  C CB  . GLU A 1 26 ? -8.481  -4.852  2.419   1.00 58.25  ? 30 GLU A CB  1 
ATOM   193  C CG  . GLU A 1 26 ? -9.527  -5.611  3.232   1.00 68.07  ? 30 GLU A CG  1 
ATOM   194  C CD  . GLU A 1 26 ? -10.947 -5.456  2.688   1.00 74.12  ? 30 GLU A CD  1 
ATOM   195  O OE1 . GLU A 1 26 ? -11.136 -5.583  1.455   1.00 78.72  ? 30 GLU A OE1 1 
ATOM   196  O OE2 . GLU A 1 26 ? -11.879 -5.221  3.493   1.00 72.11  ? 30 GLU A OE2 1 
ATOM   197  N N   . LYS A 1 27 ? -5.597  -3.281  1.987   1.00 49.11  ? 31 LYS A N   1 
ATOM   198  C CA  . LYS A 1 27 ? -4.678  -2.730  1.002   1.00 44.08  ? 31 LYS A CA  1 
ATOM   199  C C   . LYS A 1 27 ? -3.209  -2.503  1.365   1.00 47.26  ? 31 LYS A C   1 
ATOM   200  O O   . LYS A 1 27 ? -2.338  -2.704  0.517   1.00 47.54  ? 31 LYS A O   1 
ATOM   201  C CB  . LYS A 1 27 ? -5.253  -1.418  0.474   1.00 38.80  ? 31 LYS A CB  1 
ATOM   202  C CG  . LYS A 1 27 ? -4.359  -0.715  -0.534  1.00 42.70  ? 31 LYS A CG  1 
ATOM   203  C CD  . LYS A 1 27 ? -5.077  0.438   -1.220  1.00 45.67  ? 31 LYS A CD  1 
ATOM   204  C CE  . LYS A 1 27 ? -4.195  1.051   -2.296  1.00 52.07  ? 31 LYS A CE  1 
ATOM   205  N NZ  . LYS A 1 27 ? -4.889  2.114   -3.076  1.00 54.00  ? 31 LYS A NZ  1 
ATOM   206  N N   . TYR A 1 28 ? -2.916  -2.068  2.592   1.00 46.88  ? 32 TYR A N   1 
ATOM   207  C CA  . TYR A 1 28 ? -1.522  -1.799  2.962   1.00 45.10  ? 32 TYR A CA  1 
ATOM   208  C C   . TYR A 1 28 ? -0.897  -2.753  3.972   1.00 44.44  ? 32 TYR A C   1 
ATOM   209  O O   . TYR A 1 28 ? -1.558  -3.202  4.907   1.00 43.67  ? 32 TYR A O   1 
ATOM   210  C CB  . TYR A 1 28 ? -1.378  -0.371  3.495   1.00 43.24  ? 32 TYR A CB  1 
ATOM   211  C CG  . TYR A 1 28 ? -1.769  0.706   2.518   1.00 40.45  ? 32 TYR A CG  1 
ATOM   212  C CD1 . TYR A 1 28 ? -0.849  1.200   1.590   1.00 36.46  ? 32 TYR A CD1 1 
ATOM   213  C CD2 . TYR A 1 28 ? -3.057  1.241   2.521   1.00 41.05  ? 32 TYR A CD2 1 
ATOM   214  C CE1 . TYR A 1 28 ? -1.200  2.205   0.688   1.00 32.49  ? 32 TYR A CE1 1 
ATOM   215  C CE2 . TYR A 1 28 ? -3.420  2.246   1.621   1.00 36.84  ? 32 TYR A CE2 1 
ATOM   216  C CZ  . TYR A 1 28 ? -2.485  2.724   0.708   1.00 33.94  ? 32 TYR A CZ  1 
ATOM   217  O OH  . TYR A 1 28 ? -2.846  3.714   -0.186  1.00 35.27  ? 32 TYR A OH  1 
ATOM   218  N N   . ASN A 1 29 ? 0.387   -3.048  3.783   1.00 42.74  ? 33 ASN A N   1 
ATOM   219  C CA  . ASN A 1 29 ? 1.101   -3.931  4.701   1.00 45.82  ? 33 ASN A CA  1 
ATOM   220  C C   . ASN A 1 29 ? 1.813   -3.152  5.823   1.00 43.06  ? 33 ASN A C   1 
ATOM   221  O O   . ASN A 1 29 ? 1.977   -3.662  6.925   1.00 42.38  ? 33 ASN A O   1 
ATOM   222  C CB  . ASN A 1 29 ? 2.149   -4.780  3.957   1.00 47.02  ? 33 ASN A CB  1 
ATOM   223  C CG  . ASN A 1 29 ? 1.542   -5.671  2.871   1.00 58.89  ? 33 ASN A CG  1 
ATOM   224  O OD1 . ASN A 1 29 ? 0.431   -6.211  3.018   1.00 57.23  ? 33 ASN A OD1 1 
ATOM   225  N ND2 . ASN A 1 29 ? 2.289   -5.847  1.778   1.00 55.35  ? 33 ASN A ND2 1 
ATOM   226  N N   . ILE A 1 30 ? 2.230   -1.921  5.536   1.00 39.94  ? 34 ILE A N   1 
ATOM   227  C CA  . ILE A 1 30 ? 2.948   -1.094  6.504   1.00 38.53  ? 34 ILE A CA  1 
ATOM   228  C C   . ILE A 1 30 ? 2.080   -0.136  7.320   1.00 36.86  ? 34 ILE A C   1 
ATOM   229  O O   . ILE A 1 30 ? 1.432   0.760   6.765   1.00 36.27  ? 34 ILE A O   1 
ATOM   230  C CB  . ILE A 1 30 ? 4.037   -0.281  5.791   1.00 40.84  ? 34 ILE A CB  1 
ATOM   231  C CG1 . ILE A 1 30 ? 4.985   -1.233  5.065   1.00 42.16  ? 34 ILE A CG1 1 
ATOM   232  C CG2 . ILE A 1 30 ? 4.791   0.586   6.786   1.00 35.91  ? 34 ILE A CG2 1 
ATOM   233  C CD1 . ILE A 1 30 ? 5.969   -0.519  4.139   1.00 50.68  ? 34 ILE A CD1 1 
ATOM   234  N N   . GLU A 1 31 ? 2.102   -0.323  8.641   1.00 33.56  ? 35 GLU A N   1 
ATOM   235  C CA  . GLU A 1 31 ? 1.332   0.491   9.594   1.00 35.01  ? 35 GLU A CA  1 
ATOM   236  C C   . GLU A 1 31 ? 1.294   1.993   9.288   1.00 34.30  ? 35 GLU A C   1 
ATOM   237  O O   . GLU A 1 31 ? 0.234   2.618   9.352   1.00 30.04  ? 35 GLU A O   1 
ATOM   238  C CB  . GLU A 1 31 ? 1.857   0.269   11.022  1.00 37.67  ? 35 GLU A CB  1 
ATOM   239  C CG  . GLU A 1 31 ? 1.476   -1.088  11.606  1.00 35.39  ? 35 GLU A CG  1 
ATOM   240  C CD  . GLU A 1 31 ? 2.577   -2.143  11.489  1.00 44.87  ? 35 GLU A CD  1 
ATOM   241  O OE1 . GLU A 1 31 ? 3.432   -2.076  10.569  1.00 37.22  ? 35 GLU A OE1 1 
ATOM   242  O OE2 . GLU A 1 31 ? 2.572   -3.062  12.334  1.00 54.74  ? 35 GLU A OE2 1 
ATOM   243  N N   . LYS A 1 32 ? 2.446   2.563   8.956   1.00 30.91  ? 36 LYS A N   1 
ATOM   244  C CA  . LYS A 1 32 ? 2.522   3.974   8.632   1.00 38.34  ? 36 LYS A CA  1 
ATOM   245  C C   . LYS A 1 32 ? 1.557   4.319   7.481   1.00 40.25  ? 36 LYS A C   1 
ATOM   246  O O   . LYS A 1 32 ? 0.836   5.322   7.552   1.00 39.18  ? 36 LYS A O   1 
ATOM   247  C CB  . LYS A 1 32 ? 3.951   4.346   8.228   1.00 41.64  ? 36 LYS A CB  1 
ATOM   248  C CG  . LYS A 1 32 ? 4.147   5.833   8.034   1.00 44.72  ? 36 LYS A CG  1 
ATOM   249  C CD  . LYS A 1 32 ? 4.988   6.148   6.801   1.00 51.85  ? 36 LYS A CD  1 
ATOM   250  C CE  . LYS A 1 32 ? 6.416   5.660   6.929   1.00 50.12  ? 36 LYS A CE  1 
ATOM   251  N NZ  . LYS A 1 32 ? 7.227   6.070   5.750   1.00 50.87  ? 36 LYS A NZ  1 
ATOM   252  N N   . ASP A 1 33 ? 1.547   3.496   6.428   1.00 37.15  ? 37 ASP A N   1 
ATOM   253  C CA  . ASP A 1 33 ? 0.658   3.748   5.289   1.00 38.49  ? 37 ASP A CA  1 
ATOM   254  C C   . ASP A 1 33 ? -0.798  3.534   5.691   1.00 36.82  ? 37 ASP A C   1 
ATOM   255  O O   . ASP A 1 33 ? -1.693  4.207   5.197   1.00 37.60  ? 37 ASP A O   1 
ATOM   256  C CB  . ASP A 1 33 ? 1.003   2.845   4.095   1.00 38.89  ? 37 ASP A CB  1 
ATOM   257  C CG  . ASP A 1 33 ? 2.403   3.098   3.545   1.00 43.38  ? 37 ASP A CG  1 
ATOM   258  O OD1 . ASP A 1 33 ? 2.814   4.276   3.439   1.00 41.48  ? 37 ASP A OD1 1 
ATOM   259  O OD2 . ASP A 1 33 ? 3.097   2.112   3.205   1.00 49.28  ? 37 ASP A OD2 1 
ATOM   260  N N   . ILE A 1 34 ? -1.045  2.595   6.595   1.00 37.41  ? 38 ILE A N   1 
ATOM   261  C CA  . ILE A 1 34 ? -2.411  2.362   7.033   1.00 37.73  ? 38 ILE A CA  1 
ATOM   262  C C   . ILE A 1 34 ? -2.858  3.591   7.820   1.00 41.52  ? 38 ILE A C   1 
ATOM   263  O O   . ILE A 1 34 ? -3.992  4.066   7.669   1.00 39.21  ? 38 ILE A O   1 
ATOM   264  C CB  . ILE A 1 34 ? -2.502  1.121   7.929   1.00 38.37  ? 38 ILE A CB  1 
ATOM   265  C CG1 . ILE A 1 34 ? -2.133  -0.123  7.115   1.00 38.16  ? 38 ILE A CG1 1 
ATOM   266  C CG2 . ILE A 1 34 ? -3.897  1.006   8.530   1.00 37.93  ? 38 ILE A CG2 1 
ATOM   267  C CD1 . ILE A 1 34 ? -2.150  -1.426  7.911   1.00 31.56  ? 38 ILE A CD1 1 
ATOM   268  N N   . ALA A 1 35 ? -1.954  4.111   8.649   1.00 40.17  ? 39 ALA A N   1 
ATOM   269  C CA  . ALA A 1 35 ? -2.253  5.293   9.459   1.00 40.63  ? 39 ALA A CA  1 
ATOM   270  C C   . ALA A 1 35 ? -2.563  6.483   8.544   1.00 35.97  ? 39 ALA A C   1 
ATOM   271  O O   . ALA A 1 35 ? -3.501  7.247   8.786   1.00 27.57  ? 39 ALA A O   1 
ATOM   272  C CB  . ALA A 1 35 ? -1.058  5.623   10.392  1.00 33.63  ? 39 ALA A CB  1 
ATOM   273  N N   . ALA A 1 36 ? -1.767  6.626   7.491   1.00 33.61  ? 40 ALA A N   1 
ATOM   274  C CA  . ALA A 1 36 ? -1.952  7.713   6.534   1.00 41.05  ? 40 ALA A CA  1 
ATOM   275  C C   . ALA A 1 36 ? -3.331  7.640   5.871   1.00 40.98  ? 40 ALA A C   1 
ATOM   276  O O   . ALA A 1 36 ? -4.078  8.620   5.828   1.00 43.81  ? 40 ALA A O   1 
ATOM   277  C CB  . ALA A 1 36 ? -0.863  7.663   5.466   1.00 33.69  ? 40 ALA A CB  1 
ATOM   278  N N   . HIS A 1 37 ? -3.667  6.471   5.357   1.00 42.67  ? 41 HIS A N   1 
ATOM   279  C CA  . HIS A 1 37 ? -4.940  6.306   4.691   1.00 43.26  ? 41 HIS A CA  1 
ATOM   280  C C   . HIS A 1 37 ? -6.086  6.827   5.548   1.00 45.33  ? 41 HIS A C   1 
ATOM   281  O O   . HIS A 1 37 ? -6.884  7.660   5.111   1.00 48.85  ? 41 HIS A O   1 
ATOM   282  C CB  . HIS A 1 37 ? -5.181  4.836   4.376   1.00 41.05  ? 41 HIS A CB  1 
ATOM   283  C CG  . HIS A 1 37 ? -6.476  4.588   3.676   1.00 42.72  ? 41 HIS A CG  1 
ATOM   284  N ND1 . HIS A 1 37 ? -6.686  4.938   2.361   1.00 40.13  ? 41 HIS A ND1 1 
ATOM   285  C CD2 . HIS A 1 37 ? -7.653  4.097   4.130   1.00 43.28  ? 41 HIS A CD2 1 
ATOM   286  C CE1 . HIS A 1 37 ? -7.940  4.675   2.035   1.00 42.59  ? 41 HIS A CE1 1 
ATOM   287  N NE2 . HIS A 1 37 ? -8.547  4.165   3.089   1.00 45.12  ? 41 HIS A NE2 1 
ATOM   288  N N   . ILE A 1 38 ? -6.160  6.319   6.771   1.00 44.62  ? 42 ILE A N   1 
ATOM   289  C CA  . ILE A 1 38 ? -7.204  6.687   7.716   1.00 40.44  ? 42 ILE A CA  1 
ATOM   290  C C   . ILE A 1 38 ? -7.196  8.179   8.026   1.00 40.59  ? 42 ILE A C   1 
ATOM   291  O O   . ILE A 1 38 ? -8.244  8.822   8.044   1.00 41.23  ? 42 ILE A O   1 
ATOM   292  C CB  . ILE A 1 38 ? -7.045  5.874   9.025   1.00 40.33  ? 42 ILE A CB  1 
ATOM   293  C CG1 . ILE A 1 38 ? -7.141  4.375   8.703   1.00 36.91  ? 42 ILE A CG1 1 
ATOM   294  C CG2 . ILE A 1 38 ? -8.103  6.280   10.042  1.00 37.04  ? 42 ILE A CG2 1 
ATOM   295  C CD1 . ILE A 1 38 ? -6.963  3.459   9.906   1.00 34.75  ? 42 ILE A CD1 1 
ATOM   296  N N   . LYS A 1 39 ? -6.013  8.726   8.267   1.00 38.80  ? 43 LYS A N   1 
ATOM   297  C CA  . LYS A 1 39 ? -5.887  10.136  8.581   1.00 39.36  ? 43 LYS A CA  1 
ATOM   298  C C   . LYS A 1 39 ? -6.417  10.974  7.413   1.00 42.49  ? 43 LYS A C   1 
ATOM   299  O O   . LYS A 1 39 ? -7.330  11.782  7.582   1.00 44.09  ? 43 LYS A O   1 
ATOM   300  C CB  . LYS A 1 39 ? -4.416  10.467  8.886   1.00 37.38  ? 43 LYS A CB  1 
ATOM   301  C CG  . LYS A 1 39 ? -4.116  11.922  9.296   1.00 35.50  ? 43 LYS A CG  1 
ATOM   302  C CD  . LYS A 1 39 ? -4.118  12.842  8.075   1.00 36.80  ? 43 LYS A CD  1 
ATOM   303  C CE  . LYS A 1 39 ? -3.078  13.954  8.180   1.00 36.39  ? 43 LYS A CE  1 
ATOM   304  N NZ  . LYS A 1 39 ? -3.480  15.061  9.095   1.00 38.57  ? 43 LYS A NZ  1 
ATOM   305  N N   . LYS A 1 40 ? -5.848  10.774  6.228   1.00 43.03  ? 44 LYS A N   1 
ATOM   306  C CA  . LYS A 1 40 ? -6.274  11.515  5.042   1.00 42.04  ? 44 LYS A CA  1 
ATOM   307  C C   . LYS A 1 40 ? -7.782  11.446  4.807   1.00 40.46  ? 44 LYS A C   1 
ATOM   308  O O   . LYS A 1 40 ? -8.402  12.452  4.486   1.00 43.43  ? 44 LYS A O   1 
ATOM   309  C CB  . LYS A 1 40 ? -5.521  11.013  3.810   1.00 41.05  ? 44 LYS A CB  1 
ATOM   310  C CG  . LYS A 1 40 ? -4.108  11.584  3.674   1.00 40.11  ? 44 LYS A CG  1 
ATOM   311  C CD  . LYS A 1 40 ? -3.251  10.701  2.775   1.00 44.32  ? 44 LYS A CD  1 
ATOM   312  C CE  . LYS A 1 40 ? -1.992  11.413  2.305   1.00 44.12  ? 44 LYS A CE  1 
ATOM   313  N NZ  . LYS A 1 40 ? -1.212  12.014  3.416   1.00 52.10  ? 44 LYS A NZ  1 
ATOM   314  N N   . GLU A 1 41 ? -8.378  10.276  4.986   1.00 40.92  ? 45 GLU A N   1 
ATOM   315  C CA  . GLU A 1 41 ? -9.817  10.137  4.791   1.00 46.04  ? 45 GLU A CA  1 
ATOM   316  C C   . GLU A 1 41 ? -10.609 10.996  5.765   1.00 50.35  ? 45 GLU A C   1 
ATOM   317  O O   . GLU A 1 41 ? -11.568 11.671  5.374   1.00 47.86  ? 45 GLU A O   1 
ATOM   318  C CB  . GLU A 1 41 ? -10.248 8.678   4.944   1.00 48.64  ? 45 GLU A CB  1 
ATOM   319  C CG  . GLU A 1 41 ? -9.862  7.800   3.767   1.00 64.10  ? 45 GLU A CG  1 
ATOM   320  C CD  . GLU A 1 41 ? -10.612 8.171   2.492   1.00 70.28  ? 45 GLU A CD  1 
ATOM   321  O OE1 . GLU A 1 41 ? -11.849 7.973   2.451   1.00 74.35  ? 45 GLU A OE1 1 
ATOM   322  O OE2 . GLU A 1 41 ? -9.966  8.663   1.538   1.00 70.93  ? 45 GLU A OE2 1 
ATOM   323  N N   . PHE A 1 42 ? -10.213 10.978  7.037   1.00 51.73  ? 46 PHE A N   1 
ATOM   324  C CA  . PHE A 1 42 ? -10.930 11.761  8.030   1.00 48.64  ? 46 PHE A CA  1 
ATOM   325  C C   . PHE A 1 42 ? -10.728 13.258  7.856   1.00 48.94  ? 46 PHE A C   1 
ATOM   326  O O   . PHE A 1 42 ? -11.641 14.043  8.114   1.00 49.02  ? 46 PHE A O   1 
ATOM   327  C CB  . PHE A 1 42 ? -10.571 11.293  9.449   1.00 45.42  ? 46 PHE A CB  1 
ATOM   328  C CG  . PHE A 1 42 ? -11.554 10.295  10.002  1.00 41.34  ? 46 PHE A CG  1 
ATOM   329  C CD1 . PHE A 1 42 ? -11.787 9.092   9.337   1.00 36.16  ? 46 PHE A CD1 1 
ATOM   330  C CD2 . PHE A 1 42 ? -12.322 10.599  11.125  1.00 36.70  ? 46 PHE A CD2 1 
ATOM   331  C CE1 . PHE A 1 42 ? -12.774 8.210   9.774   1.00 32.28  ? 46 PHE A CE1 1 
ATOM   332  C CE2 . PHE A 1 42 ? -13.316 9.722   11.572  1.00 36.80  ? 46 PHE A CE2 1 
ATOM   333  C CZ  . PHE A 1 42 ? -13.543 8.525   10.892  1.00 35.53  ? 46 PHE A CZ  1 
ATOM   334  N N   . ASP A 1 43 ? -9.545  13.658  7.409   1.00 46.87  ? 47 ASP A N   1 
ATOM   335  C CA  . ASP A 1 43 ? -9.304  15.075  7.170   1.00 51.50  ? 47 ASP A CA  1 
ATOM   336  C C   . ASP A 1 43 ? -10.277 15.545  6.078   1.00 55.24  ? 47 ASP A C   1 
ATOM   337  O O   . ASP A 1 43 ? -10.775 16.670  6.134   1.00 57.69  ? 47 ASP A O   1 
ATOM   338  C CB  . ASP A 1 43 ? -7.852  15.309  6.731   1.00 46.04  ? 47 ASP A CB  1 
ATOM   339  C CG  . ASP A 1 43 ? -6.933  15.618  7.902   1.00 49.98  ? 47 ASP A CG  1 
ATOM   340  O OD1 . ASP A 1 43 ? -7.399  15.537  9.061   1.00 46.47  ? 47 ASP A OD1 1 
ATOM   341  O OD2 . ASP A 1 43 ? -5.747  15.943  7.666   1.00 50.98  ? 47 ASP A OD2 1 
ATOM   342  N N   . LYS A 1 44 ? -10.549 14.671  5.102   1.00 56.22  ? 48 LYS A N   1 
ATOM   343  C CA  . LYS A 1 44 ? -11.465 14.969  3.993   1.00 58.22  ? 48 LYS A CA  1 
ATOM   344  C C   . LYS A 1 44 ? -12.925 15.028  4.445   1.00 58.81  ? 48 LYS A C   1 
ATOM   345  O O   . LYS A 1 44 ? -13.583 16.069  4.361   1.00 60.90  ? 48 LYS A O   1 
ATOM   346  C CB  . LYS A 1 44 ? -11.397 13.894  2.897   1.00 59.81  ? 48 LYS A CB  1 
ATOM   347  C CG  . LYS A 1 44 ? -10.157 13.832  2.015   1.00 62.60  ? 48 LYS A CG  1 
ATOM   348  C CD  . LYS A 1 44 ? -10.364 12.727  0.966   1.00 64.54  ? 48 LYS A CD  1 
ATOM   349  C CE  . LYS A 1 44 ? -9.166  12.544  0.041   1.00 70.39  ? 48 LYS A CE  1 
ATOM   350  N NZ  . LYS A 1 44 ? -7.951  12.021  0.741   1.00 72.26  ? 48 LYS A NZ  1 
ATOM   351  N N   . LYS A 1 45 ? -13.425 13.885  4.900   1.00 55.82  ? 49 LYS A N   1 
ATOM   352  C CA  . LYS A 1 45 ? -14.804 13.753  5.330   1.00 56.34  ? 49 LYS A CA  1 
ATOM   353  C C   . LYS A 1 45 ? -15.217 14.562  6.561   1.00 57.38  ? 49 LYS A C   1 
ATOM   354  O O   . LYS A 1 45 ? -16.384 14.941  6.686   1.00 60.66  ? 49 LYS A O   1 
ATOM   355  C CB  . LYS A 1 45 ? -15.129 12.271  5.543   1.00 59.15  ? 49 LYS A CB  1 
ATOM   356  C CG  . LYS A 1 45 ? -16.585 11.998  5.879   1.00 66.90  ? 49 LYS A CG  1 
ATOM   357  C CD  . LYS A 1 45 ? -16.913 10.517  5.790   1.00 71.90  ? 49 LYS A CD  1 
ATOM   358  C CE  . LYS A 1 45 ? -18.394 10.277  6.065   1.00 77.34  ? 49 LYS A CE  1 
ATOM   359  N NZ  . LYS A 1 45 ? -18.797 8.859   5.842   1.00 79.08  ? 49 LYS A NZ  1 
ATOM   360  N N   . TYR A 1 46 ? -14.285 14.834  7.470   1.00 56.22  ? 50 TYR A N   1 
ATOM   361  C CA  . TYR A 1 46 ? -14.633 15.601  8.661   1.00 53.01  ? 50 TYR A CA  1 
ATOM   362  C C   . TYR A 1 46 ? -13.772 16.825  8.894   1.00 52.78  ? 50 TYR A C   1 
ATOM   363  O O   . TYR A 1 46 ? -13.769 17.378  9.993   1.00 53.06  ? 50 TYR A O   1 
ATOM   364  C CB  . TYR A 1 46 ? -14.576 14.723  9.907   1.00 55.30  ? 50 TYR A CB  1 
ATOM   365  C CG  . TYR A 1 46 ? -15.513 13.550  9.866   1.00 55.08  ? 50 TYR A CG  1 
ATOM   366  C CD1 . TYR A 1 46 ? -15.178 12.388  9.176   1.00 58.72  ? 50 TYR A CD1 1 
ATOM   367  C CD2 . TYR A 1 46 ? -16.742 13.601  10.514  1.00 55.89  ? 50 TYR A CD2 1 
ATOM   368  C CE1 . TYR A 1 46 ? -16.052 11.302  9.126   1.00 58.76  ? 50 TYR A CE1 1 
ATOM   369  C CE2 . TYR A 1 46 ? -17.622 12.528  10.468  1.00 59.06  ? 50 TYR A CE2 1 
ATOM   370  C CZ  . TYR A 1 46 ? -17.269 11.381  9.778   1.00 58.45  ? 50 TYR A CZ  1 
ATOM   371  O OH  . TYR A 1 46 ? -18.143 10.322  9.736   1.00 62.80  ? 50 TYR A OH  1 
ATOM   372  N N   . ASN A 1 47 ? -13.028 17.241  7.874   1.00 52.90  ? 51 ASN A N   1 
ATOM   373  C CA  . ASN A 1 47 ? -12.185 18.432  7.987   1.00 54.39  ? 51 ASN A CA  1 
ATOM   374  C C   . ASN A 1 47 ? -11.017 18.250  8.962   1.00 55.02  ? 51 ASN A C   1 
ATOM   375  O O   . ASN A 1 47 ? -11.124 17.523  9.953   1.00 50.90  ? 51 ASN A O   1 
ATOM   376  C CB  . ASN A 1 47 ? -13.036 19.622  8.449   1.00 55.57  ? 51 ASN A CB  1 
ATOM   377  C CG  . ASN A 1 47 ? -14.398 19.680  7.759   1.00 55.68  ? 51 ASN A CG  1 
ATOM   378  O OD1 . ASN A 1 47 ? -15.339 20.269  8.289   1.00 57.38  ? 51 ASN A OD1 1 
ATOM   379  N ND2 . ASN A 1 47 ? -14.504 19.075  6.575   1.00 51.39  ? 51 ASN A ND2 1 
ATOM   380  N N   . PRO A 1 48 ? -9.884  18.924  8.691   1.00 56.11  ? 52 PRO A N   1 
ATOM   381  C CA  . PRO A 1 48 ? -8.678  18.859  9.527   1.00 55.45  ? 52 PRO A CA  1 
ATOM   382  C C   . PRO A 1 48 ? -8.998  19.234  10.978  1.00 54.94  ? 52 PRO A C   1 
ATOM   383  O O   . PRO A 1 48 ? -10.004 19.890  11.239  1.00 55.93  ? 52 PRO A O   1 
ATOM   384  C CB  . PRO A 1 48 ? -7.747  19.874  8.868   1.00 56.01  ? 52 PRO A CB  1 
ATOM   385  C CG  . PRO A 1 48 ? -8.160  19.832  7.435   1.00 56.79  ? 52 PRO A CG  1 
ATOM   386  C CD  . PRO A 1 48 ? -9.666  19.813  7.536   1.00 55.58  ? 52 PRO A CD  1 
ATOM   387  N N   . THR A 1 49 ? -8.147  18.840  11.921  1.00 54.08  ? 53 THR A N   1 
ATOM   388  C CA  . THR A 1 49 ? -6.939  18.070  11.649  1.00 52.29  ? 53 THR A CA  1 
ATOM   389  C C   . THR A 1 49 ? -6.958  16.789  12.474  1.00 52.95  ? 53 THR A C   1 
ATOM   390  O O   . THR A 1 49 ? -7.204  16.825  13.684  1.00 52.61  ? 53 THR A O   1 
ATOM   391  C CB  . THR A 1 49 ? -5.674  18.879  12.028  1.00 54.46  ? 53 THR A CB  1 
ATOM   392  O OG1 . THR A 1 49 ? -5.576  20.033  11.185  1.00 53.77  ? 53 THR A OG1 1 
ATOM   393  C CG2 . THR A 1 49 ? -4.412  18.021  11.873  1.00 52.65  ? 53 THR A CG2 1 
ATOM   394  N N   . TRP A 1 50 ? -6.701  15.657  11.824  1.00 49.33  ? 54 TRP A N   1 
ATOM   395  C CA  . TRP A 1 50 ? -6.686  14.380  12.526  1.00 44.29  ? 54 TRP A CA  1 
ATOM   396  C C   . TRP A 1 50 ? -5.291  13.788  12.597  1.00 39.15  ? 54 TRP A C   1 
ATOM   397  O O   . TRP A 1 50 ? -4.373  14.246  11.921  1.00 39.48  ? 54 TRP A O   1 
ATOM   398  C CB  . TRP A 1 50 ? -7.622  13.387  11.856  1.00 44.03  ? 54 TRP A CB  1 
ATOM   399  C CG  . TRP A 1 50 ? -9.048  13.794  11.914  1.00 47.51  ? 54 TRP A CG  1 
ATOM   400  C CD1 . TRP A 1 50 ? -9.663  14.751  11.156  1.00 45.53  ? 54 TRP A CD1 1 
ATOM   401  C CD2 . TRP A 1 50 ? -10.058 13.241  12.765  1.00 46.44  ? 54 TRP A CD2 1 
ATOM   402  N NE1 . TRP A 1 50 ? -10.999 14.821  11.477  1.00 45.94  ? 54 TRP A NE1 1 
ATOM   403  C CE2 . TRP A 1 50 ? -11.268 13.907  12.462  1.00 47.07  ? 54 TRP A CE2 1 
ATOM   404  C CE3 . TRP A 1 50 ? -10.057 12.244  13.750  1.00 41.81  ? 54 TRP A CE3 1 
ATOM   405  C CZ2 . TRP A 1 50 ? -12.473 13.608  13.113  1.00 47.65  ? 54 TRP A CZ2 1 
ATOM   406  C CZ3 . TRP A 1 50 ? -11.254 11.945  14.400  1.00 47.98  ? 54 TRP A CZ3 1 
ATOM   407  C CH2 . TRP A 1 50 ? -12.448 12.628  14.075  1.00 50.16  ? 54 TRP A CH2 1 
ATOM   408  N N   . HIS A 1 51 ? -5.132  12.779  13.441  1.00 34.89  ? 55 HIS A N   1 
ATOM   409  C CA  . HIS A 1 51 ? -3.841  12.119  13.593  1.00 34.55  ? 55 HIS A CA  1 
ATOM   410  C C   . HIS A 1 51 ? -4.133  10.649  13.819  1.00 32.94  ? 55 HIS A C   1 
ATOM   411  O O   . HIS A 1 51 ? -5.126  10.301  14.464  1.00 32.17  ? 55 HIS A O   1 
ATOM   412  C CB  . HIS A 1 51 ? -3.073  12.708  14.783  1.00 33.43  ? 55 HIS A CB  1 
ATOM   413  C CG  . HIS A 1 51 ? -2.999  14.205  14.765  1.00 37.18  ? 55 HIS A CG  1 
ATOM   414  N ND1 . HIS A 1 51 ? -4.064  15.008  15.121  1.00 32.57  ? 55 HIS A ND1 1 
ATOM   415  C CD2 . HIS A 1 51 ? -1.992  15.044  14.421  1.00 34.95  ? 55 HIS A CD2 1 
ATOM   416  C CE1 . HIS A 1 51 ? -3.713  16.276  15.001  1.00 31.60  ? 55 HIS A CE1 1 
ATOM   417  N NE2 . HIS A 1 51 ? -2.461  16.327  14.579  1.00 34.77  ? 55 HIS A NE2 1 
ATOM   418  N N   . CYS A 1 52 ? -3.290  9.776   13.285  1.00 28.66  ? 56 CYS A N   1 
ATOM   419  C CA  . CYS A 1 52 ? -3.552  8.358   13.464  1.00 30.25  ? 56 CYS A CA  1 
ATOM   420  C C   . CYS A 1 52 ? -2.336  7.524   13.847  1.00 28.45  ? 56 CYS A C   1 
ATOM   421  O O   . CYS A 1 52 ? -1.224  7.720   13.335  1.00 24.09  ? 56 CYS A O   1 
ATOM   422  C CB  . CYS A 1 52 ? -4.187  7.773   12.196  1.00 23.80  ? 56 CYS A CB  1 
ATOM   423  S SG  . CYS A 1 52 ? -4.739  6.062   12.408  1.00 35.51  ? 56 CYS A SG  1 
ATOM   424  N N   . ILE A 1 53 ? -2.553  6.587   14.757  1.00 27.56  ? 57 ILE A N   1 
ATOM   425  C CA  . ILE A 1 53 ? -1.472  5.708   15.173  1.00 33.20  ? 57 ILE A CA  1 
ATOM   426  C C   . ILE A 1 53 ? -1.928  4.271   15.017  1.00 31.05  ? 57 ILE A C   1 
ATOM   427  O O   . ILE A 1 53 ? -3.021  3.905   15.451  1.00 35.69  ? 57 ILE A O   1 
ATOM   428  C CB  . ILE A 1 53 ? -1.080  5.949   16.634  1.00 36.09  ? 57 ILE A CB  1 
ATOM   429  C CG1 . ILE A 1 53 ? -0.755  7.429   16.836  1.00 36.77  ? 57 ILE A CG1 1 
ATOM   430  C CG2 . ILE A 1 53 ? 0.137   5.079   16.995  1.00 31.17  ? 57 ILE A CG2 1 
ATOM   431  C CD1 . ILE A 1 53 ? -0.570  7.805   18.291  1.00 46.86  ? 57 ILE A CD1 1 
ATOM   432  N N   . VAL A 1 54 ? -1.091  3.456   14.397  1.00 27.71  ? 58 VAL A N   1 
ATOM   433  C CA  . VAL A 1 54 ? -1.428  2.054   14.191  1.00 30.20  ? 58 VAL A CA  1 
ATOM   434  C C   . VAL A 1 54 ? -0.270  1.174   14.633  1.00 29.07  ? 58 VAL A C   1 
ATOM   435  O O   . VAL A 1 54 ? 0.886   1.415   14.258  1.00 28.48  ? 58 VAL A O   1 
ATOM   436  C CB  . VAL A 1 54 ? -1.722  1.774   12.700  1.00 30.32  ? 58 VAL A CB  1 
ATOM   437  C CG1 . VAL A 1 54 ? -2.128  0.331   12.519  1.00 25.37  ? 58 VAL A CG1 1 
ATOM   438  C CG2 . VAL A 1 54 ? -2.820  2.714   12.202  1.00 31.26  ? 58 VAL A CG2 1 
ATOM   439  N N   . GLY A 1 55 ? -0.570  0.150   15.420  1.00 24.33  ? 59 GLY A N   1 
ATOM   440  C CA  . GLY A 1 55 ? 0.499   -0.717  15.874  1.00 26.98  ? 59 GLY A CA  1 
ATOM   441  C C   . GLY A 1 55 ? 0.092   -1.771  16.885  1.00 29.67  ? 59 GLY A C   1 
ATOM   442  O O   . GLY A 1 55 ? -1.078  -1.903  17.234  1.00 29.28  ? 59 GLY A O   1 
ATOM   443  N N   . ARG A 1 56 ? 1.073   -2.534  17.351  1.00 32.73  ? 60 ARG A N   1 
ATOM   444  C CA  . ARG A 1 56 ? 0.808   -3.585  18.322  1.00 36.86  ? 60 ARG A CA  1 
ATOM   445  C C   . ARG A 1 56 ? 1.403   -3.252  19.685  1.00 36.65  ? 60 ARG A C   1 
ATOM   446  O O   . ARG A 1 56 ? 0.930   -3.759  20.704  1.00 33.61  ? 60 ARG A O   1 
ATOM   447  C CB  . ARG A 1 56 ? 1.353   -4.930  17.814  1.00 35.45  ? 60 ARG A CB  1 
ATOM   448  C CG  . ARG A 1 56 ? 0.558   -5.509  16.638  1.00 44.47  ? 60 ARG A CG  1 
ATOM   449  C CD  . ARG A 1 56 ? 1.198   -6.770  16.076  1.00 52.68  ? 60 ARG A CD  1 
ATOM   450  N NE  . ARG A 1 56 ? 1.391   -7.796  17.100  1.00 62.32  ? 60 ARG A NE  1 
ATOM   451  C CZ  . ARG A 1 56 ? 0.416   -8.517  17.651  1.00 63.99  ? 60 ARG A CZ  1 
ATOM   452  N NH1 . ARG A 1 56 ? -0.850  -8.342  17.283  1.00 64.12  ? 60 ARG A NH1 1 
ATOM   453  N NH2 . ARG A 1 56 ? 0.709   -9.410  18.588  1.00 62.94  ? 60 ARG A NH2 1 
ATOM   454  N N   . ASN A 1 57 ? 2.423   -2.391  19.709  1.00 32.23  ? 61 ASN A N   1 
ATOM   455  C CA  . ASN A 1 57 ? 3.045   -2.037  20.974  1.00 33.30  ? 61 ASN A CA  1 
ATOM   456  C C   . ASN A 1 57 ? 3.454   -0.575  21.092  1.00 29.27  ? 61 ASN A C   1 
ATOM   457  O O   . ASN A 1 57 ? 4.434   -0.126  20.491  1.00 33.02  ? 61 ASN A O   1 
ATOM   458  C CB  . ASN A 1 57 ? 4.262   -2.940  21.230  1.00 39.69  ? 61 ASN A CB  1 
ATOM   459  C CG  . ASN A 1 57 ? 4.755   -2.864  22.674  1.00 50.09  ? 61 ASN A CG  1 
ATOM   460  O OD1 . ASN A 1 57 ? 5.413   -1.896  23.082  1.00 49.77  ? 61 ASN A OD1 1 
ATOM   461  N ND2 . ASN A 1 57 ? 4.421   -3.886  23.461  1.00 55.32  ? 61 ASN A ND2 1 
ATOM   462  N N   . PHE A 1 58 ? 2.700   0.170   21.883  1.00 28.64  ? 62 PHE A N   1 
ATOM   463  C CA  . PHE A 1 58 ? 3.003   1.578   22.093  1.00 29.39  ? 62 PHE A CA  1 
ATOM   464  C C   . PHE A 1 58 ? 2.065   2.172   23.128  1.00 26.68  ? 62 PHE A C   1 
ATOM   465  O O   . PHE A 1 58 ? 0.985   1.639   23.394  1.00 30.19  ? 62 PHE A O   1 
ATOM   466  C CB  . PHE A 1 58 ? 2.875   2.362   20.771  1.00 33.20  ? 62 PHE A CB  1 
ATOM   467  C CG  . PHE A 1 58 ? 1.450   2.510   20.275  1.00 30.31  ? 62 PHE A CG  1 
ATOM   468  C CD1 . PHE A 1 58 ? 0.654   3.563   20.706  1.00 29.90  ? 62 PHE A CD1 1 
ATOM   469  C CD2 . PHE A 1 58 ? 0.913   1.593   19.370  1.00 37.37  ? 62 PHE A CD2 1 
ATOM   470  C CE1 . PHE A 1 58 ? -0.663  3.708   20.246  1.00 34.56  ? 62 PHE A CE1 1 
ATOM   471  C CE2 . PHE A 1 58 ? -0.408  1.725   18.895  1.00 40.30  ? 62 PHE A CE2 1 
ATOM   472  C CZ  . PHE A 1 58 ? -1.194  2.782   19.334  1.00 39.04  ? 62 PHE A CZ  1 
ATOM   473  N N   . GLY A 1 59 ? 2.503   3.271   23.724  1.00 27.77  ? 63 GLY A N   1 
ATOM   474  C CA  . GLY A 1 59 ? 1.694   3.973   24.697  1.00 25.69  ? 63 GLY A CA  1 
ATOM   475  C C   . GLY A 1 59 ? 1.688   5.411   24.204  1.00 31.02  ? 63 GLY A C   1 
ATOM   476  O O   . GLY A 1 59 ? 2.659   5.864   23.573  1.00 30.80  ? 63 GLY A O   1 
ATOM   477  N N   . SER A 1 60 ? 0.614   6.138   24.469  1.00 29.60  ? 64 SER A N   1 
ATOM   478  C CA  . SER A 1 60 ? 0.548   7.508   24.008  1.00 32.07  ? 64 SER A CA  1 
ATOM   479  C C   . SER A 1 60 ? -0.258  8.393   24.935  1.00 33.26  ? 64 SER A C   1 
ATOM   480  O O   . SER A 1 60 ? -1.064  7.907   25.735  1.00 33.36  ? 64 SER A O   1 
ATOM   481  C CB  . SER A 1 60 ? -0.086  7.548   22.626  1.00 37.46  ? 64 SER A CB  1 
ATOM   482  O OG  . SER A 1 60 ? -1.448  7.162   22.713  1.00 45.83  ? 64 SER A OG  1 
ATOM   483  N N   . TYR A 1 61 ? -0.030  9.695   24.811  1.00 32.10  ? 65 TYR A N   1 
ATOM   484  C CA  . TYR A 1 61 ? -0.748  10.695  25.586  1.00 31.38  ? 65 TYR A CA  1 
ATOM   485  C C   . TYR A 1 61 ? -0.990  11.860  24.638  1.00 28.97  ? 65 TYR A C   1 
ATOM   486  O O   . TYR A 1 61 ? -0.044  12.491  24.151  1.00 30.89  ? 65 TYR A O   1 
ATOM   487  C CB  . TYR A 1 61 ? 0.078   11.166  26.784  1.00 36.79  ? 65 TYR A CB  1 
ATOM   488  C CG  . TYR A 1 61 ? -0.776  11.755  27.882  1.00 35.63  ? 65 TYR A CG  1 
ATOM   489  C CD1 . TYR A 1 61 ? -1.661  10.952  28.603  1.00 36.52  ? 65 TYR A CD1 1 
ATOM   490  C CD2 . TYR A 1 61 ? -0.733  13.115  28.170  1.00 33.05  ? 65 TYR A CD2 1 
ATOM   491  C CE1 . TYR A 1 61 ? -2.488  11.492  29.588  1.00 38.06  ? 65 TYR A CE1 1 
ATOM   492  C CE2 . TYR A 1 61 ? -1.557  13.670  29.152  1.00 37.22  ? 65 TYR A CE2 1 
ATOM   493  C CZ  . TYR A 1 61 ? -2.434  12.854  29.852  1.00 38.88  ? 65 TYR A CZ  1 
ATOM   494  O OH  . TYR A 1 61 ? -3.290  13.404  30.780  1.00 44.26  ? 65 TYR A OH  1 
ATOM   495  N N   . VAL A 1 62 ? -2.256  12.154  24.376  1.00 28.26  ? 66 VAL A N   1 
ATOM   496  C CA  . VAL A 1 62 ? -2.575  13.228  23.434  1.00 30.20  ? 66 VAL A CA  1 
ATOM   497  C C   . VAL A 1 62 ? -3.714  14.119  23.921  1.00 33.90  ? 66 VAL A C   1 
ATOM   498  O O   . VAL A 1 62 ? -4.400  13.807  24.909  1.00 36.43  ? 66 VAL A O   1 
ATOM   499  C CB  . VAL A 1 62 ? -2.983  12.638  22.023  1.00 25.77  ? 66 VAL A CB  1 
ATOM   500  C CG1 . VAL A 1 62 ? -2.020  11.519  21.606  1.00 16.46  ? 66 VAL A CG1 1 
ATOM   501  C CG2 . VAL A 1 62 ? -4.395  12.085  22.074  1.00 16.65  ? 66 VAL A CG2 1 
ATOM   502  N N   . THR A 1 63 ? -3.900  15.232  23.220  1.00 36.69  ? 67 THR A N   1 
ATOM   503  C CA  . THR A 1 63 ? -4.950  16.190  23.542  1.00 40.01  ? 67 THR A CA  1 
ATOM   504  C C   . THR A 1 63 ? -5.870  16.213  22.325  1.00 38.63  ? 67 THR A C   1 
ATOM   505  O O   . THR A 1 63 ? -5.437  16.486  21.209  1.00 38.17  ? 67 THR A O   1 
ATOM   506  C CB  . THR A 1 63 ? -4.380  17.610  23.800  1.00 41.11  ? 67 THR A CB  1 
ATOM   507  O OG1 . THR A 1 63 ? -3.593  17.598  24.997  1.00 36.33  ? 67 THR A OG1 1 
ATOM   508  C CG2 . THR A 1 63 ? -5.520  18.625  23.957  1.00 39.90  ? 67 THR A CG2 1 
ATOM   509  N N   . HIS A 1 64 ? -7.141  15.926  22.552  1.00 39.92  ? 68 HIS A N   1 
ATOM   510  C CA  . HIS A 1 64 ? -8.107  15.869  21.469  1.00 44.50  ? 68 HIS A CA  1 
ATOM   511  C C   . HIS A 1 64 ? -9.384  16.648  21.757  1.00 46.49  ? 68 HIS A C   1 
ATOM   512  O O   . HIS A 1 64 ? -9.617  17.075  22.887  1.00 45.49  ? 68 HIS A O   1 
ATOM   513  C CB  . HIS A 1 64 ? -8.465  14.404  21.212  1.00 42.06  ? 68 HIS A CB  1 
ATOM   514  C CG  . HIS A 1 64 ? -9.050  13.705  22.404  1.00 42.63  ? 68 HIS A CG  1 
ATOM   515  N ND1 . HIS A 1 64 ? -10.403 13.682  22.668  1.00 46.06  ? 68 HIS A ND1 1 
ATOM   516  C CD2 . HIS A 1 64 ? -8.464  12.989  23.394  1.00 44.87  ? 68 HIS A CD2 1 
ATOM   517  C CE1 . HIS A 1 64 ? -10.628 12.974  23.762  1.00 45.17  ? 68 HIS A CE1 1 
ATOM   518  N NE2 . HIS A 1 64 ? -9.466  12.541  24.223  1.00 47.61  ? 68 HIS A NE2 1 
ATOM   519  N N   . GLU A 1 65 ? -10.207 16.822  20.725  1.00 48.08  ? 69 GLU A N   1 
ATOM   520  C CA  . GLU A 1 65 ? -11.489 17.498  20.872  1.00 50.68  ? 69 GLU A CA  1 
ATOM   521  C C   . GLU A 1 65 ? -12.440 16.412  21.345  1.00 50.48  ? 69 GLU A C   1 
ATOM   522  O O   . GLU A 1 65 ? -12.388 15.285  20.841  1.00 51.87  ? 69 GLU A O   1 
ATOM   523  C CB  . GLU A 1 65 ? -11.997 18.033  19.532  1.00 55.25  ? 69 GLU A CB  1 
ATOM   524  C CG  . GLU A 1 65 ? -11.099 19.037  18.842  1.00 62.51  ? 69 GLU A CG  1 
ATOM   525  C CD  . GLU A 1 65 ? -11.740 19.605  17.583  1.00 67.44  ? 69 GLU A CD  1 
ATOM   526  O OE1 . GLU A 1 65 ? -12.935 19.311  17.337  1.00 63.88  ? 69 GLU A OE1 1 
ATOM   527  O OE2 . GLU A 1 65 ? -11.047 20.349  16.846  1.00 71.79  ? 69 GLU A OE2 1 
ATOM   528  N N   . THR A 1 66 ? -13.301 16.729  22.305  1.00 50.46  ? 70 THR A N   1 
ATOM   529  C CA  . THR A 1 66 ? -14.245 15.736  22.807  1.00 51.58  ? 70 THR A CA  1 
ATOM   530  C C   . THR A 1 66 ? -15.128 15.258  21.663  1.00 50.87  ? 70 THR A C   1 
ATOM   531  O O   . THR A 1 66 ? -15.318 15.974  20.687  1.00 50.80  ? 70 THR A O   1 
ATOM   532  C CB  . THR A 1 66 ? -15.136 16.311  23.931  1.00 52.10  ? 70 THR A CB  1 
ATOM   533  O OG1 . THR A 1 66 ? -15.851 17.457  23.445  1.00 56.42  ? 70 THR A OG1 1 
ATOM   534  C CG2 . THR A 1 66 ? -14.285 16.711  25.125  1.00 54.15  ? 70 THR A CG2 1 
ATOM   535  N N   . LYS A 1 67 ? -15.662 14.048  21.792  1.00 54.20  ? 71 LYS A N   1 
ATOM   536  C CA  . LYS A 1 67 ? -16.516 13.452  20.769  1.00 56.10  ? 71 LYS A CA  1 
ATOM   537  C C   . LYS A 1 67 ? -15.757 13.182  19.467  1.00 54.75  ? 71 LYS A C   1 
ATOM   538  O O   . LYS A 1 67 ? -16.361 12.859  18.444  1.00 56.74  ? 71 LYS A O   1 
ATOM   539  C CB  . LYS A 1 67 ? -17.721 14.351  20.490  1.00 62.69  ? 71 LYS A CB  1 
ATOM   540  C CG  . LYS A 1 67 ? -18.632 14.558  21.692  1.00 70.34  ? 71 LYS A CG  1 
ATOM   541  C CD  . LYS A 1 67 ? -19.711 15.600  21.398  1.00 77.29  ? 71 LYS A CD  1 
ATOM   542  C CE  . LYS A 1 67 ? -20.537 15.924  22.643  1.00 78.99  ? 71 LYS A CE  1 
ATOM   543  N NZ  . LYS A 1 67 ? -21.571 16.971  22.387  1.00 79.48  ? 71 LYS A NZ  1 
ATOM   544  N N   . HIS A 1 68 ? -14.434 13.310  19.508  1.00 51.02  ? 72 HIS A N   1 
ATOM   545  C CA  . HIS A 1 68 ? -13.606 13.065  18.331  1.00 50.29  ? 72 HIS A CA  1 
ATOM   546  C C   . HIS A 1 68 ? -12.390 12.226  18.701  1.00 47.13  ? 72 HIS A C   1 
ATOM   547  O O   . HIS A 1 68 ? -11.243 12.629  18.485  1.00 45.00  ? 72 HIS A O   1 
ATOM   548  C CB  . HIS A 1 68 ? -13.165 14.391  17.713  1.00 54.65  ? 72 HIS A CB  1 
ATOM   549  C CG  . HIS A 1 68 ? -14.300 15.201  17.170  1.00 62.83  ? 72 HIS A CG  1 
ATOM   550  N ND1 . HIS A 1 68 ? -15.366 15.605  17.948  1.00 64.39  ? 72 HIS A ND1 1 
ATOM   551  C CD2 . HIS A 1 68 ? -14.555 15.654  15.920  1.00 65.31  ? 72 HIS A CD2 1 
ATOM   552  C CE1 . HIS A 1 68 ? -16.226 16.269  17.202  1.00 63.72  ? 72 HIS A CE1 1 
ATOM   553  N NE2 . HIS A 1 68 ? -15.760 16.312  15.967  1.00 68.44  ? 72 HIS A NE2 1 
ATOM   554  N N   . PHE A 1 69 ? -12.654 11.044  19.245  1.00 43.93  ? 73 PHE A N   1 
ATOM   555  C CA  . PHE A 1 69 ? -11.590 10.153  19.677  1.00 43.72  ? 73 PHE A CA  1 
ATOM   556  C C   . PHE A 1 69 ? -12.038 8.703   19.629  1.00 42.98  ? 73 PHE A C   1 
ATOM   557  O O   . PHE A 1 69 ? -13.159 8.377   20.026  1.00 44.43  ? 73 PHE A O   1 
ATOM   558  C CB  . PHE A 1 69 ? -11.182 10.507  21.115  1.00 45.27  ? 73 PHE A CB  1 
ATOM   559  C CG  . PHE A 1 69 ? -10.062 9.664   21.662  1.00 41.58  ? 73 PHE A CG  1 
ATOM   560  C CD1 . PHE A 1 69 ? -10.328 8.430   22.251  1.00 40.78  ? 73 PHE A CD1 1 
ATOM   561  C CD2 . PHE A 1 69 ? -8.743  10.106  21.589  1.00 39.60  ? 73 PHE A CD2 1 
ATOM   562  C CE1 . PHE A 1 69 ? -9.293  7.643   22.760  1.00 42.17  ? 73 PHE A CE1 1 
ATOM   563  C CE2 . PHE A 1 69 ? -7.697  9.333   22.095  1.00 41.89  ? 73 PHE A CE2 1 
ATOM   564  C CZ  . PHE A 1 69 ? -7.976  8.094   22.684  1.00 41.44  ? 73 PHE A CZ  1 
ATOM   565  N N   . ILE A 1 70 ? -11.166 7.831   19.135  1.00 40.94  ? 74 ILE A N   1 
ATOM   566  C CA  . ILE A 1 70 ? -11.476 6.408   19.094  1.00 41.28  ? 74 ILE A CA  1 
ATOM   567  C C   . ILE A 1 70 ? -10.210 5.546   19.125  1.00 42.60  ? 74 ILE A C   1 
ATOM   568  O O   . ILE A 1 70 ? -9.224  5.813   18.423  1.00 42.30  ? 74 ILE A O   1 
ATOM   569  C CB  . ILE A 1 70 ? -12.331 6.030   17.848  1.00 42.42  ? 74 ILE A CB  1 
ATOM   570  C CG1 . ILE A 1 70 ? -12.835 4.587   17.987  1.00 42.28  ? 74 ILE A CG1 1 
ATOM   571  C CG2 . ILE A 1 70 ? -11.501 6.167   16.562  1.00 42.40  ? 74 ILE A CG2 1 
ATOM   572  C CD1 . ILE A 1 70 ? -13.887 4.187   16.966  1.00 32.78  ? 74 ILE A CD1 1 
ATOM   573  N N   . TYR A 1 71 ? -10.243 4.533   19.983  1.00 45.50  ? 75 TYR A N   1 
ATOM   574  C CA  . TYR A 1 71 ? -9.155  3.571   20.139  1.00 44.64  ? 75 TYR A CA  1 
ATOM   575  C C   . TYR A 1 71 ? -9.832  2.214   19.995  1.00 41.04  ? 75 TYR A C   1 
ATOM   576  O O   . TYR A 1 71 ? -10.800 1.919   20.702  1.00 36.33  ? 75 TYR A O   1 
ATOM   577  C CB  . TYR A 1 71 ? -8.498  3.719   21.523  1.00 47.11  ? 75 TYR A CB  1 
ATOM   578  C CG  . TYR A 1 71 ? -7.680  2.521   21.979  1.00 53.45  ? 75 TYR A CG  1 
ATOM   579  C CD1 . TYR A 1 71 ? -6.792  1.881   21.115  1.00 55.19  ? 75 TYR A CD1 1 
ATOM   580  C CD2 . TYR A 1 71 ? -7.786  2.034   23.287  1.00 57.03  ? 75 TYR A CD2 1 
ATOM   581  C CE1 . TYR A 1 71 ? -6.032  0.790   21.535  1.00 52.69  ? 75 TYR A CE1 1 
ATOM   582  C CE2 . TYR A 1 71 ? -7.022  0.943   23.719  1.00 53.36  ? 75 TYR A CE2 1 
ATOM   583  C CZ  . TYR A 1 71 ? -6.149  0.326   22.835  1.00 54.96  ? 75 TYR A CZ  1 
ATOM   584  O OH  . TYR A 1 71 ? -5.388  -0.751  23.244  1.00 53.63  ? 75 TYR A OH  1 
ATOM   585  N N   . PHE A 1 72 ? -9.351  1.398   19.062  1.00 40.10  ? 76 PHE A N   1 
ATOM   586  C CA  . PHE A 1 72 ? -9.970  0.096   18.851  1.00 38.30  ? 76 PHE A CA  1 
ATOM   587  C C   . PHE A 1 72 ? -9.049  -0.924  18.211  1.00 37.38  ? 76 PHE A C   1 
ATOM   588  O O   . PHE A 1 72 ? -7.958  -0.598  17.737  1.00 30.45  ? 76 PHE A O   1 
ATOM   589  C CB  . PHE A 1 72 ? -11.242 0.247   18.002  1.00 39.49  ? 76 PHE A CB  1 
ATOM   590  C CG  . PHE A 1 72 ? -10.987 0.714   16.583  1.00 43.41  ? 76 PHE A CG  1 
ATOM   591  C CD1 . PHE A 1 72 ? -10.766 2.063   16.306  1.00 41.76  ? 76 PHE A CD1 1 
ATOM   592  C CD2 . PHE A 1 72 ? -10.963 -0.199  15.526  1.00 43.71  ? 76 PHE A CD2 1 
ATOM   593  C CE1 . PHE A 1 72 ? -10.522 2.498   14.996  1.00 44.71  ? 76 PHE A CE1 1 
ATOM   594  C CE2 . PHE A 1 72 ? -10.720 0.223   14.218  1.00 41.92  ? 76 PHE A CE2 1 
ATOM   595  C CZ  . PHE A 1 72 ? -10.500 1.579   13.951  1.00 43.63  ? 76 PHE A CZ  1 
ATOM   596  N N   . TYR A 1 73 ? -9.514  -2.168  18.219  1.00 38.51  ? 77 TYR A N   1 
ATOM   597  C CA  . TYR A 1 73 ? -8.781  -3.283  17.648  1.00 44.42  ? 77 TYR A CA  1 
ATOM   598  C C   . TYR A 1 73 ? -9.415  -3.737  16.349  1.00 45.00  ? 77 TYR A C   1 
ATOM   599  O O   . TYR A 1 73 ? -10.638 -3.817  16.234  1.00 45.45  ? 77 TYR A O   1 
ATOM   600  C CB  . TYR A 1 73 ? -8.765  -4.471  18.616  1.00 47.19  ? 77 TYR A CB  1 
ATOM   601  C CG  . TYR A 1 73 ? -7.843  -4.326  19.804  1.00 52.35  ? 77 TYR A CG  1 
ATOM   602  C CD1 . TYR A 1 73 ? -6.970  -3.250  19.909  1.00 52.62  ? 77 TYR A CD1 1 
ATOM   603  C CD2 . TYR A 1 73 ? -7.814  -5.299  20.807  1.00 57.01  ? 77 TYR A CD2 1 
ATOM   604  C CE1 . TYR A 1 73 ? -6.091  -3.139  20.972  1.00 60.18  ? 77 TYR A CE1 1 
ATOM   605  C CE2 . TYR A 1 73 ? -6.933  -5.202  21.879  1.00 62.10  ? 77 TYR A CE2 1 
ATOM   606  C CZ  . TYR A 1 73 ? -6.073  -4.116  21.952  1.00 63.93  ? 77 TYR A CZ  1 
ATOM   607  O OH  . TYR A 1 73 ? -5.185  -4.003  22.997  1.00 70.56  ? 77 TYR A OH  1 
ATOM   608  N N   . LEU A 1 74 ? -8.569  -4.027  15.371  1.00 47.18  ? 78 LEU A N   1 
ATOM   609  C CA  . LEU A 1 74 ? -9.020  -4.520  14.081  1.00 48.88  ? 78 LEU A CA  1 
ATOM   610  C C   . LEU A 1 74 ? -7.926  -5.464  13.615  1.00 53.43  ? 78 LEU A C   1 
ATOM   611  O O   . LEU A 1 74 ? -6.763  -5.075  13.500  1.00 51.17  ? 78 LEU A O   1 
ATOM   612  C CB  . LEU A 1 74 ? -9.206  -3.377  13.088  1.00 48.62  ? 78 LEU A CB  1 
ATOM   613  C CG  . LEU A 1 74 ? -9.878  -3.786  11.770  1.00 47.64  ? 78 LEU A CG  1 
ATOM   614  C CD1 . LEU A 1 74 ? -11.192 -4.525  12.038  1.00 41.90  ? 78 LEU A CD1 1 
ATOM   615  C CD2 . LEU A 1 74 ? -10.128 -2.544  10.945  1.00 46.81  ? 78 LEU A CD2 1 
ATOM   616  N N   . GLY A 1 75 ? -8.295  -6.712  13.353  1.00 59.73  ? 79 GLY A N   1 
ATOM   617  C CA  . GLY A 1 75 ? -7.290  -7.676  12.955  1.00 64.10  ? 79 GLY A CA  1 
ATOM   618  C C   . GLY A 1 75 ? -6.431  -7.853  14.192  1.00 64.60  ? 79 GLY A C   1 
ATOM   619  O O   . GLY A 1 75 ? -6.969  -7.990  15.294  1.00 63.28  ? 79 GLY A O   1 
ATOM   620  N N   . GLN A 1 76 ? -5.109  -7.832  14.028  1.00 64.77  ? 80 GLN A N   1 
ATOM   621  C CA  . GLN A 1 76 ? -4.209  -7.978  15.170  1.00 65.93  ? 80 GLN A CA  1 
ATOM   622  C C   . GLN A 1 76 ? -3.528  -6.645  15.475  1.00 61.18  ? 80 GLN A C   1 
ATOM   623  O O   . GLN A 1 76 ? -2.517  -6.591  16.178  1.00 61.18  ? 80 GLN A O   1 
ATOM   624  C CB  . GLN A 1 76 ? -3.143  -9.048  14.901  1.00 73.02  ? 80 GLN A CB  1 
ATOM   625  C CG  . GLN A 1 76 ? -2.158  -8.674  13.809  1.00 81.48  ? 80 GLN A CG  1 
ATOM   626  C CD  . GLN A 1 76 ? -2.809  -8.630  12.447  1.00 87.64  ? 80 GLN A CD  1 
ATOM   627  O OE1 . GLN A 1 76 ? -2.992  -9.665  11.801  1.00 92.03  ? 80 GLN A OE1 1 
ATOM   628  N NE2 . GLN A 1 76 ? -3.181  -7.432  12.005  1.00 89.60  ? 80 GLN A NE2 1 
ATOM   629  N N   . VAL A 1 77 ? -4.096  -5.567  14.948  1.00 53.99  ? 81 VAL A N   1 
ATOM   630  C CA  . VAL A 1 77 ? -3.537  -4.247  15.162  1.00 44.40  ? 81 VAL A CA  1 
ATOM   631  C C   . VAL A 1 77 ? -4.491  -3.369  15.973  1.00 39.12  ? 81 VAL A C   1 
ATOM   632  O O   . VAL A 1 77 ? -5.694  -3.648  16.076  1.00 34.68  ? 81 VAL A O   1 
ATOM   633  C CB  . VAL A 1 77 ? -3.211  -3.568  13.807  1.00 44.49  ? 81 VAL A CB  1 
ATOM   634  C CG1 . VAL A 1 77 ? -4.384  -2.729  13.329  1.00 47.57  ? 81 VAL A CG1 1 
ATOM   635  C CG2 . VAL A 1 77 ? -1.971  -2.722  13.942  1.00 47.39  ? 81 VAL A CG2 1 
ATOM   636  N N   . ALA A 1 78 ? -3.935  -2.323  16.573  1.00 32.36  ? 82 ALA A N   1 
ATOM   637  C CA  . ALA A 1 78 ? -4.719  -1.385  17.364  1.00 33.32  ? 82 ALA A CA  1 
ATOM   638  C C   . ALA A 1 78 ? -4.625  -0.042  16.665  1.00 32.44  ? 82 ALA A C   1 
ATOM   639  O O   . ALA A 1 78 ? -3.557  0.356   16.178  1.00 31.31  ? 82 ALA A O   1 
ATOM   640  C CB  . ALA A 1 78 ? -4.163  -1.272  18.776  1.00 30.92  ? 82 ALA A CB  1 
ATOM   641  N N   . ILE A 1 79 ? -5.743  0.661   16.610  1.00 33.39  ? 83 ILE A N   1 
ATOM   642  C CA  . ILE A 1 79 ? -5.748  1.953   15.957  1.00 37.07  ? 83 ILE A CA  1 
ATOM   643  C C   . ILE A 1 79 ? -6.230  3.049   16.881  1.00 37.07  ? 83 ILE A C   1 
ATOM   644  O O   . ILE A 1 79 ? -7.228  2.900   17.598  1.00 38.46  ? 83 ILE A O   1 
ATOM   645  C CB  . ILE A 1 79 ? -6.627  1.919   14.689  1.00 41.32  ? 83 ILE A CB  1 
ATOM   646  C CG1 . ILE A 1 79 ? -6.040  0.915   13.694  1.00 42.30  ? 83 ILE A CG1 1 
ATOM   647  C CG2 . ILE A 1 79 ? -6.682  3.299   14.051  1.00 38.43  ? 83 ILE A CG2 1 
ATOM   648  C CD1 . ILE A 1 79 ? -7.059  0.269   12.805  1.00 42.28  ? 83 ILE A CD1 1 
ATOM   649  N N   . LEU A 1 80 ? -5.477  4.139   16.881  1.00 35.31  ? 84 LEU A N   1 
ATOM   650  C CA  . LEU A 1 80 ? -5.806  5.306   17.675  1.00 36.17  ? 84 LEU A CA  1 
ATOM   651  C C   . LEU A 1 80 ? -6.021  6.430   16.663  1.00 36.18  ? 84 LEU A C   1 
ATOM   652  O O   . LEU A 1 80 ? -5.093  6.802   15.935  1.00 31.82  ? 84 LEU A O   1 
ATOM   653  C CB  . LEU A 1 80 ? -4.652  5.663   18.622  1.00 31.70  ? 84 LEU A CB  1 
ATOM   654  C CG  . LEU A 1 80 ? -4.735  7.041   19.294  1.00 35.14  ? 84 LEU A CG  1 
ATOM   655  C CD1 . LEU A 1 80 ? -6.019  7.137   20.088  1.00 34.98  ? 84 LEU A CD1 1 
ATOM   656  C CD2 . LEU A 1 80 ? -3.530  7.280   20.207  1.00 25.92  ? 84 LEU A CD2 1 
ATOM   657  N N   . LEU A 1 81 ? -7.252  6.934   16.594  1.00 35.55  ? 85 LEU A N   1 
ATOM   658  C CA  . LEU A 1 81 ? -7.587  8.021   15.677  1.00 37.56  ? 85 LEU A CA  1 
ATOM   659  C C   . LEU A 1 81 ? -8.238  9.148   16.470  1.00 36.89  ? 85 LEU A C   1 
ATOM   660  O O   . LEU A 1 81 ? -9.220  8.930   17.192  1.00 34.21  ? 85 LEU A O   1 
ATOM   661  C CB  . LEU A 1 81 ? -8.551  7.534   14.585  1.00 38.56  ? 85 LEU A CB  1 
ATOM   662  C CG  . LEU A 1 81 ? -9.074  8.588   13.595  1.00 35.87  ? 85 LEU A CG  1 
ATOM   663  C CD1 . LEU A 1 81 ? -7.940  9.070   12.695  1.00 33.87  ? 85 LEU A CD1 1 
ATOM   664  C CD2 . LEU A 1 81 ? -10.211 7.989   12.766  1.00 35.91  ? 85 LEU A CD2 1 
ATOM   665  N N   . PHE A 1 82 ? -7.704  10.356  16.333  1.00 32.42  ? 86 PHE A N   1 
ATOM   666  C CA  . PHE A 1 82 ? -8.265  11.478  17.077  1.00 37.33  ? 86 PHE A CA  1 
ATOM   667  C C   . PHE A 1 82 ? -8.003  12.800  16.382  1.00 38.75  ? 86 PHE A C   1 
ATOM   668  O O   . PHE A 1 82 ? -7.031  12.946  15.639  1.00 39.98  ? 86 PHE A O   1 
ATOM   669  C CB  . PHE A 1 82 ? -7.664  11.522  18.486  1.00 31.29  ? 86 PHE A CB  1 
ATOM   670  C CG  . PHE A 1 82 ? -6.216  11.910  18.506  1.00 27.92  ? 86 PHE A CG  1 
ATOM   671  C CD1 . PHE A 1 82 ? -5.227  10.947  18.375  1.00 23.05  ? 86 PHE A CD1 1 
ATOM   672  C CD2 . PHE A 1 82 ? -5.840  13.244  18.613  1.00 28.27  ? 86 PHE A CD2 1 
ATOM   673  C CE1 . PHE A 1 82 ? -3.882  11.303  18.349  1.00 25.75  ? 86 PHE A CE1 1 
ATOM   674  C CE2 . PHE A 1 82 ? -4.491  13.614  18.591  1.00 30.44  ? 86 PHE A CE2 1 
ATOM   675  C CZ  . PHE A 1 82 ? -3.511  12.639  18.458  1.00 22.38  ? 86 PHE A CZ  1 
ATOM   676  N N   . LYS A 1 83 ? -8.872  13.769  16.647  1.00 43.78  ? 87 LYS A N   1 
ATOM   677  C CA  . LYS A 1 83 ? -8.739  15.089  16.055  1.00 46.26  ? 87 LYS A CA  1 
ATOM   678  C C   . LYS A 1 83 ? -8.308  16.122  17.085  1.00 47.55  ? 87 LYS A C   1 
ATOM   679  O O   . LYS A 1 83 ? -8.778  16.123  18.220  1.00 48.78  ? 87 LYS A O   1 
ATOM   680  C CB  . LYS A 1 83 ? -10.067 15.519  15.428  1.00 50.74  ? 87 LYS A CB  1 
ATOM   681  C CG  . LYS A 1 83 ? -10.052 16.939  14.883  1.00 55.52  ? 87 LYS A CG  1 
ATOM   682  C CD  . LYS A 1 83 ? -11.306 17.243  14.084  1.00 59.20  ? 87 LYS A CD  1 
ATOM   683  C CE  . LYS A 1 83 ? -11.288 18.667  13.543  1.00 61.00  ? 87 LYS A CE  1 
ATOM   684  N NZ  . LYS A 1 83 ? -12.302 18.845  12.466  1.00 62.47  ? 87 LYS A NZ  1 
ATOM   685  N N   . SER A 1 84 ? -7.400  16.997  16.681  1.00 49.86  ? 88 SER A N   1 
ATOM   686  C CA  . SER A 1 84 ? -6.920  18.060  17.547  1.00 55.05  ? 88 SER A CA  1 
ATOM   687  C C   . SER A 1 84 ? -6.551  19.204  16.617  1.00 59.06  ? 88 SER A C   1 
ATOM   688  O O   . SER A 1 84 ? -5.552  19.129  15.892  1.00 56.96  ? 88 SER A O   1 
ATOM   689  C CB  . SER A 1 84 ? -5.688  17.615  18.332  1.00 53.84  ? 88 SER A CB  1 
ATOM   690  O OG  . SER A 1 84 ? -4.553  17.573  17.488  1.00 56.30  ? 88 SER A OG  1 
ATOM   691  N N   . GLY A 1 85 ? -7.373  20.253  16.630  1.00 62.07  ? 89 GLY A N   1 
ATOM   692  C CA  . GLY A 1 85 ? -7.130  21.396  15.769  1.00 64.95  ? 89 GLY A CA  1 
ATOM   693  C C   . GLY A 1 85 ? -7.960  21.332  14.496  1.00 65.50  ? 89 GLY A C   1 
ATOM   694  O O   . GLY A 1 85 ? -8.799  20.412  14.373  1.00 62.96  ? 89 GLY A O   1 
ATOM   695  O OXT . GLY A 1 85 ? -7.777  22.205  13.620  1.00 69.52  ? 89 GLY A OXT 1 
ATOM   696  N N   . LYS B 1 1  ? 15.248  -12.229 -2.746  1.00 74.40  ? 5  LYS B N   1 
ATOM   697  C CA  . LYS B 1 1  ? 15.969  -13.024 -3.784  1.00 75.66  ? 5  LYS B CA  1 
ATOM   698  C C   . LYS B 1 1  ? 15.346  -12.861 -5.172  1.00 72.70  ? 5  LYS B C   1 
ATOM   699  O O   . LYS B 1 1  ? 14.342  -13.504 -5.496  1.00 70.35  ? 5  LYS B O   1 
ATOM   700  C CB  . LYS B 1 1  ? 15.980  -14.508 -3.400  1.00 80.48  ? 5  LYS B CB  1 
ATOM   701  C CG  . LYS B 1 1  ? 16.667  -15.414 -4.427  1.00 86.21  ? 5  LYS B CG  1 
ATOM   702  C CD  . LYS B 1 1  ? 16.752  -16.865 -3.950  1.00 89.31  ? 5  LYS B CD  1 
ATOM   703  C CE  . LYS B 1 1  ? 17.604  -17.002 -2.688  1.00 89.43  ? 5  LYS B CE  1 
ATOM   704  N NZ  . LYS B 1 1  ? 19.002  -16.521 -2.890  1.00 89.55  ? 5  LYS B NZ  1 
ATOM   705  N N   . ALA B 1 2  ? 15.953  -12.001 -5.985  1.00 68.70  ? 6  ALA B N   1 
ATOM   706  C CA  . ALA B 1 2  ? 15.474  -11.749 -7.338  1.00 68.22  ? 6  ALA B CA  1 
ATOM   707  C C   . ALA B 1 2  ? 16.191  -12.627 -8.356  1.00 68.19  ? 6  ALA B C   1 
ATOM   708  O O   . ALA B 1 2  ? 17.422  -12.693 -8.373  1.00 67.37  ? 6  ALA B O   1 
ATOM   709  C CB  . ALA B 1 2  ? 15.668  -10.287 -7.695  1.00 66.71  ? 6  ALA B CB  1 
ATOM   710  N N   . VAL B 1 3  ? 15.413  -13.295 -9.206  1.00 66.51  ? 7  VAL B N   1 
ATOM   711  C CA  . VAL B 1 3  ? 15.963  -14.165 -10.244 1.00 64.26  ? 7  VAL B CA  1 
ATOM   712  C C   . VAL B 1 3  ? 15.515  -13.699 -11.624 1.00 61.79  ? 7  VAL B C   1 
ATOM   713  O O   . VAL B 1 3  ? 14.375  -13.933 -12.017 1.00 62.15  ? 7  VAL B O   1 
ATOM   714  C CB  . VAL B 1 3  ? 15.488  -15.622 -10.071 1.00 65.61  ? 7  VAL B CB  1 
ATOM   715  C CG1 . VAL B 1 3  ? 16.136  -16.505 -11.128 1.00 62.39  ? 7  VAL B CG1 1 
ATOM   716  C CG2 . VAL B 1 3  ? 15.808  -16.115 -8.676  1.00 67.20  ? 7  VAL B CG2 1 
ATOM   717  N N   . ILE B 1 4  ? 16.404  -13.042 -12.359 1.00 61.00  ? 8  ILE B N   1 
ATOM   718  C CA  . ILE B 1 4  ? 16.061  -12.574 -13.695 1.00 62.92  ? 8  ILE B CA  1 
ATOM   719  C C   . ILE B 1 4  ? 15.924  -13.779 -14.624 1.00 64.93  ? 8  ILE B C   1 
ATOM   720  O O   . ILE B 1 4  ? 16.908  -14.450 -14.928 1.00 67.44  ? 8  ILE B O   1 
ATOM   721  C CB  . ILE B 1 4  ? 17.139  -11.610 -14.255 1.00 62.16  ? 8  ILE B CB  1 
ATOM   722  C CG1 . ILE B 1 4  ? 17.063  -10.250 -13.548 1.00 62.68  ? 8  ILE B CG1 1 
ATOM   723  C CG2 . ILE B 1 4  ? 16.918  -11.391 -15.747 1.00 62.24  ? 8  ILE B CG2 1 
ATOM   724  C CD1 . ILE B 1 4  ? 17.300  -10.287 -12.055 1.00 61.08  ? 8  ILE B CD1 1 
ATOM   725  N N   . LYS B 1 5  ? 14.700  -14.058 -15.063 1.00 65.10  ? 9  LYS B N   1 
ATOM   726  C CA  . LYS B 1 5  ? 14.445  -15.187 -15.953 1.00 66.40  ? 9  LYS B CA  1 
ATOM   727  C C   . LYS B 1 5  ? 14.640  -14.802 -17.414 1.00 65.97  ? 9  LYS B C   1 
ATOM   728  O O   . LYS B 1 5  ? 15.214  -15.557 -18.192 1.00 67.04  ? 9  LYS B O   1 
ATOM   729  C CB  . LYS B 1 5  ? 13.018  -15.708 -15.766 1.00 68.58  ? 9  LYS B CB  1 
ATOM   730  C CG  . LYS B 1 5  ? 12.728  -16.309 -14.410 1.00 73.20  ? 9  LYS B CG  1 
ATOM   731  C CD  . LYS B 1 5  ? 13.502  -17.595 -14.185 1.00 76.59  ? 9  LYS B CD  1 
ATOM   732  C CE  . LYS B 1 5  ? 13.080  -18.260 -12.881 1.00 78.91  ? 9  LYS B CE  1 
ATOM   733  N NZ  . LYS B 1 5  ? 13.884  -19.479 -12.592 1.00 81.37  ? 9  LYS B NZ  1 
ATOM   734  N N   . ASN B 1 6  ? 14.154  -13.625 -17.785 1.00 65.91  ? 10 ASN B N   1 
ATOM   735  C CA  . ASN B 1 6  ? 14.277  -13.151 -19.156 1.00 65.96  ? 10 ASN B CA  1 
ATOM   736  C C   . ASN B 1 6  ? 14.351  -11.633 -19.117 1.00 65.89  ? 10 ASN B C   1 
ATOM   737  O O   . ASN B 1 6  ? 13.412  -10.978 -18.671 1.00 66.33  ? 10 ASN B O   1 
ATOM   738  C CB  . ASN B 1 6  ? 13.056  -13.592 -19.963 1.00 67.81  ? 10 ASN B CB  1 
ATOM   739  C CG  . ASN B 1 6  ? 13.238  -13.401 -21.457 1.00 69.59  ? 10 ASN B CG  1 
ATOM   740  O OD1 . ASN B 1 6  ? 13.660  -12.340 -21.920 1.00 73.37  ? 10 ASN B OD1 1 
ATOM   741  N ND2 . ASN B 1 6  ? 12.903  -14.429 -22.221 1.00 71.28  ? 10 ASN B ND2 1 
ATOM   742  N N   . ALA B 1 7  ? 15.464  -11.070 -19.576 1.00 66.46  ? 11 ALA B N   1 
ATOM   743  C CA  . ALA B 1 7  ? 15.626  -9.621  -19.565 1.00 69.50  ? 11 ALA B CA  1 
ATOM   744  C C   . ALA B 1 7  ? 16.316  -9.106  -20.813 1.00 70.97  ? 11 ALA B C   1 
ATOM   745  O O   . ALA B 1 7  ? 17.238  -9.735  -21.323 1.00 71.51  ? 11 ALA B O   1 
ATOM   746  C CB  . ALA B 1 7  ? 16.409  -9.196  -18.336 1.00 69.39  ? 11 ALA B CB  1 
ATOM   747  N N   . ASP B 1 8  ? 15.869  -7.950  -21.295 1.00 74.28  ? 12 ASP B N   1 
ATOM   748  C CA  . ASP B 1 8  ? 16.450  -7.348  -22.488 1.00 78.73  ? 12 ASP B CA  1 
ATOM   749  C C   . ASP B 1 8  ? 16.884  -5.910  -22.221 1.00 77.37  ? 12 ASP B C   1 
ATOM   750  O O   . ASP B 1 8  ? 17.353  -5.214  -23.122 1.00 78.91  ? 12 ASP B O   1 
ATOM   751  C CB  . ASP B 1 8  ? 15.432  -7.376  -23.631 1.00 85.37  ? 12 ASP B CB  1 
ATOM   752  C CG  . ASP B 1 8  ? 14.921  -8.782  -23.925 1.00 94.30  ? 12 ASP B CG  1 
ATOM   753  O OD1 . ASP B 1 8  ? 15.748  -9.671  -24.232 1.00 96.48  ? 12 ASP B OD1 1 
ATOM   754  O OD2 . ASP B 1 8  ? 13.691  -8.998  -23.850 1.00 99.99  ? 12 ASP B OD2 1 
ATOM   755  N N   . MET B 1 9  ? 16.739  -5.471  -20.978 1.00 73.99  ? 13 MET B N   1 
ATOM   756  C CA  . MET B 1 9  ? 17.097  -4.109  -20.612 1.00 72.26  ? 13 MET B CA  1 
ATOM   757  C C   . MET B 1 9  ? 18.490  -3.961  -20.009 1.00 73.83  ? 13 MET B C   1 
ATOM   758  O O   . MET B 1 9  ? 19.112  -4.938  -19.587 1.00 71.90  ? 13 MET B O   1 
ATOM   759  C CB  . MET B 1 9  ? 16.054  -3.555  -19.644 1.00 67.66  ? 13 MET B CB  1 
ATOM   760  C CG  . MET B 1 9  ? 15.661  -4.536  -18.568 1.00 59.97  ? 13 MET B CG  1 
ATOM   761  S SD  . MET B 1 9  ? 14.495  -3.840  -17.395 1.00 58.87  ? 13 MET B SD  1 
ATOM   762  C CE  . MET B 1 9  ? 13.132  -3.350  -18.462 1.00 48.21  ? 13 MET B CE  1 
ATOM   763  N N   . SER B 1 10 ? 18.960  -2.716  -19.971 1.00 75.13  ? 14 SER B N   1 
ATOM   764  C CA  . SER B 1 10 ? 20.273  -2.381  -19.430 1.00 77.52  ? 14 SER B CA  1 
ATOM   765  C C   . SER B 1 10 ? 20.404  -2.754  -17.959 1.00 77.29  ? 14 SER B C   1 
ATOM   766  O O   . SER B 1 10 ? 19.443  -2.662  -17.198 1.00 77.07  ? 14 SER B O   1 
ATOM   767  C CB  . SER B 1 10 ? 20.537  -0.884  -19.598 1.00 79.21  ? 14 SER B CB  1 
ATOM   768  O OG  . SER B 1 10 ? 19.556  -0.116  -18.919 1.00 81.25  ? 14 SER B OG  1 
ATOM   769  N N   . GLU B 1 11 ? 21.608  -3.160  -17.566 1.00 79.24  ? 15 GLU B N   1 
ATOM   770  C CA  . GLU B 1 11 ? 21.890  -3.559  -16.188 1.00 80.57  ? 15 GLU B CA  1 
ATOM   771  C C   . GLU B 1 11 ? 21.528  -2.491  -15.155 1.00 78.49  ? 15 GLU B C   1 
ATOM   772  O O   . GLU B 1 11 ? 21.557  -2.748  -13.952 1.00 77.77  ? 15 GLU B O   1 
ATOM   773  C CB  . GLU B 1 11 ? 23.367  -3.939  -16.051 1.00 83.88  ? 15 GLU B CB  1 
ATOM   774  C CG  . GLU B 1 11 ? 24.332  -2.877  -16.569 1.00 90.78  ? 15 GLU B CG  1 
ATOM   775  C CD  . GLU B 1 11 ? 25.777  -3.354  -16.596 1.00 93.76  ? 15 GLU B CD  1 
ATOM   776  O OE1 . GLU B 1 11 ? 26.028  -4.513  -16.199 1.00 95.06  ? 15 GLU B OE1 1 
ATOM   777  O OE2 . GLU B 1 11 ? 26.661  -2.570  -17.016 1.00 93.28  ? 15 GLU B OE2 1 
ATOM   778  N N   . GLU B 1 12 ? 21.191  -1.296  -15.621 1.00 76.81  ? 16 GLU B N   1 
ATOM   779  C CA  . GLU B 1 12 ? 20.813  -0.219  -14.717 1.00 76.87  ? 16 GLU B CA  1 
ATOM   780  C C   . GLU B 1 12 ? 19.298  -0.248  -14.570 1.00 73.63  ? 16 GLU B C   1 
ATOM   781  O O   . GLU B 1 12 ? 18.764  -0.186  -13.462 1.00 73.84  ? 16 GLU B O   1 
ATOM   782  C CB  . GLU B 1 12 ? 21.251  1.132   -15.282 1.00 81.85  ? 16 GLU B CB  1 
ATOM   783  C CG  . GLU B 1 12 ? 22.696  1.172   -15.751 1.00 89.40  ? 16 GLU B CG  1 
ATOM   784  C CD  . GLU B 1 12 ? 23.161  2.577   -16.090 1.00 93.32  ? 16 GLU B CD  1 
ATOM   785  O OE1 . GLU B 1 12 ? 23.300  3.397   -15.158 1.00 95.42  ? 16 GLU B OE1 1 
ATOM   786  O OE2 . GLU B 1 12 ? 23.380  2.863   -17.287 1.00 95.77  ? 16 GLU B OE2 1 
ATOM   787  N N   . MET B 1 13 ? 18.614  -0.348  -15.705 1.00 70.32  ? 17 MET B N   1 
ATOM   788  C CA  . MET B 1 13 ? 17.157  -0.405  -15.739 1.00 65.77  ? 17 MET B CA  1 
ATOM   789  C C   . MET B 1 13 ? 16.725  -1.703  -15.068 1.00 63.76  ? 17 MET B C   1 
ATOM   790  O O   . MET B 1 13 ? 15.669  -1.780  -14.431 1.00 59.41  ? 17 MET B O   1 
ATOM   791  C CB  . MET B 1 13 ? 16.678  -0.386  -17.185 1.00 64.43  ? 17 MET B CB  1 
ATOM   792  C CG  . MET B 1 13 ? 15.240  0.032   -17.355 1.00 67.92  ? 17 MET B CG  1 
ATOM   793  S SD  . MET B 1 13 ? 14.855  0.288   -19.089 1.00 72.08  ? 17 MET B SD  1 
ATOM   794  C CE  . MET B 1 13 ? 16.235  1.336   -19.577 1.00 65.21  ? 17 MET B CE  1 
ATOM   795  N N   . GLN B 1 14 ? 17.560  -2.723  -15.227 1.00 61.28  ? 18 GLN B N   1 
ATOM   796  C CA  . GLN B 1 14 ? 17.299  -4.020  -14.637 1.00 62.30  ? 18 GLN B CA  1 
ATOM   797  C C   . GLN B 1 14 ? 17.356  -3.834  -13.127 1.00 61.95  ? 18 GLN B C   1 
ATOM   798  O O   . GLN B 1 14 ? 16.565  -4.414  -12.384 1.00 62.49  ? 18 GLN B O   1 
ATOM   799  C CB  . GLN B 1 14 ? 18.350  -5.024  -15.121 1.00 61.96  ? 18 GLN B CB  1 
ATOM   800  C CG  . GLN B 1 14 ? 18.285  -6.389  -14.467 1.00 67.61  ? 18 GLN B CG  1 
ATOM   801  C CD  . GLN B 1 14 ? 18.986  -7.466  -15.284 1.00 70.03  ? 18 GLN B CD  1 
ATOM   802  O OE1 . GLN B 1 14 ? 19.283  -8.550  -14.777 1.00 72.81  ? 18 GLN B OE1 1 
ATOM   803  N NE2 . GLN B 1 14 ? 19.237  -7.180  -16.561 1.00 68.29  ? 18 GLN B NE2 1 
ATOM   804  N N   . GLN B 1 15 ? 18.289  -2.995  -12.689 1.00 63.13  ? 19 GLN B N   1 
ATOM   805  C CA  . GLN B 1 15 ? 18.465  -2.688  -11.276 1.00 64.55  ? 19 GLN B CA  1 
ATOM   806  C C   . GLN B 1 15 ? 17.193  -2.048  -10.716 1.00 62.88  ? 19 GLN B C   1 
ATOM   807  O O   . GLN B 1 15 ? 16.596  -2.548  -9.762  1.00 61.01  ? 19 GLN B O   1 
ATOM   808  C CB  . GLN B 1 15 ? 19.644  -1.730  -11.102 1.00 70.39  ? 19 GLN B CB  1 
ATOM   809  C CG  . GLN B 1 15 ? 19.799  -1.172  -9.694  1.00 79.80  ? 19 GLN B CG  1 
ATOM   810  C CD  . GLN B 1 15 ? 20.995  -0.243  -9.562  1.00 84.97  ? 19 GLN B CD  1 
ATOM   811  O OE1 . GLN B 1 15 ? 22.141  -0.658  -9.756  1.00 87.48  ? 19 GLN B OE1 1 
ATOM   812  N NE2 . GLN B 1 15 ? 20.733  1.020   -9.232  1.00 84.42  ? 19 GLN B NE2 1 
ATOM   813  N N   . ASP B 1 16 ? 16.783  -0.940  -11.324 1.00 61.54  ? 20 ASP B N   1 
ATOM   814  C CA  . ASP B 1 16 ? 15.589  -0.219  -10.899 1.00 61.79  ? 20 ASP B CA  1 
ATOM   815  C C   . ASP B 1 16 ? 14.326  -1.086  -10.877 1.00 60.15  ? 20 ASP B C   1 
ATOM   816  O O   . ASP B 1 16 ? 13.491  -0.934  -9.983  1.00 60.88  ? 20 ASP B O   1 
ATOM   817  C CB  . ASP B 1 16 ? 15.371  0.997   -11.805 1.00 67.19  ? 20 ASP B CB  1 
ATOM   818  C CG  . ASP B 1 16 ? 16.480  2.036   -11.671 1.00 71.86  ? 20 ASP B CG  1 
ATOM   819  O OD1 . ASP B 1 16 ? 17.341  1.897   -10.774 1.00 75.12  ? 20 ASP B OD1 1 
ATOM   820  O OD2 . ASP B 1 16 ? 16.487  3.000   -12.464 1.00 73.75  ? 20 ASP B OD2 1 
ATOM   821  N N   . SER B 1 17 ? 14.191  -1.986  -11.852 1.00 56.78  ? 21 SER B N   1 
ATOM   822  C CA  . SER B 1 17 ? 13.033  -2.883  -11.939 1.00 50.98  ? 21 SER B CA  1 
ATOM   823  C C   . SER B 1 17 ? 12.898  -3.696  -10.669 1.00 47.72  ? 21 SER B C   1 
ATOM   824  O O   . SER B 1 17 ? 11.809  -3.816  -10.105 1.00 44.42  ? 21 SER B O   1 
ATOM   825  C CB  . SER B 1 17 ? 13.188  -3.865  -13.106 1.00 53.08  ? 21 SER B CB  1 
ATOM   826  O OG  . SER B 1 17 ? 13.316  -3.196  -14.339 1.00 53.01  ? 21 SER B OG  1 
ATOM   827  N N   . VAL B 1 18 ? 14.018  -4.271  -10.242 1.00 47.95  ? 22 VAL B N   1 
ATOM   828  C CA  . VAL B 1 18 ? 14.064  -5.090  -9.034  1.00 51.95  ? 22 VAL B CA  1 
ATOM   829  C C   . VAL B 1 18 ? 13.855  -4.238  -7.784  1.00 52.23  ? 22 VAL B C   1 
ATOM   830  O O   . VAL B 1 18 ? 13.056  -4.576  -6.905  1.00 50.35  ? 22 VAL B O   1 
ATOM   831  C CB  . VAL B 1 18 ? 15.420  -5.812  -8.915  1.00 54.33  ? 22 VAL B CB  1 
ATOM   832  C CG1 . VAL B 1 18 ? 15.448  -6.676  -7.660  1.00 54.60  ? 22 VAL B CG1 1 
ATOM   833  C CG2 . VAL B 1 18 ? 15.663  -6.656  -10.159 1.00 55.83  ? 22 VAL B CG2 1 
ATOM   834  N N   . GLU B 1 19 ? 14.581  -3.130  -7.714  1.00 53.03  ? 23 GLU B N   1 
ATOM   835  C CA  . GLU B 1 19 ? 14.477  -2.224  -6.584  1.00 56.73  ? 23 GLU B CA  1 
ATOM   836  C C   . GLU B 1 19 ? 13.034  -1.761  -6.429  1.00 55.72  ? 23 GLU B C   1 
ATOM   837  O O   . GLU B 1 19 ? 12.449  -1.841  -5.342  1.00 55.66  ? 23 GLU B O   1 
ATOM   838  C CB  . GLU B 1 19 ? 15.389  -1.019  -6.806  1.00 63.79  ? 23 GLU B CB  1 
ATOM   839  C CG  . GLU B 1 19 ? 15.313  0.030   -5.710  1.00 76.29  ? 23 GLU B CG  1 
ATOM   840  C CD  . GLU B 1 19 ? 16.379  1.097   -5.857  1.00 84.28  ? 23 GLU B CD  1 
ATOM   841  O OE1 . GLU B 1 19 ? 17.579  0.735   -5.903  1.00 86.05  ? 23 GLU B OE1 1 
ATOM   842  O OE2 . GLU B 1 19 ? 16.021  2.296   -5.926  1.00 88.40  ? 23 GLU B OE2 1 
ATOM   843  N N   . CYS B 1 20 ? 12.465  -1.292  -7.534  1.00 53.03  ? 24 CYS B N   1 
ATOM   844  C CA  . CYS B 1 20 ? 11.096  -0.798  -7.559  1.00 51.00  ? 24 CYS B CA  1 
ATOM   845  C C   . CYS B 1 20 ? 10.077  -1.866  -7.162  1.00 53.75  ? 24 CYS B C   1 
ATOM   846  O O   . CYS B 1 20 ? 9.147   -1.594  -6.396  1.00 52.47  ? 24 CYS B O   1 
ATOM   847  C CB  . CYS B 1 20 ? 10.781  -0.270  -8.953  1.00 51.03  ? 24 CYS B CB  1 
ATOM   848  S SG  . CYS B 1 20 ? 9.147   0.436   -9.128  1.00 53.16  ? 24 CYS B SG  1 
ATOM   849  N N   . ALA B 1 21 ? 10.245  -3.080  -7.682  1.00 53.57  ? 25 ALA B N   1 
ATOM   850  C CA  . ALA B 1 21 ? 9.325   -4.164  -7.359  1.00 53.05  ? 25 ALA B CA  1 
ATOM   851  C C   . ALA B 1 21 ? 9.434   -4.524  -5.884  1.00 51.87  ? 25 ALA B C   1 
ATOM   852  O O   . ALA B 1 21 ? 8.434   -4.832  -5.234  1.00 48.59  ? 25 ALA B O   1 
ATOM   853  C CB  . ALA B 1 21 ? 9.626   -5.387  -8.215  1.00 54.50  ? 25 ALA B CB  1 
ATOM   854  N N   . THR B 1 22 ? 10.654  -4.488  -5.358  1.00 52.53  ? 26 THR B N   1 
ATOM   855  C CA  . THR B 1 22 ? 10.882  -4.813  -3.954  1.00 54.75  ? 26 THR B CA  1 
ATOM   856  C C   . THR B 1 22 ? 10.076  -3.874  -3.064  1.00 54.62  ? 26 THR B C   1 
ATOM   857  O O   . THR B 1 22 ? 9.329   -4.308  -2.179  1.00 54.44  ? 26 THR B O   1 
ATOM   858  C CB  . THR B 1 22 ? 12.374  -4.693  -3.587  1.00 55.66  ? 26 THR B CB  1 
ATOM   859  O OG1 . THR B 1 22 ? 13.118  -5.696  -4.290  1.00 58.38  ? 26 THR B OG1 1 
ATOM   860  C CG2 . THR B 1 22 ? 12.574  -4.881  -2.090  1.00 56.05  ? 26 THR B CG2 1 
ATOM   861  N N   . GLN B 1 23 ? 10.229  -2.581  -3.310  1.00 53.96  ? 27 GLN B N   1 
ATOM   862  C CA  . GLN B 1 23 ? 9.510   -1.585  -2.541  1.00 54.40  ? 27 GLN B CA  1 
ATOM   863  C C   . GLN B 1 23 ? 8.002   -1.785  -2.647  1.00 52.20  ? 27 GLN B C   1 
ATOM   864  O O   . GLN B 1 23 ? 7.288   -1.621  -1.660  1.00 54.66  ? 27 GLN B O   1 
ATOM   865  C CB  . GLN B 1 23 ? 9.914   -0.188  -3.015  1.00 59.36  ? 27 GLN B CB  1 
ATOM   866  C CG  . GLN B 1 23 ? 11.374  0.122   -2.697  1.00 65.39  ? 27 GLN B CG  1 
ATOM   867  C CD  . GLN B 1 23 ? 11.807  1.498   -3.157  1.00 69.55  ? 27 GLN B CD  1 
ATOM   868  O OE1 . GLN B 1 23 ? 11.952  1.751   -4.356  1.00 71.91  ? 27 GLN B OE1 1 
ATOM   869  N NE2 . GLN B 1 23 ? 12.015  2.400   -2.202  1.00 70.77  ? 27 GLN B NE2 1 
ATOM   870  N N   . ALA B 1 24 ? 7.524   -2.161  -3.831  1.00 48.13  ? 28 ALA B N   1 
ATOM   871  C CA  . ALA B 1 24 ? 6.095   -2.385  -4.047  1.00 46.26  ? 28 ALA B CA  1 
ATOM   872  C C   . ALA B 1 24 ? 5.558   -3.601  -3.291  1.00 46.86  ? 28 ALA B C   1 
ATOM   873  O O   . ALA B 1 24 ? 4.445   -3.575  -2.766  1.00 46.65  ? 28 ALA B O   1 
ATOM   874  C CB  . ALA B 1 24 ? 5.806   -2.537  -5.541  1.00 47.28  ? 28 ALA B CB  1 
ATOM   875  N N   . LEU B 1 25 ? 6.342   -4.672  -3.245  1.00 48.21  ? 29 LEU B N   1 
ATOM   876  C CA  . LEU B 1 25 ? 5.919   -5.882  -2.550  1.00 51.06  ? 29 LEU B CA  1 
ATOM   877  C C   . LEU B 1 25 ? 5.796   -5.626  -1.060  1.00 53.72  ? 29 LEU B C   1 
ATOM   878  O O   . LEU B 1 25 ? 4.870   -6.108  -0.409  1.00 53.49  ? 29 LEU B O   1 
ATOM   879  C CB  . LEU B 1 25 ? 6.921   -7.015  -2.781  1.00 50.86  ? 29 LEU B CB  1 
ATOM   880  C CG  . LEU B 1 25 ? 6.588   -8.022  -3.881  1.00 53.34  ? 29 LEU B CG  1 
ATOM   881  C CD1 . LEU B 1 25 ? 7.795   -8.910  -4.127  1.00 54.68  ? 29 LEU B CD1 1 
ATOM   882  C CD2 . LEU B 1 25 ? 5.367   -8.854  -3.477  1.00 51.41  ? 29 LEU B CD2 1 
ATOM   883  N N   . GLU B 1 26 ? 6.745   -4.871  -0.521  1.00 55.08  ? 30 GLU B N   1 
ATOM   884  C CA  . GLU B 1 26 ? 6.733   -4.563  0.896   1.00 57.42  ? 30 GLU B CA  1 
ATOM   885  C C   . GLU B 1 26 ? 5.528   -3.690  1.222   1.00 55.92  ? 30 GLU B C   1 
ATOM   886  O O   . GLU B 1 26 ? 4.878   -3.864  2.259   1.00 54.36  ? 30 GLU B O   1 
ATOM   887  C CB  . GLU B 1 26 ? 8.022   -3.836  1.286   1.00 61.49  ? 30 GLU B CB  1 
ATOM   888  C CG  . GLU B 1 26 ? 9.284   -4.597  0.919   1.00 73.75  ? 30 GLU B CG  1 
ATOM   889  C CD  . GLU B 1 26 ? 10.554  -3.924  1.424   1.00 81.77  ? 30 GLU B CD  1 
ATOM   890  O OE1 . GLU B 1 26 ? 10.758  -2.724  1.123   1.00 83.37  ? 30 GLU B OE1 1 
ATOM   891  O OE2 . GLU B 1 26 ? 11.352  -4.598  2.117   1.00 84.58  ? 30 GLU B OE2 1 
ATOM   892  N N   . LYS B 1 27 ? 5.216   -2.769  0.314   1.00 50.65  ? 31 LYS B N   1 
ATOM   893  C CA  . LYS B 1 27 ? 4.121   -1.837  0.525   1.00 47.69  ? 31 LYS B CA  1 
ATOM   894  C C   . LYS B 1 27 ? 2.692   -2.327  0.286   1.00 48.85  ? 31 LYS B C   1 
ATOM   895  O O   . LYS B 1 27 ? 1.792   -1.971  1.044   1.00 49.90  ? 31 LYS B O   1 
ATOM   896  C CB  . LYS B 1 27 ? 4.372   -0.576  -0.300  1.00 44.63  ? 31 LYS B CB  1 
ATOM   897  C CG  . LYS B 1 27 ? 3.320   0.494   -0.126  1.00 44.46  ? 31 LYS B CG  1 
ATOM   898  C CD  . LYS B 1 27 ? 3.762   1.803   -0.751  1.00 43.42  ? 31 LYS B CD  1 
ATOM   899  C CE  . LYS B 1 27 ? 2.726   2.897   -0.519  1.00 47.30  ? 31 LYS B CE  1 
ATOM   900  N NZ  . LYS B 1 27 ? 3.134   4.193   -1.137  1.00 51.01  ? 31 LYS B NZ  1 
ATOM   901  N N   . TYR B 1 28 ? 2.468   -3.146  -0.740  1.00 50.66  ? 32 TYR B N   1 
ATOM   902  C CA  . TYR B 1 28 ? 1.107   -3.604  -1.026  1.00 49.24  ? 32 TYR B CA  1 
ATOM   903  C C   . TYR B 1 28 ? 0.899   -5.106  -0.919  1.00 50.35  ? 32 TYR B C   1 
ATOM   904  O O   . TYR B 1 28 ? 1.833   -5.884  -1.111  1.00 51.52  ? 32 TYR B O   1 
ATOM   905  C CB  . TYR B 1 28 ? 0.689   -3.136  -2.419  1.00 47.25  ? 32 TYR B CB  1 
ATOM   906  C CG  . TYR B 1 28 ? 0.799   -1.643  -2.629  1.00 44.11  ? 32 TYR B CG  1 
ATOM   907  C CD1 . TYR B 1 28 ? -0.274  -0.805  -2.341  1.00 44.63  ? 32 TYR B CD1 1 
ATOM   908  C CD2 . TYR B 1 28 ? 1.967   -1.069  -3.130  1.00 45.88  ? 32 TYR B CD2 1 
ATOM   909  C CE1 . TYR B 1 28 ? -0.199  0.569   -2.549  1.00 44.67  ? 32 TYR B CE1 1 
ATOM   910  C CE2 . TYR B 1 28 ? 2.057   0.312   -3.345  1.00 47.40  ? 32 TYR B CE2 1 
ATOM   911  C CZ  . TYR B 1 28 ? 0.962   1.122   -3.052  1.00 46.40  ? 32 TYR B CZ  1 
ATOM   912  O OH  . TYR B 1 28 ? 1.011   2.478   -3.283  1.00 46.52  ? 32 TYR B OH  1 
ATOM   913  N N   . ASN B 1 29 ? -0.334  -5.519  -0.629  1.00 51.68  ? 33 ASN B N   1 
ATOM   914  C CA  . ASN B 1 29 ? -0.625  -6.945  -0.506  1.00 56.37  ? 33 ASN B CA  1 
ATOM   915  C C   . ASN B 1 29 ? -1.438  -7.518  -1.671  1.00 55.04  ? 33 ASN B C   1 
ATOM   916  O O   . ASN B 1 29 ? -1.673  -8.727  -1.749  1.00 56.04  ? 33 ASN B O   1 
ATOM   917  C CB  . ASN B 1 29 ? -1.354  -7.228  0.809   1.00 62.70  ? 33 ASN B CB  1 
ATOM   918  C CG  . ASN B 1 29 ? -1.171  -8.668  1.269   1.00 69.83  ? 33 ASN B CG  1 
ATOM   919  O OD1 . ASN B 1 29 ? -1.599  -9.610  0.599   1.00 73.10  ? 33 ASN B OD1 1 
ATOM   920  N ND2 . ASN B 1 29 ? -0.520  -8.843  2.415   1.00 73.92  ? 33 ASN B ND2 1 
ATOM   921  N N   . ILE B 1 30 ? -1.866  -6.649  -2.576  1.00 53.83  ? 34 ILE B N   1 
ATOM   922  C CA  . ILE B 1 30 ? -2.647  -7.076  -3.724  1.00 49.30  ? 34 ILE B CA  1 
ATOM   923  C C   . ILE B 1 30 ? -1.815  -6.882  -4.982  1.00 46.35  ? 34 ILE B C   1 
ATOM   924  O O   . ILE B 1 30 ? -1.325  -5.777  -5.246  1.00 41.92  ? 34 ILE B O   1 
ATOM   925  C CB  . ILE B 1 30 ? -3.949  -6.262  -3.837  1.00 51.65  ? 34 ILE B CB  1 
ATOM   926  C CG1 . ILE B 1 30 ? -4.766  -6.423  -2.554  1.00 53.45  ? 34 ILE B CG1 1 
ATOM   927  C CG2 . ILE B 1 30 ? -4.759  -6.728  -5.039  1.00 50.86  ? 34 ILE B CG2 1 
ATOM   928  C CD1 . ILE B 1 30 ? -5.980  -5.518  -2.483  1.00 57.39  ? 34 ILE B CD1 1 
ATOM   929  N N   . GLU B 1 31 ? -1.657  -7.967  -5.739  1.00 40.93  ? 35 GLU B N   1 
ATOM   930  C CA  . GLU B 1 31 ? -0.885  -7.962  -6.987  1.00 44.50  ? 35 GLU B CA  1 
ATOM   931  C C   . GLU B 1 31 ? -1.252  -6.805  -7.925  1.00 38.67  ? 35 GLU B C   1 
ATOM   932  O O   . GLU B 1 31 ? -0.376  -6.179  -8.531  1.00 31.52  ? 35 GLU B O   1 
ATOM   933  C CB  . GLU B 1 31 ? -1.047  -9.305  -7.714  1.00 44.03  ? 35 GLU B CB  1 
ATOM   934  C CG  . GLU B 1 31 ? -0.434  -10.486 -6.960  1.00 50.45  ? 35 GLU B CG  1 
ATOM   935  C CD  . GLU B 1 31 ? -1.393  -11.139 -5.962  1.00 60.38  ? 35 GLU B CD  1 
ATOM   936  O OE1 . GLU B 1 31 ? -2.214  -10.426 -5.338  1.00 62.07  ? 35 GLU B OE1 1 
ATOM   937  O OE2 . GLU B 1 31 ? -1.315  -12.377 -5.792  1.00 63.33  ? 35 GLU B OE2 1 
ATOM   938  N N   . LYS B 1 32 ? -2.541  -6.509  -8.028  1.00 35.87  ? 36 LYS B N   1 
ATOM   939  C CA  . LYS B 1 32 ? -2.978  -5.412  -8.870  1.00 40.09  ? 36 LYS B CA  1 
ATOM   940  C C   . LYS B 1 32 ? -2.264  -4.126  -8.429  1.00 43.33  ? 36 LYS B C   1 
ATOM   941  O O   . LYS B 1 32 ? -1.605  -3.459  -9.234  1.00 45.24  ? 36 LYS B O   1 
ATOM   942  C CB  . LYS B 1 32 ? -4.489  -5.232  -8.751  1.00 39.41  ? 36 LYS B CB  1 
ATOM   943  C CG  . LYS B 1 32 ? -5.042  -4.167  -9.658  1.00 45.29  ? 36 LYS B CG  1 
ATOM   944  C CD  . LYS B 1 32 ? -6.192  -3.417  -8.996  1.00 53.99  ? 36 LYS B CD  1 
ATOM   945  C CE  . LYS B 1 32 ? -7.352  -4.339  -8.659  1.00 59.33  ? 36 LYS B CE  1 
ATOM   946  N NZ  . LYS B 1 32 ? -8.484  -3.599  -8.025  1.00 57.89  ? 36 LYS B NZ  1 
ATOM   947  N N   . ASP B 1 33 ? -2.379  -3.793  -7.144  1.00 43.20  ? 37 ASP B N   1 
ATOM   948  C CA  . ASP B 1 33 ? -1.748  -2.587  -6.610  1.00 42.10  ? 37 ASP B CA  1 
ATOM   949  C C   . ASP B 1 33 ? -0.226  -2.606  -6.726  1.00 38.41  ? 37 ASP B C   1 
ATOM   950  O O   . ASP B 1 33 ? 0.392   -1.566  -6.967  1.00 37.39  ? 37 ASP B O   1 
ATOM   951  C CB  . ASP B 1 33 ? -2.173  -2.371  -5.156  1.00 44.74  ? 37 ASP B CB  1 
ATOM   952  C CG  . ASP B 1 33 ? -3.677  -2.214  -5.013  1.00 47.25  ? 37 ASP B CG  1 
ATOM   953  O OD1 . ASP B 1 33 ? -4.249  -1.365  -5.721  1.00 53.88  ? 37 ASP B OD1 1 
ATOM   954  O OD2 . ASP B 1 33 ? -4.294  -2.931  -4.198  1.00 54.02  ? 37 ASP B OD2 1 
ATOM   955  N N   . ILE B 1 34 ? 0.382   -3.778  -6.552  1.00 37.18  ? 38 ILE B N   1 
ATOM   956  C CA  . ILE B 1 34 ? 1.836   -3.900  -6.678  1.00 36.91  ? 38 ILE B CA  1 
ATOM   957  C C   . ILE B 1 34 ? 2.216   -3.572  -8.120  1.00 38.49  ? 38 ILE B C   1 
ATOM   958  O O   . ILE B 1 34 ? 3.173   -2.846  -8.375  1.00 42.47  ? 38 ILE B O   1 
ATOM   959  C CB  . ILE B 1 34 ? 2.314   -5.330  -6.386  1.00 38.73  ? 38 ILE B CB  1 
ATOM   960  C CG1 . ILE B 1 34 ? 1.893   -5.743  -4.977  1.00 40.33  ? 38 ILE B CG1 1 
ATOM   961  C CG2 . ILE B 1 34 ? 3.827   -5.426  -6.572  1.00 32.62  ? 38 ILE B CG2 1 
ATOM   962  C CD1 . ILE B 1 34 ? 2.181   -7.210  -4.659  1.00 44.28  ? 38 ILE B CD1 1 
ATOM   963  N N   . ALA B 1 35 ? 1.459   -4.121  -9.066  1.00 38.26  ? 39 ALA B N   1 
ATOM   964  C CA  . ALA B 1 35 ? 1.727   -3.874  -10.479 1.00 38.50  ? 39 ALA B CA  1 
ATOM   965  C C   . ALA B 1 35 ? 1.515   -2.396  -10.790 1.00 35.81  ? 39 ALA B C   1 
ATOM   966  O O   . ALA B 1 35 ? 2.280   -1.789  -11.554 1.00 31.95  ? 39 ALA B O   1 
ATOM   967  C CB  . ALA B 1 35 ? 0.805   -4.734  -11.354 1.00 39.69  ? 39 ALA B CB  1 
ATOM   968  N N   . ALA B 1 36 ? 0.463   -1.825  -10.211 1.00 33.31  ? 40 ALA B N   1 
ATOM   969  C CA  . ALA B 1 36 ? 0.164   -0.411  -10.422 1.00 35.06  ? 40 ALA B CA  1 
ATOM   970  C C   . ALA B 1 36 ? 1.356   0.410   -9.952  1.00 36.55  ? 40 ALA B C   1 
ATOM   971  O O   . ALA B 1 36 ? 1.787   1.345   -10.636 1.00 41.74  ? 40 ALA B O   1 
ATOM   972  C CB  . ALA B 1 36 ? -1.082  -0.010  -9.658  1.00 27.65  ? 40 ALA B CB  1 
ATOM   973  N N   . HIS B 1 37 ? 1.912   0.042   -8.802  1.00 38.72  ? 41 HIS B N   1 
ATOM   974  C CA  . HIS B 1 37 ? 3.055   0.779   -8.283  1.00 46.80  ? 41 HIS B CA  1 
ATOM   975  C C   . HIS B 1 37 ? 4.210   0.747   -9.272  1.00 45.63  ? 41 HIS B C   1 
ATOM   976  O O   . HIS B 1 37 ? 4.694   1.791   -9.705  1.00 51.06  ? 41 HIS B O   1 
ATOM   977  C CB  . HIS B 1 37 ? 3.533   0.205   -6.946  1.00 50.22  ? 41 HIS B CB  1 
ATOM   978  C CG  . HIS B 1 37 ? 4.755   0.887   -6.410  1.00 55.09  ? 41 HIS B CG  1 
ATOM   979  N ND1 . HIS B 1 37 ? 4.694   1.977   -5.566  1.00 57.17  ? 41 HIS B ND1 1 
ATOM   980  C CD2 . HIS B 1 37 ? 6.073   0.651   -6.621  1.00 56.83  ? 41 HIS B CD2 1 
ATOM   981  C CE1 . HIS B 1 37 ? 5.920   2.380   -5.279  1.00 55.02  ? 41 HIS B CE1 1 
ATOM   982  N NE2 . HIS B 1 37 ? 6.775   1.592   -5.907  1.00 55.43  ? 41 HIS B NE2 1 
ATOM   983  N N   . ILE B 1 38 ? 4.657   -0.451  -9.626  1.00 43.82  ? 42 ILE B N   1 
ATOM   984  C CA  . ILE B 1 38 ? 5.773   -0.587  -10.555 1.00 43.53  ? 42 ILE B CA  1 
ATOM   985  C C   . ILE B 1 38 ? 5.513   0.157   -11.860 1.00 41.79  ? 42 ILE B C   1 
ATOM   986  O O   . ILE B 1 38 ? 6.388   0.848   -12.384 1.00 43.15  ? 42 ILE B O   1 
ATOM   987  C CB  . ILE B 1 38 ? 6.055   -2.072  -10.875 1.00 42.59  ? 42 ILE B CB  1 
ATOM   988  C CG1 . ILE B 1 38 ? 6.350   -2.833  -9.585  1.00 37.95  ? 42 ILE B CG1 1 
ATOM   989  C CG2 . ILE B 1 38 ? 7.252   -2.187  -11.810 1.00 43.83  ? 42 ILE B CG2 1 
ATOM   990  C CD1 . ILE B 1 38 ? 6.591   -4.303  -9.793  1.00 37.88  ? 42 ILE B CD1 1 
ATOM   991  N N   . LYS B 1 39 ? 4.302   0.018   -12.378 1.00 39.20  ? 43 LYS B N   1 
ATOM   992  C CA  . LYS B 1 39 ? 3.933   0.666   -13.624 1.00 40.71  ? 43 LYS B CA  1 
ATOM   993  C C   . LYS B 1 39 ? 4.108   2.187   -13.562 1.00 42.11  ? 43 LYS B C   1 
ATOM   994  O O   . LYS B 1 39 ? 4.831   2.772   -14.382 1.00 40.78  ? 43 LYS B O   1 
ATOM   995  C CB  . LYS B 1 39 ? 2.479   0.297   -13.979 1.00 39.35  ? 43 LYS B CB  1 
ATOM   996  C CG  . LYS B 1 39 ? 1.946   0.829   -15.318 1.00 35.16  ? 43 LYS B CG  1 
ATOM   997  C CD  . LYS B 1 39 ? 1.307   2.198   -15.153 1.00 37.13  ? 43 LYS B CD  1 
ATOM   998  C CE  . LYS B 1 39 ? 0.396   2.576   -16.317 1.00 34.08  ? 43 LYS B CE  1 
ATOM   999  N NZ  . LYS B 1 39 ? 1.150   2.799   -17.571 1.00 38.81  ? 43 LYS B NZ  1 
ATOM   1000 N N   . LYS B 1 40 ? 3.460   2.821   -12.585 1.00 40.94  ? 44 LYS B N   1 
ATOM   1001 C CA  . LYS B 1 40 ? 3.528   4.274   -12.446 1.00 40.61  ? 44 LYS B CA  1 
ATOM   1002 C C   . LYS B 1 40 ? 4.930   4.842   -12.271 1.00 40.89  ? 44 LYS B C   1 
ATOM   1003 O O   . LYS B 1 40 ? 5.244   5.888   -12.828 1.00 41.80  ? 44 LYS B O   1 
ATOM   1004 C CB  . LYS B 1 40 ? 2.607   4.729   -11.314 1.00 40.53  ? 44 LYS B CB  1 
ATOM   1005 C CG  . LYS B 1 40 ? 1.125   4.583   -11.681 1.00 36.68  ? 44 LYS B CG  1 
ATOM   1006 C CD  . LYS B 1 40 ? 0.201   4.905   -10.530 1.00 34.44  ? 44 LYS B CD  1 
ATOM   1007 C CE  . LYS B 1 40 ? -1.222  4.524   -10.876 1.00 37.64  ? 44 LYS B CE  1 
ATOM   1008 N NZ  . LYS B 1 40 ? -2.153  4.660   -9.723  1.00 44.33  ? 44 LYS B NZ  1 
ATOM   1009 N N   . GLU B 1 41 ? 5.780   4.158   -11.518 1.00 42.32  ? 45 GLU B N   1 
ATOM   1010 C CA  . GLU B 1 41 ? 7.140   4.638   -11.337 1.00 47.01  ? 45 GLU B CA  1 
ATOM   1011 C C   . GLU B 1 41 ? 7.888   4.685   -12.655 1.00 47.63  ? 45 GLU B C   1 
ATOM   1012 O O   . GLU B 1 41 ? 8.523   5.690   -12.979 1.00 48.19  ? 45 GLU B O   1 
ATOM   1013 C CB  . GLU B 1 41 ? 7.911   3.754   -10.350 1.00 52.07  ? 45 GLU B CB  1 
ATOM   1014 C CG  . GLU B 1 41 ? 7.696   4.159   -8.899  1.00 65.29  ? 45 GLU B CG  1 
ATOM   1015 C CD  . GLU B 1 41 ? 8.045   5.622   -8.658  1.00 68.93  ? 45 GLU B CD  1 
ATOM   1016 O OE1 . GLU B 1 41 ? 9.245   5.966   -8.726  1.00 69.55  ? 45 GLU B OE1 1 
ATOM   1017 O OE2 . GLU B 1 41 ? 7.116   6.428   -8.419  1.00 70.82  ? 45 GLU B OE2 1 
ATOM   1018 N N   . PHE B 1 42 ? 7.812   3.600   -13.419 1.00 49.58  ? 46 PHE B N   1 
ATOM   1019 C CA  . PHE B 1 42 ? 8.505   3.544   -14.697 1.00 48.33  ? 46 PHE B CA  1 
ATOM   1020 C C   . PHE B 1 42 ? 7.970   4.544   -15.707 1.00 47.38  ? 46 PHE B C   1 
ATOM   1021 O O   . PHE B 1 42 ? 8.745   5.096   -16.481 1.00 48.01  ? 46 PHE B O   1 
ATOM   1022 C CB  . PHE B 1 42 ? 8.477   2.120   -15.272 1.00 49.53  ? 46 PHE B CB  1 
ATOM   1023 C CG  . PHE B 1 42 ? 9.606   1.258   -14.781 1.00 43.96  ? 46 PHE B CG  1 
ATOM   1024 C CD1 . PHE B 1 42 ? 9.696   0.903   -13.442 1.00 46.07  ? 46 PHE B CD1 1 
ATOM   1025 C CD2 . PHE B 1 42 ? 10.606  0.843   -15.650 1.00 44.25  ? 46 PHE B CD2 1 
ATOM   1026 C CE1 . PHE B 1 42 ? 10.769  0.148   -12.975 1.00 44.02  ? 46 PHE B CE1 1 
ATOM   1027 C CE2 . PHE B 1 42 ? 11.685  0.092   -15.194 1.00 43.17  ? 46 PHE B CE2 1 
ATOM   1028 C CZ  . PHE B 1 42 ? 11.768  -0.255  -13.856 1.00 45.41  ? 46 PHE B CZ  1 
ATOM   1029 N N   . ASP B 1 43 ? 6.661   4.786   -15.712 1.00 48.89  ? 47 ASP B N   1 
ATOM   1030 C CA  . ASP B 1 43 ? 6.120   5.775   -16.635 1.00 52.08  ? 47 ASP B CA  1 
ATOM   1031 C C   . ASP B 1 43 ? 6.769   7.100   -16.259 1.00 56.76  ? 47 ASP B C   1 
ATOM   1032 O O   . ASP B 1 43 ? 7.155   7.879   -17.124 1.00 59.34  ? 47 ASP B O   1 
ATOM   1033 C CB  . ASP B 1 43 ? 4.600   5.921   -16.501 1.00 52.00  ? 47 ASP B CB  1 
ATOM   1034 C CG  . ASP B 1 43 ? 3.828   4.895   -17.314 1.00 51.50  ? 47 ASP B CG  1 
ATOM   1035 O OD1 . ASP B 1 43 ? 4.395   4.318   -18.264 1.00 50.09  ? 47 ASP B OD1 1 
ATOM   1036 O OD2 . ASP B 1 43 ? 2.639   4.681   -17.007 1.00 56.11  ? 47 ASP B OD2 1 
ATOM   1037 N N   . LYS B 1 44 ? 6.883   7.345   -14.955 1.00 60.15  ? 48 LYS B N   1 
ATOM   1038 C CA  . LYS B 1 44 ? 7.494   8.570   -14.450 1.00 61.14  ? 48 LYS B CA  1 
ATOM   1039 C C   . LYS B 1 44 ? 8.971   8.664   -14.835 1.00 59.36  ? 48 LYS B C   1 
ATOM   1040 O O   . LYS B 1 44 ? 9.360   9.544   -15.592 1.00 60.11  ? 48 LYS B O   1 
ATOM   1041 C CB  . LYS B 1 44 ? 7.367   8.644   -12.923 1.00 64.16  ? 48 LYS B CB  1 
ATOM   1042 C CG  . LYS B 1 44 ? 6.192   9.460   -12.402 1.00 69.26  ? 48 LYS B CG  1 
ATOM   1043 C CD  . LYS B 1 44 ? 6.238   9.552   -10.870 1.00 72.93  ? 48 LYS B CD  1 
ATOM   1044 C CE  . LYS B 1 44 ? 5.267   10.598  -10.316 1.00 75.32  ? 48 LYS B CE  1 
ATOM   1045 N NZ  . LYS B 1 44 ? 3.838   10.302  -10.629 1.00 76.02  ? 48 LYS B NZ  1 
ATOM   1046 N N   . LYS B 1 45 ? 9.784   7.750   -14.316 1.00 56.94  ? 49 LYS B N   1 
ATOM   1047 C CA  . LYS B 1 45 ? 11.213  7.753   -14.591 1.00 56.32  ? 49 LYS B CA  1 
ATOM   1048 C C   . LYS B 1 45 ? 11.628  7.422   -16.021 1.00 57.75  ? 49 LYS B C   1 
ATOM   1049 O O   . LYS B 1 45 ? 12.650  7.912   -16.494 1.00 56.94  ? 49 LYS B O   1 
ATOM   1050 C CB  . LYS B 1 45 ? 11.939  6.797   -13.644 1.00 58.53  ? 49 LYS B CB  1 
ATOM   1051 C CG  . LYS B 1 45 ? 13.417  6.649   -13.987 1.00 64.60  ? 49 LYS B CG  1 
ATOM   1052 C CD  . LYS B 1 45 ? 14.228  6.005   -12.877 1.00 68.26  ? 49 LYS B CD  1 
ATOM   1053 C CE  . LYS B 1 45 ? 15.718  6.095   -13.206 1.00 70.29  ? 49 LYS B CE  1 
ATOM   1054 N NZ  . LYS B 1 45 ? 16.583  5.541   -12.133 1.00 74.18  ? 49 LYS B NZ  1 
ATOM   1055 N N   . TYR B 1 46 ? 10.859  6.583   -16.708 1.00 59.43  ? 50 TYR B N   1 
ATOM   1056 C CA  . TYR B 1 46 ? 11.215  6.213   -18.072 1.00 58.79  ? 50 TYR B CA  1 
ATOM   1057 C C   . TYR B 1 46 ? 10.184  6.583   -19.127 1.00 60.12  ? 50 TYR B C   1 
ATOM   1058 O O   . TYR B 1 46 ? 10.213  6.059   -20.239 1.00 60.99  ? 50 TYR B O   1 
ATOM   1059 C CB  . TYR B 1 46 ? 11.517  4.720   -18.147 1.00 58.08  ? 50 TYR B CB  1 
ATOM   1060 C CG  . TYR B 1 46 ? 12.742  4.314   -17.360 1.00 59.87  ? 50 TYR B CG  1 
ATOM   1061 C CD1 . TYR B 1 46 ? 14.023  4.549   -17.861 1.00 59.14  ? 50 TYR B CD1 1 
ATOM   1062 C CD2 . TYR B 1 46 ? 12.626  3.710   -16.107 1.00 59.40  ? 50 TYR B CD2 1 
ATOM   1063 C CE1 . TYR B 1 46 ? 15.160  4.193   -17.137 1.00 60.20  ? 50 TYR B CE1 1 
ATOM   1064 C CE2 . TYR B 1 46 ? 13.756  3.347   -15.373 1.00 60.63  ? 50 TYR B CE2 1 
ATOM   1065 C CZ  . TYR B 1 46 ? 15.022  3.592   -15.894 1.00 61.55  ? 50 TYR B CZ  1 
ATOM   1066 O OH  . TYR B 1 46 ? 16.147  3.240   -15.176 1.00 60.06  ? 50 TYR B OH  1 
ATOM   1067 N N   . ASN B 1 47 ? 9.275   7.486   -18.776 1.00 60.77  ? 51 ASN B N   1 
ATOM   1068 C CA  . ASN B 1 47 ? 8.251   7.950   -19.706 1.00 61.41  ? 51 ASN B CA  1 
ATOM   1069 C C   . ASN B 1 47 ? 7.304   6.832   -20.143 1.00 61.06  ? 51 ASN B C   1 
ATOM   1070 O O   . ASN B 1 47 ? 7.686   5.663   -20.179 1.00 61.80  ? 51 ASN B O   1 
ATOM   1071 C CB  . ASN B 1 47 ? 8.924   8.561   -20.939 1.00 66.37  ? 51 ASN B CB  1 
ATOM   1072 C CG  . ASN B 1 47 ? 10.047  9.528   -20.581 1.00 68.69  ? 51 ASN B CG  1 
ATOM   1073 O OD1 . ASN B 1 47 ? 10.862  9.882   -21.431 1.00 71.24  ? 51 ASN B OD1 1 
ATOM   1074 N ND2 . ASN B 1 47 ? 10.090  9.964   -19.323 1.00 69.00  ? 51 ASN B ND2 1 
ATOM   1075 N N   . PRO B 1 48 ? 6.052   7.183   -20.488 1.00 60.18  ? 52 PRO B N   1 
ATOM   1076 C CA  . PRO B 1 48 ? 5.022   6.230   -20.933 1.00 58.27  ? 52 PRO B CA  1 
ATOM   1077 C C   . PRO B 1 48 ? 5.449   5.493   -22.216 1.00 58.77  ? 52 PRO B C   1 
ATOM   1078 O O   . PRO B 1 48 ? 6.330   5.966   -22.936 1.00 58.07  ? 52 PRO B O   1 
ATOM   1079 C CB  . PRO B 1 48 ? 3.805   7.123   -21.175 1.00 59.46  ? 52 PRO B CB  1 
ATOM   1080 C CG  . PRO B 1 48 ? 4.039   8.298   -20.267 1.00 58.36  ? 52 PRO B CG  1 
ATOM   1081 C CD  . PRO B 1 48 ? 5.508   8.551   -20.434 1.00 56.39  ? 52 PRO B CD  1 
ATOM   1082 N N   . THR B 1 49 ? 4.841   4.342   -22.501 1.00 55.99  ? 53 THR B N   1 
ATOM   1083 C CA  . THR B 1 49 ? 3.805   3.752   -21.660 1.00 54.02  ? 53 THR B CA  1 
ATOM   1084 C C   . THR B 1 49 ? 4.234   2.347   -21.250 1.00 52.98  ? 53 THR B C   1 
ATOM   1085 O O   . THR B 1 49 ? 4.617   1.540   -22.104 1.00 52.23  ? 53 THR B O   1 
ATOM   1086 C CB  . THR B 1 49 ? 2.471   3.635   -22.411 1.00 54.48  ? 53 THR B CB  1 
ATOM   1087 O OG1 . THR B 1 49 ? 2.068   4.925   -22.879 1.00 61.91  ? 53 THR B OG1 1 
ATOM   1088 C CG2 . THR B 1 49 ? 1.396   3.090   -21.490 1.00 55.97  ? 53 THR B CG2 1 
ATOM   1089 N N   . TRP B 1 50 ? 4.176   2.055   -19.951 1.00 46.77  ? 54 TRP B N   1 
ATOM   1090 C CA  . TRP B 1 50 ? 4.563   0.736   -19.469 1.00 43.01  ? 54 TRP B CA  1 
ATOM   1091 C C   . TRP B 1 50 ? 3.367   -0.083  -19.017 1.00 39.32  ? 54 TRP B C   1 
ATOM   1092 O O   . TRP B 1 50 ? 2.260   0.433   -18.848 1.00 37.80  ? 54 TRP B O   1 
ATOM   1093 C CB  . TRP B 1 50 ? 5.574   0.835   -18.320 1.00 44.94  ? 54 TRP B CB  1 
ATOM   1094 C CG  . TRP B 1 50 ? 6.896   1.449   -18.708 1.00 44.37  ? 54 TRP B CG  1 
ATOM   1095 C CD1 . TRP B 1 50 ? 7.143   2.766   -18.968 1.00 43.37  ? 54 TRP B CD1 1 
ATOM   1096 C CD2 . TRP B 1 50 ? 8.142   0.763   -18.898 1.00 40.38  ? 54 TRP B CD2 1 
ATOM   1097 N NE1 . TRP B 1 50 ? 8.466   2.944   -19.307 1.00 44.62  ? 54 TRP B NE1 1 
ATOM   1098 C CE2 . TRP B 1 50 ? 9.101   1.731   -19.275 1.00 42.62  ? 54 TRP B CE2 1 
ATOM   1099 C CE3 . TRP B 1 50 ? 8.538   -0.578  -18.792 1.00 36.55  ? 54 TRP B CE3 1 
ATOM   1100 C CZ2 . TRP B 1 50 ? 10.441  1.402   -19.542 1.00 40.68  ? 54 TRP B CZ2 1 
ATOM   1101 C CZ3 . TRP B 1 50 ? 9.867   -0.908  -19.059 1.00 36.41  ? 54 TRP B CZ3 1 
ATOM   1102 C CH2 . TRP B 1 50 ? 10.804  0.082   -19.432 1.00 38.80  ? 54 TRP B CH2 1 
ATOM   1103 N N   . HIS B 1 51 ? 3.605   -1.377  -18.844 1.00 37.20  ? 55 HIS B N   1 
ATOM   1104 C CA  . HIS B 1 51 ? 2.572   -2.303  -18.419 1.00 32.14  ? 55 HIS B CA  1 
ATOM   1105 C C   . HIS B 1 51 ? 3.222   -3.288  -17.494 1.00 29.94  ? 55 HIS B C   1 
ATOM   1106 O O   . HIS B 1 51 ? 4.397   -3.624  -17.662 1.00 29.65  ? 55 HIS B O   1 
ATOM   1107 C CB  . HIS B 1 51 ? 1.979   -3.021  -19.623 1.00 29.08  ? 55 HIS B CB  1 
ATOM   1108 C CG  . HIS B 1 51 ? 1.488   -2.089  -20.682 1.00 25.54  ? 55 HIS B CG  1 
ATOM   1109 N ND1 . HIS B 1 51 ? 2.330   -1.502  -21.605 1.00 28.42  ? 55 HIS B ND1 1 
ATOM   1110 C CD2 . HIS B 1 51 ? 0.249   -1.613  -20.946 1.00 28.13  ? 55 HIS B CD2 1 
ATOM   1111 C CE1 . HIS B 1 51 ? 1.630   -0.708  -22.392 1.00 26.70  ? 55 HIS B CE1 1 
ATOM   1112 N NE2 . HIS B 1 51 ? 0.362   -0.755  -22.014 1.00 32.40  ? 55 HIS B NE2 1 
ATOM   1113 N N   . CYS B 1 52 ? 2.461   -3.752  -16.512 1.00 29.33  ? 56 CYS B N   1 
ATOM   1114 C CA  . CYS B 1 52 ? 3.011   -4.681  -15.545 1.00 30.65  ? 56 CYS B CA  1 
ATOM   1115 C C   . CYS B 1 52 ? 1.992   -5.725  -15.127 1.00 28.53  ? 56 CYS B C   1 
ATOM   1116 O O   . CYS B 1 52 ? 0.802   -5.432  -14.967 1.00 27.17  ? 56 CYS B O   1 
ATOM   1117 C CB  . CYS B 1 52 ? 3.506   -3.909  -14.307 1.00 26.77  ? 56 CYS B CB  1 
ATOM   1118 S SG  . CYS B 1 52 ? 4.454   -4.909  -13.102 1.00 34.79  ? 56 CYS B SG  1 
ATOM   1119 N N   . ILE B 1 53 ? 2.476   -6.950  -14.972 1.00 27.17  ? 57 ILE B N   1 
ATOM   1120 C CA  . ILE B 1 53 ? 1.649   -8.068  -14.550 1.00 27.75  ? 57 ILE B CA  1 
ATOM   1121 C C   . ILE B 1 53 ? 2.415   -8.745  -13.418 1.00 31.43  ? 57 ILE B C   1 
ATOM   1122 O O   . ILE B 1 53 ? 3.628   -9.016  -13.526 1.00 29.01  ? 57 ILE B O   1 
ATOM   1123 C CB  . ILE B 1 53 ? 1.415   -9.089  -15.712 1.00 32.16  ? 57 ILE B CB  1 
ATOM   1124 C CG1 . ILE B 1 53 ? 0.494   -8.482  -16.771 1.00 28.96  ? 57 ILE B CG1 1 
ATOM   1125 C CG2 . ILE B 1 53 ? 0.798   -10.375 -15.181 1.00 27.91  ? 57 ILE B CG2 1 
ATOM   1126 C CD1 . ILE B 1 53 ? 1.151   -7.410  -17.581 1.00 25.84  ? 57 ILE B CD1 1 
ATOM   1127 N N   . VAL B 1 54 ? 1.705   -8.992  -12.324 1.00 32.80  ? 58 VAL B N   1 
ATOM   1128 C CA  . VAL B 1 54 ? 2.289   -9.631  -11.154 1.00 34.25  ? 58 VAL B CA  1 
ATOM   1129 C C   . VAL B 1 54 ? 1.464   -10.846 -10.790 1.00 31.01  ? 58 VAL B C   1 
ATOM   1130 O O   . VAL B 1 54 ? 0.239   -10.762 -10.692 1.00 29.91  ? 58 VAL B O   1 
ATOM   1131 C CB  . VAL B 1 54 ? 2.310   -8.669  -9.931  1.00 37.13  ? 58 VAL B CB  1 
ATOM   1132 C CG1 . VAL B 1 54 ? 2.867   -9.398  -8.701  1.00 32.81  ? 58 VAL B CG1 1 
ATOM   1133 C CG2 . VAL B 1 54 ? 3.155   -7.439  -10.251 1.00 31.71  ? 58 VAL B CG2 1 
ATOM   1134 N N   . GLY B 1 55 ? 2.121   -11.980 -10.591 1.00 31.18  ? 59 GLY B N   1 
ATOM   1135 C CA  . GLY B 1 55 ? 1.354   -13.161 -10.241 1.00 39.13  ? 59 GLY B CA  1 
ATOM   1136 C C   . GLY B 1 55 ? 2.107   -14.473 -10.214 1.00 40.54  ? 59 GLY B C   1 
ATOM   1137 O O   . GLY B 1 55 ? 3.304   -14.533 -10.512 1.00 42.85  ? 59 GLY B O   1 
ATOM   1138 N N   . ARG B 1 56 ? 1.382   -15.532 -9.870  1.00 42.49  ? 60 ARG B N   1 
ATOM   1139 C CA  . ARG B 1 56 ? 1.969   -16.856 -9.776  1.00 46.14  ? 60 ARG B CA  1 
ATOM   1140 C C   . ARG B 1 56 ? 1.633   -17.763 -10.949 1.00 46.18  ? 60 ARG B C   1 
ATOM   1141 O O   . ARG B 1 56 ? 2.457   -18.584 -11.344 1.00 48.93  ? 60 ARG B O   1 
ATOM   1142 C CB  . ARG B 1 56 ? 1.535   -17.517 -8.468  1.00 49.46  ? 60 ARG B CB  1 
ATOM   1143 C CG  . ARG B 1 56 ? 1.967   -16.753 -7.231  1.00 51.01  ? 60 ARG B CG  1 
ATOM   1144 C CD  . ARG B 1 56 ? 1.373   -17.345 -5.962  1.00 59.60  ? 60 ARG B CD  1 
ATOM   1145 N NE  . ARG B 1 56 ? 1.848   -16.638 -4.774  1.00 71.47  ? 60 ARG B NE  1 
ATOM   1146 C CZ  . ARG B 1 56 ? 1.601   -15.357 -4.505  1.00 74.59  ? 60 ARG B CZ  1 
ATOM   1147 N NH1 . ARG B 1 56 ? 0.873   -14.620 -5.338  1.00 76.12  ? 60 ARG B NH1 1 
ATOM   1148 N NH2 . ARG B 1 56 ? 2.098   -14.804 -3.405  1.00 76.60  ? 60 ARG B NH2 1 
ATOM   1149 N N   . ASN B 1 57 ? 0.438   -17.618 -11.514 1.00 44.47  ? 61 ASN B N   1 
ATOM   1150 C CA  . ASN B 1 57 ? 0.049   -18.465 -12.637 1.00 41.57  ? 61 ASN B CA  1 
ATOM   1151 C C   . ASN B 1 57 ? -0.602  -17.723 -13.790 1.00 38.86  ? 61 ASN B C   1 
ATOM   1152 O O   . ASN B 1 57 ? -1.773  -17.352 -13.723 1.00 37.99  ? 61 ASN B O   1 
ATOM   1153 C CB  . ASN B 1 57 ? -0.893  -19.578 -12.162 1.00 46.58  ? 61 ASN B CB  1 
ATOM   1154 C CG  . ASN B 1 57 ? -1.286  -20.529 -13.284 1.00 56.66  ? 61 ASN B CG  1 
ATOM   1155 O OD1 . ASN B 1 57 ? -2.215  -20.258 -14.060 1.00 60.80  ? 61 ASN B OD1 1 
ATOM   1156 N ND2 . ASN B 1 57 ? -0.568  -21.647 -13.385 1.00 57.76  ? 61 ASN B ND2 1 
ATOM   1157 N N   . PHE B 1 58 ? 0.163   -17.520 -14.858 1.00 35.41  ? 62 PHE B N   1 
ATOM   1158 C CA  . PHE B 1 58 ? -0.352  -16.843 -16.039 1.00 34.77  ? 62 PHE B CA  1 
ATOM   1159 C C   . PHE B 1 58 ? 0.602   -17.021 -17.199 1.00 32.02  ? 62 PHE B C   1 
ATOM   1160 O O   . PHE B 1 58 ? 1.784   -17.282 -17.005 1.00 33.94  ? 62 PHE B O   1 
ATOM   1161 C CB  . PHE B 1 58 ? -0.569  -15.339 -15.758 1.00 39.14  ? 62 PHE B CB  1 
ATOM   1162 C CG  . PHE B 1 58 ? 0.704   -14.545 -15.602 1.00 34.45  ? 62 PHE B CG  1 
ATOM   1163 C CD1 . PHE B 1 58 ? 1.332   -13.979 -16.713 1.00 37.80  ? 62 PHE B CD1 1 
ATOM   1164 C CD2 . PHE B 1 58 ? 1.279   -14.368 -14.344 1.00 35.04  ? 62 PHE B CD2 1 
ATOM   1165 C CE1 . PHE B 1 58 ? 2.518   -13.246 -16.577 1.00 34.51  ? 62 PHE B CE1 1 
ATOM   1166 C CE2 . PHE B 1 58 ? 2.469   -13.634 -14.194 1.00 36.85  ? 62 PHE B CE2 1 
ATOM   1167 C CZ  . PHE B 1 58 ? 3.087   -13.076 -15.313 1.00 36.35  ? 62 PHE B CZ  1 
ATOM   1168 N N   . GLY B 1 59 ? 0.067   -16.911 -18.408 1.00 31.08  ? 63 GLY B N   1 
ATOM   1169 C CA  . GLY B 1 59 ? 0.880   -17.025 -19.605 1.00 31.10  ? 63 GLY B CA  1 
ATOM   1170 C C   . GLY B 1 59 ? 0.583   -15.765 -20.385 1.00 34.24  ? 63 GLY B C   1 
ATOM   1171 O O   . GLY B 1 59 ? -0.547  -15.266 -20.335 1.00 36.30  ? 63 GLY B O   1 
ATOM   1172 N N   . SER B 1 60 ? 1.561   -15.233 -21.107 1.00 33.06  ? 64 SER B N   1 
ATOM   1173 C CA  . SER B 1 60 ? 1.301   -13.998 -21.838 1.00 32.62  ? 64 SER B CA  1 
ATOM   1174 C C   . SER B 1 60 ? 2.035   -13.876 -23.158 1.00 30.09  ? 64 SER B C   1 
ATOM   1175 O O   . SER B 1 60 ? 3.067   -14.505 -23.369 1.00 25.41  ? 64 SER B O   1 
ATOM   1176 C CB  . SER B 1 60 ? 1.695   -12.802 -20.973 1.00 37.67  ? 64 SER B CB  1 
ATOM   1177 O OG  . SER B 1 60 ? 3.092   -12.843 -20.710 1.00 40.56  ? 64 SER B OG  1 
ATOM   1178 N N   . TYR B 1 61 ? 1.493   -13.038 -24.033 1.00 26.23  ? 65 TYR B N   1 
ATOM   1179 C CA  . TYR B 1 61 ? 2.116   -12.772 -25.310 1.00 30.60  ? 65 TYR B CA  1 
ATOM   1180 C C   . TYR B 1 61 ? 1.954   -11.277 -25.506 1.00 28.40  ? 65 TYR B C   1 
ATOM   1181 O O   . TYR B 1 61 ? 0.838   -10.778 -25.511 1.00 29.67  ? 65 TYR B O   1 
ATOM   1182 C CB  . TYR B 1 61 ? 1.432   -13.538 -26.452 1.00 30.96  ? 65 TYR B CB  1 
ATOM   1183 C CG  . TYR B 1 61 ? 2.353   -13.691 -27.639 1.00 34.73  ? 65 TYR B CG  1 
ATOM   1184 C CD1 . TYR B 1 61 ? 3.541   -14.426 -27.531 1.00 35.68  ? 65 TYR B CD1 1 
ATOM   1185 C CD2 . TYR B 1 61 ? 2.083   -13.046 -28.850 1.00 38.26  ? 65 TYR B CD2 1 
ATOM   1186 C CE1 . TYR B 1 61 ? 4.442   -14.507 -28.603 1.00 35.83  ? 65 TYR B CE1 1 
ATOM   1187 C CE2 . TYR B 1 61 ? 2.978   -13.123 -29.927 1.00 33.96  ? 65 TYR B CE2 1 
ATOM   1188 C CZ  . TYR B 1 61 ? 4.149   -13.853 -29.793 1.00 36.47  ? 65 TYR B CZ  1 
ATOM   1189 O OH  . TYR B 1 61 ? 5.024   -13.925 -30.848 1.00 42.81  ? 65 TYR B OH  1 
ATOM   1190 N N   . VAL B 1 62 ? 3.064   -10.564 -25.658 1.00 27.54  ? 66 VAL B N   1 
ATOM   1191 C CA  . VAL B 1 62 ? 2.999   -9.109  -25.813 1.00 32.98  ? 66 VAL B CA  1 
ATOM   1192 C C   . VAL B 1 62 ? 4.038   -8.562  -26.795 1.00 37.69  ? 66 VAL B C   1 
ATOM   1193 O O   . VAL B 1 62 ? 5.035   -9.223  -27.109 1.00 37.86  ? 66 VAL B O   1 
ATOM   1194 C CB  . VAL B 1 62 ? 3.260   -8.386  -24.450 1.00 32.01  ? 66 VAL B CB  1 
ATOM   1195 C CG1 . VAL B 1 62 ? 2.396   -8.981  -23.341 1.00 23.51  ? 66 VAL B CG1 1 
ATOM   1196 C CG2 . VAL B 1 62 ? 4.748   -8.506  -24.083 1.00 24.51  ? 66 VAL B CG2 1 
ATOM   1197 N N   . THR B 1 63 ? 3.799   -7.335  -27.249 1.00 39.10  ? 67 THR B N   1 
ATOM   1198 C CA  . THR B 1 63 ? 4.692   -6.655  -28.179 1.00 41.35  ? 67 THR B CA  1 
ATOM   1199 C C   . THR B 1 63 ? 5.321   -5.516  -27.381 1.00 42.89  ? 67 THR B C   1 
ATOM   1200 O O   . THR B 1 63 ? 4.613   -4.761  -26.716 1.00 43.45  ? 67 THR B O   1 
ATOM   1201 C CB  . THR B 1 63 ? 3.927   -6.046  -29.364 1.00 40.36  ? 67 THR B CB  1 
ATOM   1202 O OG1 . THR B 1 63 ? 3.195   -7.074  -30.034 1.00 41.23  ? 67 THR B OG1 1 
ATOM   1203 C CG2 . THR B 1 63 ? 4.900   -5.372  -30.348 1.00 36.13  ? 67 THR B CG2 1 
ATOM   1204 N N   . HIS B 1 64 ? 6.641   -5.389  -27.458 1.00 45.05  ? 68 HIS B N   1 
ATOM   1205 C CA  . HIS B 1 64 ? 7.354   -4.354  -26.717 1.00 48.75  ? 68 HIS B CA  1 
ATOM   1206 C C   . HIS B 1 64 ? 8.562   -3.824  -27.486 1.00 52.71  ? 68 HIS B C   1 
ATOM   1207 O O   . HIS B 1 64 ? 8.969   -4.392  -28.498 1.00 53.60  ? 68 HIS B O   1 
ATOM   1208 C CB  . HIS B 1 64 ? 7.850   -4.934  -25.397 1.00 45.57  ? 68 HIS B CB  1 
ATOM   1209 C CG  . HIS B 1 64 ? 8.920   -5.965  -25.564 1.00 43.46  ? 68 HIS B CG  1 
ATOM   1210 N ND1 . HIS B 1 64 ? 10.250  -5.638  -25.720 1.00 49.15  ? 68 HIS B ND1 1 
ATOM   1211 C CD2 . HIS B 1 64 ? 8.855   -7.317  -25.642 1.00 47.41  ? 68 HIS B CD2 1 
ATOM   1212 C CE1 . HIS B 1 64 ? 10.959  -6.742  -25.884 1.00 47.03  ? 68 HIS B CE1 1 
ATOM   1213 N NE2 . HIS B 1 64 ? 10.135  -7.775  -25.841 1.00 47.90  ? 68 HIS B NE2 1 
ATOM   1214 N N   . GLU B 1 65 ? 9.133   -2.730  -26.994 1.00 54.80  ? 69 GLU B N   1 
ATOM   1215 C CA  . GLU B 1 65 ? 10.317  -2.154  -27.608 1.00 55.43  ? 69 GLU B CA  1 
ATOM   1216 C C   . GLU B 1 65 ? 11.471  -2.971  -27.053 1.00 56.59  ? 69 GLU B C   1 
ATOM   1217 O O   . GLU B 1 65 ? 11.461  -3.331  -25.875 1.00 53.03  ? 69 GLU B O   1 
ATOM   1218 C CB  . GLU B 1 65 ? 10.499  -0.699  -27.185 1.00 59.15  ? 69 GLU B CB  1 
ATOM   1219 C CG  . GLU B 1 65 ? 9.327   0.214   -27.480 1.00 66.20  ? 69 GLU B CG  1 
ATOM   1220 C CD  . GLU B 1 65 ? 9.624   1.659   -27.100 1.00 72.37  ? 69 GLU B CD  1 
ATOM   1221 O OE1 . GLU B 1 65 ? 10.747  1.917   -26.604 1.00 73.70  ? 69 GLU B OE1 1 
ATOM   1222 O OE2 . GLU B 1 65 ? 8.744   2.532   -27.296 1.00 71.54  ? 69 GLU B OE2 1 
ATOM   1223 N N   . THR B 1 66 ? 12.456  -3.275  -27.891 1.00 58.41  ? 70 THR B N   1 
ATOM   1224 C CA  . THR B 1 66 ? 13.594  -4.053  -27.423 1.00 62.45  ? 70 THR B CA  1 
ATOM   1225 C C   . THR B 1 66 ? 14.282  -3.206  -26.366 1.00 63.01  ? 70 THR B C   1 
ATOM   1226 O O   . THR B 1 66 ? 14.121  -1.984  -26.348 1.00 64.35  ? 70 THR B O   1 
ATOM   1227 C CB  . THR B 1 66 ? 14.598  -4.340  -28.552 1.00 63.75  ? 70 THR B CB  1 
ATOM   1228 O OG1 . THR B 1 66 ? 15.374  -3.164  -28.807 1.00 69.42  ? 70 THR B OG1 1 
ATOM   1229 C CG2 . THR B 1 66 ? 13.865  -4.742  -29.824 1.00 64.51  ? 70 THR B CG2 1 
ATOM   1230 N N   . LYS B 1 67 ? 15.040  -3.852  -25.488 1.00 63.32  ? 71 LYS B N   1 
ATOM   1231 C CA  . LYS B 1 67 ? 15.747  -3.149  -24.426 1.00 65.92  ? 71 LYS B CA  1 
ATOM   1232 C C   . LYS B 1 67 ? 14.792  -2.650  -23.342 1.00 63.21  ? 71 LYS B C   1 
ATOM   1233 O O   . LYS B 1 67 ? 15.223  -2.052  -22.357 1.00 66.74  ? 71 LYS B O   1 
ATOM   1234 C CB  . LYS B 1 67 ? 16.527  -1.961  -24.999 1.00 70.87  ? 71 LYS B CB  1 
ATOM   1235 C CG  . LYS B 1 67 ? 17.549  -2.320  -26.066 1.00 76.93  ? 71 LYS B CG  1 
ATOM   1236 C CD  . LYS B 1 67 ? 18.335  -1.081  -26.483 1.00 84.64  ? 71 LYS B CD  1 
ATOM   1237 C CE  . LYS B 1 67 ? 19.451  -1.410  -27.467 1.00 88.16  ? 71 LYS B CE  1 
ATOM   1238 N NZ  . LYS B 1 67 ? 20.325  -0.224  -27.737 1.00 87.54  ? 71 LYS B NZ  1 
ATOM   1239 N N   . HIS B 1 68 ? 13.499  -2.900  -23.520 1.00 58.67  ? 72 HIS B N   1 
ATOM   1240 C CA  . HIS B 1 68 ? 12.501  -2.462  -22.548 1.00 55.56  ? 72 HIS B CA  1 
ATOM   1241 C C   . HIS B 1 68 ? 11.551  -3.584  -22.146 1.00 51.13  ? 72 HIS B C   1 
ATOM   1242 O O   . HIS B 1 68 ? 10.325  -3.439  -22.181 1.00 43.70  ? 72 HIS B O   1 
ATOM   1243 C CB  . HIS B 1 68 ? 11.712  -1.281  -23.110 1.00 60.25  ? 72 HIS B CB  1 
ATOM   1244 C CG  . HIS B 1 68 ? 12.565  -0.090  -23.420 1.00 66.57  ? 72 HIS B CG  1 
ATOM   1245 N ND1 . HIS B 1 68 ? 13.340  -0.007  -24.558 1.00 67.93  ? 72 HIS B ND1 1 
ATOM   1246 C CD2 . HIS B 1 68 ? 12.798  1.047   -22.722 1.00 67.01  ? 72 HIS B CD2 1 
ATOM   1247 C CE1 . HIS B 1 68 ? 14.012  1.130   -24.547 1.00 67.68  ? 72 HIS B CE1 1 
ATOM   1248 N NE2 . HIS B 1 68 ? 13.701  1.787   -23.444 1.00 67.07  ? 72 HIS B NE2 1 
ATOM   1249 N N   . PHE B 1 69 ? 12.143  -4.705  -21.755 1.00 49.12  ? 73 PHE B N   1 
ATOM   1250 C CA  . PHE B 1 69 ? 11.386  -5.868  -21.343 1.00 47.25  ? 73 PHE B CA  1 
ATOM   1251 C C   . PHE B 1 69 ? 12.130  -6.630  -20.261 1.00 44.72  ? 73 PHE B C   1 
ATOM   1252 O O   . PHE B 1 69 ? 13.340  -6.838  -20.348 1.00 45.56  ? 73 PHE B O   1 
ATOM   1253 C CB  . PHE B 1 69 ? 11.157  -6.806  -22.537 1.00 47.24  ? 73 PHE B CB  1 
ATOM   1254 C CG  . PHE B 1 69 ? 10.475  -8.104  -22.173 1.00 46.26  ? 73 PHE B CG  1 
ATOM   1255 C CD1 . PHE B 1 69 ? 11.200  -9.159  -21.625 1.00 43.92  ? 73 PHE B CD1 1 
ATOM   1256 C CD2 . PHE B 1 69 ? 9.104   -8.254  -22.335 1.00 47.46  ? 73 PHE B CD2 1 
ATOM   1257 C CE1 . PHE B 1 69 ? 10.571  -10.335 -21.238 1.00 43.19  ? 73 PHE B CE1 1 
ATOM   1258 C CE2 . PHE B 1 69 ? 8.464   -9.432  -21.952 1.00 45.33  ? 73 PHE B CE2 1 
ATOM   1259 C CZ  . PHE B 1 69 ? 9.200   -10.472 -21.402 1.00 42.75  ? 73 PHE B CZ  1 
ATOM   1260 N N   . ILE B 1 70 ? 11.402  -7.041  -19.234 1.00 41.94  ? 74 ILE B N   1 
ATOM   1261 C CA  . ILE B 1 70 ? 11.999  -7.833  -18.181 1.00 40.10  ? 74 ILE B CA  1 
ATOM   1262 C C   . ILE B 1 70 ? 10.940  -8.715  -17.529 1.00 38.28  ? 74 ILE B C   1 
ATOM   1263 O O   . ILE B 1 70 ? 9.804   -8.295  -17.308 1.00 40.34  ? 74 ILE B O   1 
ATOM   1264 C CB  . ILE B 1 70 ? 12.705  -6.946  -17.106 1.00 43.33  ? 74 ILE B CB  1 
ATOM   1265 C CG1 . ILE B 1 70 ? 13.502  -7.842  -16.154 1.00 46.82  ? 74 ILE B CG1 1 
ATOM   1266 C CG2 . ILE B 1 70 ? 11.683  -6.131  -16.311 1.00 37.83  ? 74 ILE B CG2 1 
ATOM   1267 C CD1 . ILE B 1 70 ? 14.493  -7.107  -15.283 1.00 50.11  ? 74 ILE B CD1 1 
ATOM   1268 N N   . TYR B 1 71 ? 11.328  -9.956  -17.264 1.00 40.29  ? 75 TYR B N   1 
ATOM   1269 C CA  . TYR B 1 71 ? 10.487  -10.956 -16.613 1.00 39.90  ? 75 TYR B CA  1 
ATOM   1270 C C   . TYR B 1 71 ? 11.405  -11.560 -15.556 1.00 40.74  ? 75 TYR B C   1 
ATOM   1271 O O   . TYR B 1 71 ? 12.533  -11.953 -15.859 1.00 41.96  ? 75 TYR B O   1 
ATOM   1272 C CB  . TYR B 1 71 ? 10.040  -12.021 -17.628 1.00 41.91  ? 75 TYR B CB  1 
ATOM   1273 C CG  . TYR B 1 71 ? 9.743   -13.394 -17.042 1.00 44.41  ? 75 TYR B CG  1 
ATOM   1274 C CD1 . TYR B 1 71 ? 9.019   -13.535 -15.857 1.00 47.02  ? 75 TYR B CD1 1 
ATOM   1275 C CD2 . TYR B 1 71 ? 10.179  -14.555 -17.685 1.00 47.95  ? 75 TYR B CD2 1 
ATOM   1276 C CE1 . TYR B 1 71 ? 8.736   -14.794 -15.326 1.00 48.40  ? 75 TYR B CE1 1 
ATOM   1277 C CE2 . TYR B 1 71 ? 9.900   -15.825 -17.164 1.00 47.67  ? 75 TYR B CE2 1 
ATOM   1278 C CZ  . TYR B 1 71 ? 9.181   -15.934 -15.983 1.00 51.12  ? 75 TYR B CZ  1 
ATOM   1279 O OH  . TYR B 1 71 ? 8.893   -17.175 -15.462 1.00 46.17  ? 75 TYR B OH  1 
ATOM   1280 N N   . PHE B 1 72 ? 10.939  -11.621 -14.315 1.00 40.06  ? 76 PHE B N   1 
ATOM   1281 C CA  . PHE B 1 72 ? 11.779  -12.155 -13.247 1.00 41.18  ? 76 PHE B CA  1 
ATOM   1282 C C   . PHE B 1 72 ? 10.982  -12.552 -12.017 1.00 42.02  ? 76 PHE B C   1 
ATOM   1283 O O   . PHE B 1 72 ? 9.791   -12.265 -11.914 1.00 40.71  ? 76 PHE B O   1 
ATOM   1284 C CB  . PHE B 1 72 ? 12.833  -11.114 -12.850 1.00 40.96  ? 76 PHE B CB  1 
ATOM   1285 C CG  . PHE B 1 72 ? 12.267  -9.902  -12.152 1.00 36.49  ? 76 PHE B CG  1 
ATOM   1286 C CD1 . PHE B 1 72 ? 11.833  -8.802  -12.882 1.00 38.14  ? 76 PHE B CD1 1 
ATOM   1287 C CD2 . PHE B 1 72 ? 12.184  -9.858  -10.764 1.00 39.16  ? 76 PHE B CD2 1 
ATOM   1288 C CE1 . PHE B 1 72 ? 11.328  -7.666  -12.241 1.00 41.59  ? 76 PHE B CE1 1 
ATOM   1289 C CE2 . PHE B 1 72 ? 11.678  -8.731  -10.110 1.00 44.16  ? 76 PHE B CE2 1 
ATOM   1290 C CZ  . PHE B 1 72 ? 11.250  -7.631  -10.851 1.00 44.48  ? 76 PHE B CZ  1 
ATOM   1291 N N   . TYR B 1 73 ? 11.662  -13.205 -11.084 1.00 44.76  ? 77 TYR B N   1 
ATOM   1292 C CA  . TYR B 1 73 ? 11.037  -13.643 -9.849  1.00 51.37  ? 77 TYR B CA  1 
ATOM   1293 C C   . TYR B 1 73 ? 11.432  -12.768 -8.680  1.00 52.75  ? 77 TYR B C   1 
ATOM   1294 O O   . TYR B 1 73 ? 12.443  -12.066 -8.712  1.00 53.11  ? 77 TYR B O   1 
ATOM   1295 C CB  . TYR B 1 73 ? 11.419  -15.090 -9.541  1.00 57.36  ? 77 TYR B CB  1 
ATOM   1296 C CG  . TYR B 1 73 ? 10.605  -16.109 -10.295 1.00 64.51  ? 77 TYR B CG  1 
ATOM   1297 C CD1 . TYR B 1 73 ? 10.479  -16.045 -11.682 1.00 66.01  ? 77 TYR B CD1 1 
ATOM   1298 C CD2 . TYR B 1 73 ? 9.973   -17.154 -9.623  1.00 69.57  ? 77 TYR B CD2 1 
ATOM   1299 C CE1 . TYR B 1 73 ? 9.745   -16.994 -12.382 1.00 69.10  ? 77 TYR B CE1 1 
ATOM   1300 C CE2 . TYR B 1 73 ? 9.235   -18.112 -10.314 1.00 72.61  ? 77 TYR B CE2 1 
ATOM   1301 C CZ  . TYR B 1 73 ? 9.128   -18.025 -11.694 1.00 71.34  ? 77 TYR B CZ  1 
ATOM   1302 O OH  . TYR B 1 73 ? 8.410   -18.974 -12.384 1.00 74.05  ? 77 TYR B OH  1 
ATOM   1303 N N   . LEU B 1 74 ? 10.616  -12.820 -7.640  1.00 54.44  ? 78 LEU B N   1 
ATOM   1304 C CA  . LEU B 1 74 ? 10.859  -12.049 -6.439  1.00 58.19  ? 78 LEU B CA  1 
ATOM   1305 C C   . LEU B 1 74 ? 9.877   -12.584 -5.419  1.00 60.78  ? 78 LEU B C   1 
ATOM   1306 O O   . LEU B 1 74 ? 8.664   -12.421 -5.562  1.00 60.72  ? 78 LEU B O   1 
ATOM   1307 C CB  . LEU B 1 74 ? 10.617  -10.567 -6.710  1.00 56.99  ? 78 LEU B CB  1 
ATOM   1308 C CG  . LEU B 1 74 ? 11.232  -9.628  -5.680  1.00 57.67  ? 78 LEU B CG  1 
ATOM   1309 C CD1 . LEU B 1 74 ? 12.685  -10.040 -5.418  1.00 52.15  ? 78 LEU B CD1 1 
ATOM   1310 C CD2 . LEU B 1 74 ? 11.142  -8.197  -6.191  1.00 56.94  ? 78 LEU B CD2 1 
ATOM   1311 N N   . GLY B 1 75 ? 10.405  -13.234 -4.389  1.00 64.11  ? 79 GLY B N   1 
ATOM   1312 C CA  . GLY B 1 75 ? 9.536   -13.824 -3.394  1.00 65.32  ? 79 GLY B CA  1 
ATOM   1313 C C   . GLY B 1 75 ? 8.859   -14.952 -4.139  1.00 66.54  ? 79 GLY B C   1 
ATOM   1314 O O   . GLY B 1 75 ? 9.444   -15.518 -5.066  1.00 66.65  ? 79 GLY B O   1 
ATOM   1315 N N   . GLN B 1 76 ? 7.633   -15.282 -3.756  1.00 67.05  ? 80 GLN B N   1 
ATOM   1316 C CA  . GLN B 1 76 ? 6.902   -16.343 -4.437  1.00 68.54  ? 80 GLN B CA  1 
ATOM   1317 C C   . GLN B 1 76 ? 6.063   -15.724 -5.554  1.00 65.10  ? 80 GLN B C   1 
ATOM   1318 O O   . GLN B 1 76 ? 5.023   -16.269 -5.942  1.00 63.72  ? 80 GLN B O   1 
ATOM   1319 C CB  . GLN B 1 76 ? 5.986   -17.079 -3.453  1.00 76.04  ? 80 GLN B CB  1 
ATOM   1320 C CG  . GLN B 1 76 ? 5.004   -16.179 -2.713  1.00 80.48  ? 80 GLN B CG  1 
ATOM   1321 C CD  . GLN B 1 76 ? 5.657   -15.420 -1.577  1.00 84.49  ? 80 GLN B CD  1 
ATOM   1322 O OE1 . GLN B 1 76 ? 6.121   -16.019 -0.605  1.00 84.87  ? 80 GLN B OE1 1 
ATOM   1323 N NE2 . GLN B 1 76 ? 5.700   -14.091 -1.693  1.00 86.08  ? 80 GLN B NE2 1 
ATOM   1324 N N   . VAL B 1 77 ? 6.523   -14.586 -6.071  1.00 57.86  ? 81 VAL B N   1 
ATOM   1325 C CA  . VAL B 1 77 ? 5.799   -13.891 -7.122  1.00 51.19  ? 81 VAL B CA  1 
ATOM   1326 C C   . VAL B 1 77 ? 6.652   -13.635 -8.361  1.00 47.65  ? 81 VAL B C   1 
ATOM   1327 O O   . VAL B 1 77 ? 7.870   -13.475 -8.279  1.00 51.43  ? 81 VAL B O   1 
ATOM   1328 C CB  . VAL B 1 77 ? 5.218   -12.555 -6.580  1.00 49.63  ? 81 VAL B CB  1 
ATOM   1329 C CG1 . VAL B 1 77 ? 6.012   -11.376 -7.085  1.00 47.10  ? 81 VAL B CG1 1 
ATOM   1330 C CG2 . VAL B 1 77 ? 3.748   -12.438 -6.961  1.00 55.05  ? 81 VAL B CG2 1 
ATOM   1331 N N   . ALA B 1 78 ? 5.999   -13.615 -9.515  1.00 44.23  ? 82 ALA B N   1 
ATOM   1332 C CA  . ALA B 1 78 ? 6.679   -13.374 -10.780 1.00 36.31  ? 82 ALA B CA  1 
ATOM   1333 C C   . ALA B 1 78 ? 6.220   -12.028 -11.296 1.00 35.39  ? 82 ALA B C   1 
ATOM   1334 O O   . ALA B 1 78 ? 5.039   -11.660 -11.153 1.00 30.78  ? 82 ALA B O   1 
ATOM   1335 C CB  . ALA B 1 78 ? 6.331   -14.456 -11.781 1.00 37.13  ? 82 ALA B CB  1 
ATOM   1336 N N   . ILE B 1 79 ? 7.150   -11.304 -11.911 1.00 34.29  ? 83 ILE B N   1 
ATOM   1337 C CA  . ILE B 1 79 ? 6.854   -9.983  -12.433 1.00 36.56  ? 83 ILE B CA  1 
ATOM   1338 C C   . ILE B 1 79 ? 7.153   -9.826  -13.907 1.00 32.85  ? 83 ILE B C   1 
ATOM   1339 O O   . ILE B 1 79 ? 8.203   -10.234 -14.395 1.00 32.16  ? 83 ILE B O   1 
ATOM   1340 C CB  . ILE B 1 79 ? 7.640   -8.912  -11.660 1.00 37.69  ? 83 ILE B CB  1 
ATOM   1341 C CG1 . ILE B 1 79 ? 7.301   -9.014  -10.173 1.00 39.28  ? 83 ILE B CG1 1 
ATOM   1342 C CG2 . ILE B 1 79 ? 7.321   -7.525  -12.206 1.00 33.21  ? 83 ILE B CG2 1 
ATOM   1343 C CD1 . ILE B 1 79 ? 8.288   -8.314  -9.294  1.00 44.20  ? 83 ILE B CD1 1 
ATOM   1344 N N   . LEU B 1 80 ? 6.206   -9.230  -14.614 1.00 35.13  ? 84 LEU B N   1 
ATOM   1345 C CA  . LEU B 1 80 ? 6.364   -8.974  -16.039 1.00 35.74  ? 84 LEU B CA  1 
ATOM   1346 C C   . LEU B 1 80 ? 6.192   -7.475  -16.213 1.00 33.26  ? 84 LEU B C   1 
ATOM   1347 O O   . LEU B 1 80 ? 5.138   -6.922  -15.866 1.00 29.57  ? 84 LEU B O   1 
ATOM   1348 C CB  . LEU B 1 80 ? 5.303   -9.717  -16.860 1.00 29.62  ? 84 LEU B CB  1 
ATOM   1349 C CG  . LEU B 1 80 ? 5.305   -9.355  -18.347 1.00 32.08  ? 84 LEU B CG  1 
ATOM   1350 C CD1 . LEU B 1 80 ? 6.703   -9.563  -18.922 1.00 32.25  ? 84 LEU B CD1 1 
ATOM   1351 C CD2 . LEU B 1 80 ? 4.290   -10.211 -19.095 1.00 28.09  ? 84 LEU B CD2 1 
ATOM   1352 N N   . LEU B 1 81 ? 7.232   -6.822  -16.729 1.00 32.58  ? 85 LEU B N   1 
ATOM   1353 C CA  . LEU B 1 81 ? 7.197   -5.378  -16.927 1.00 37.62  ? 85 LEU B CA  1 
ATOM   1354 C C   . LEU B 1 81 ? 7.757   -5.053  -18.293 1.00 37.24  ? 85 LEU B C   1 
ATOM   1355 O O   . LEU B 1 81 ? 8.875   -5.441  -18.619 1.00 40.26  ? 85 LEU B O   1 
ATOM   1356 C CB  . LEU B 1 81 ? 8.020   -4.671  -15.840 1.00 39.30  ? 85 LEU B CB  1 
ATOM   1357 C CG  . LEU B 1 81 ? 8.247   -3.161  -15.989 1.00 40.15  ? 85 LEU B CG  1 
ATOM   1358 C CD1 . LEU B 1 81 ? 6.923   -2.417  -15.942 1.00 37.56  ? 85 LEU B CD1 1 
ATOM   1359 C CD2 . LEU B 1 81 ? 9.173   -2.689  -14.885 1.00 42.78  ? 85 LEU B CD2 1 
ATOM   1360 N N   . PHE B 1 82 ? 6.986   -4.326  -19.091 1.00 37.27  ? 86 PHE B N   1 
ATOM   1361 C CA  . PHE B 1 82 ? 7.439   -3.993  -20.429 1.00 39.19  ? 86 PHE B CA  1 
ATOM   1362 C C   . PHE B 1 82 ? 6.783   -2.717  -20.904 1.00 41.43  ? 86 PHE B C   1 
ATOM   1363 O O   . PHE B 1 82 ? 5.701   -2.344  -20.443 1.00 41.25  ? 86 PHE B O   1 
ATOM   1364 C CB  . PHE B 1 82 ? 7.104   -5.139  -21.402 1.00 32.61  ? 86 PHE B CB  1 
ATOM   1365 C CG  . PHE B 1 82 ? 5.644   -5.254  -21.717 1.00 26.77  ? 86 PHE B CG  1 
ATOM   1366 C CD1 . PHE B 1 82 ? 4.792   -5.985  -20.887 1.00 23.90  ? 86 PHE B CD1 1 
ATOM   1367 C CD2 . PHE B 1 82 ? 5.104   -4.578  -22.803 1.00 23.59  ? 86 PHE B CD2 1 
ATOM   1368 C CE1 . PHE B 1 82 ? 3.405   -6.039  -21.135 1.00 26.92  ? 86 PHE B CE1 1 
ATOM   1369 C CE2 . PHE B 1 82 ? 3.719   -4.621  -23.065 1.00 28.69  ? 86 PHE B CE2 1 
ATOM   1370 C CZ  . PHE B 1 82 ? 2.866   -5.354  -22.228 1.00 20.97  ? 86 PHE B CZ  1 
ATOM   1371 N N   . LYS B 1 83 ? 7.433   -2.056  -21.852 1.00 46.34  ? 87 LYS B N   1 
ATOM   1372 C CA  . LYS B 1 83 ? 6.910   -0.817  -22.396 1.00 47.09  ? 87 LYS B CA  1 
ATOM   1373 C C   . LYS B 1 83 ? 6.546   -0.927  -23.874 1.00 48.72  ? 87 LYS B C   1 
ATOM   1374 O O   . LYS B 1 83 ? 7.325   -1.428  -24.676 1.00 48.67  ? 87 LYS B O   1 
ATOM   1375 C CB  . LYS B 1 83 ? 7.944   0.292   -22.214 1.00 51.53  ? 87 LYS B CB  1 
ATOM   1376 C CG  . LYS B 1 83 ? 7.594   1.601   -22.897 1.00 56.04  ? 87 LYS B CG  1 
ATOM   1377 C CD  . LYS B 1 83 ? 8.729   2.594   -22.782 1.00 60.54  ? 87 LYS B CD  1 
ATOM   1378 C CE  . LYS B 1 83 ? 8.384   3.867   -23.516 1.00 65.56  ? 87 LYS B CE  1 
ATOM   1379 N NZ  . LYS B 1 83 ? 9.466   4.866   -23.350 1.00 71.89  ? 87 LYS B NZ  1 
ATOM   1380 N N   . SER B 1 84 ? 5.355   -0.458  -24.218 1.00 53.93  ? 88 SER B N   1 
ATOM   1381 C CA  . SER B 1 84 ? 4.904   -0.462  -25.599 1.00 60.04  ? 88 SER B CA  1 
ATOM   1382 C C   . SER B 1 84 ? 5.208   0.949   -26.137 1.00 67.49  ? 88 SER B C   1 
ATOM   1383 O O   . SER B 1 84 ? 6.297   1.198   -26.671 1.00 70.97  ? 88 SER B O   1 
ATOM   1384 C CB  . SER B 1 84 ? 3.409   -0.745  -25.662 1.00 59.48  ? 88 SER B CB  1 
ATOM   1385 O OG  . SER B 1 84 ? 2.678   0.241   -24.978 1.00 58.38  ? 88 SER B OG  1 
ATOM   1386 N N   . GLY B 1 85 ? 4.272   1.885   -26.002 1.00 72.48  ? 89 GLY B N   1 
ATOM   1387 C CA  . GLY B 1 85 ? 4.537   3.241   -26.470 1.00 75.58  ? 89 GLY B CA  1 
ATOM   1388 C C   . GLY B 1 85 ? 3.303   4.108   -26.641 1.00 79.30  ? 89 GLY B C   1 
ATOM   1389 O O   . GLY B 1 85 ? 3.079   5.001   -25.797 1.00 80.79  ? 89 GLY B O   1 
ATOM   1390 O OXT . GLY B 1 85 ? 2.557   3.886   -27.616 1.00 82.83  ? 89 GLY B OXT 1 
ATOM   1391 N N   . ALA C 2 2  ? -11.630 24.160  21.472  0.00 79.65  ? 2  ALA C N   1 
ATOM   1392 C CA  . ALA C 2 2  ? -13.010 24.216  22.030  1.00 79.73  ? 2  ALA C CA  1 
ATOM   1393 C C   . ALA C 2 2  ? -13.453 22.878  22.593  1.00 79.46  ? 2  ALA C C   1 
ATOM   1394 O O   . ALA C 2 2  ? -13.977 22.034  21.864  1.00 81.20  ? 2  ALA C O   1 
ATOM   1395 N N   . GLU C 2 3  ? -13.253 22.694  23.895  1.00 77.79  ? 3  GLU C N   1 
ATOM   1396 C CA  . GLU C 2 3  ? -13.605 21.456  24.591  1.00 77.14  ? 3  GLU C CA  1 
ATOM   1397 C C   . GLU C 2 3  ? -12.591 20.355  24.288  1.00 75.49  ? 3  GLU C C   1 
ATOM   1398 O O   . GLU C 2 3  ? -12.849 19.439  23.503  1.00 75.40  ? 3  GLU C O   1 
ATOM   1399 C CB  . GLU C 2 3  ? -15.015 20.990  24.211  1.00 78.40  ? 3  GLU C CB  1 
ATOM   1400 C CG  . GLU C 2 3  ? -16.044 21.138  25.327  1.00 82.38  ? 3  GLU C CG  1 
ATOM   1401 C CD  . GLU C 2 3  ? -15.663 20.381  26.595  1.00 84.37  ? 3  GLU C CD  1 
ATOM   1402 O OE1 . GLU C 2 3  ? -14.704 20.802  27.280  1.00 83.08  ? 3  GLU C OE1 1 
ATOM   1403 O OE2 . GLU C 2 3  ? -16.323 19.361  26.903  1.00 83.63  ? 3  GLU C OE2 1 
ATOM   1404 N N   . MET C 2 4  ? -11.434 20.456  24.933  1.00 72.49  ? 4  MET C N   1 
ATOM   1405 C CA  . MET C 2 4  ? -10.361 19.496  24.748  1.00 67.50  ? 4  MET C CA  1 
ATOM   1406 C C   . MET C 2 4  ? -10.241 18.523  25.917  1.00 66.16  ? 4  MET C C   1 
ATOM   1407 O O   . MET C 2 4  ? -10.638 18.824  27.041  1.00 67.35  ? 4  MET C O   1 
ATOM   1408 C CB  . MET C 2 4  ? -9.043  20.240  24.556  1.00 65.13  ? 4  MET C CB  1 
ATOM   1409 C CG  . MET C 2 4  ? -9.119  21.324  23.501  1.00 65.21  ? 4  MET C CG  1 
ATOM   1410 S SD  . MET C 2 4  ? -9.712  20.695  21.918  1.00 67.02  ? 4  MET C SD  1 
ATOM   1411 C CE  . MET C 2 4  ? -8.140  20.379  21.084  1.00 66.84  ? 4  MET C CE  1 
ATOM   1412 N N   . LYS C 2 5  ? -9.697  17.346  25.630  1.00 64.55  ? 5  LYS C N   1 
ATOM   1413 C CA  . LYS C 2 5  ? -9.494  16.305  26.627  1.00 60.75  ? 5  LYS C CA  1 
ATOM   1414 C C   . LYS C 2 5  ? -8.098  15.729  26.422  1.00 57.25  ? 5  LYS C C   1 
ATOM   1415 O O   . LYS C 2 5  ? -7.592  15.699  25.295  1.00 52.57  ? 5  LYS C O   1 
ATOM   1416 C CB  . LYS C 2 5  ? -10.523 15.185  26.447  1.00 64.87  ? 5  LYS C CB  1 
ATOM   1417 C CG  . LYS C 2 5  ? -11.443 14.951  27.629  1.00 72.99  ? 5  LYS C CG  1 
ATOM   1418 C CD  . LYS C 2 5  ? -10.678 14.537  28.883  1.00 80.67  ? 5  LYS C CD  1 
ATOM   1419 C CE  . LYS C 2 5  ? -11.623 14.404  30.083  1.00 85.17  ? 5  LYS C CE  1 
ATOM   1420 N NZ  . LYS C 2 5  ? -10.926 14.062  31.363  1.00 85.64  ? 5  LYS C NZ  1 
ATOM   1421 N N   . ASP C 2 6  ? -7.473  15.296  27.515  1.00 54.77  ? 6  ASP C N   1 
ATOM   1422 C CA  . ASP C 2 6  ? -6.151  14.682  27.465  1.00 52.43  ? 6  ASP C CA  1 
ATOM   1423 C C   . ASP C 2 6  ? -6.361  13.217  27.779  1.00 49.91  ? 6  ASP C C   1 
ATOM   1424 O O   . ASP C 2 6  ? -6.824  12.878  28.862  1.00 52.52  ? 6  ASP C O   1 
ATOM   1425 C CB  . ASP C 2 6  ? -5.214  15.289  28.510  1.00 52.55  ? 6  ASP C CB  1 
ATOM   1426 C CG  . ASP C 2 6  ? -4.730  16.675  28.130  1.00 57.24  ? 6  ASP C CG  1 
ATOM   1427 O OD1 . ASP C 2 6  ? -5.004  17.116  26.989  1.00 56.87  ? 6  ASP C OD1 1 
ATOM   1428 O OD2 . ASP C 2 6  ? -4.067  17.320  28.976  1.00 56.14  ? 6  ASP C OD2 1 
ATOM   1429 N N   . THR C 2 7  ? -6.040  12.346  26.832  1.00 48.76  ? 7  THR C N   1 
ATOM   1430 C CA  . THR C 2 7  ? -6.214  10.917  27.059  1.00 47.66  ? 7  THR C CA  1 
ATOM   1431 C C   . THR C 2 7  ? -4.964  10.116  26.750  1.00 42.71  ? 7  THR C C   1 
ATOM   1432 O O   . THR C 2 7  ? -4.267  10.372  25.762  1.00 43.27  ? 7  THR C O   1 
ATOM   1433 C CB  . THR C 2 7  ? -7.369  10.342  26.214  1.00 51.58  ? 7  THR C CB  1 
ATOM   1434 O OG1 . THR C 2 7  ? -8.574  11.077  26.482  1.00 56.20  ? 7  THR C OG1 1 
ATOM   1435 C CG2 . THR C 2 7  ? -7.595  8.872   26.555  1.00 47.31  ? 7  THR C CG2 1 
ATOM   1436 N N   . GLY C 2 8  ? -4.684  9.156   27.623  1.00 37.82  ? 8  GLY C N   1 
ATOM   1437 C CA  . GLY C 2 8  ? -3.539  8.285   27.458  1.00 33.42  ? 8  GLY C CA  1 
ATOM   1438 C C   . GLY C 2 8  ? -4.049  6.892   27.128  1.00 36.03  ? 8  GLY C C   1 
ATOM   1439 O O   . GLY C 2 8  ? -5.144  6.504   27.542  1.00 33.98  ? 8  GLY C O   1 
ATOM   1440 N N   . ILE C 2 9  ? -3.255  6.134   26.382  1.00 35.27  ? 9  ILE C N   1 
ATOM   1441 C CA  . ILE C 2 9  ? -3.634  4.784   25.980  1.00 33.56  ? 9  ILE C CA  1 
ATOM   1442 C C   . ILE C 2 9  ? -2.395  3.896   26.011  1.00 33.96  ? 9  ILE C C   1 
ATOM   1443 O O   . ILE C 2 9  ? -1.288  4.345   25.689  1.00 32.19  ? 9  ILE C O   1 
ATOM   1444 C CB  . ILE C 2 9  ? -4.213  4.792   24.539  1.00 39.07  ? 9  ILE C CB  1 
ATOM   1445 C CG1 . ILE C 2 9  ? -5.582  5.487   24.527  1.00 40.22  ? 9  ILE C CG1 1 
ATOM   1446 C CG2 . ILE C 2 9  ? -4.263  3.393   23.979  1.00 41.81  ? 9  ILE C CG2 1 
ATOM   1447 C CD1 . ILE C 2 9  ? -6.620  4.866   25.445  1.00 46.20  ? 9  ILE C CD1 1 
ATOM   1448 N N   . GLN C 2 10 ? -2.581  2.639   26.397  1.00 32.61  ? 10 GLN C N   1 
ATOM   1449 C CA  . GLN C 2 10 ? -1.475  1.684   26.450  1.00 34.76  ? 10 GLN C CA  1 
ATOM   1450 C C   . GLN C 2 10 ? -1.873  0.497   25.591  1.00 34.12  ? 10 GLN C C   1 
ATOM   1451 O O   . GLN C 2 10 ? -2.957  -0.064  25.774  1.00 32.63  ? 10 GLN C O   1 
ATOM   1452 C CB  . GLN C 2 10 ? -1.215  1.219   27.896  1.00 30.29  ? 10 GLN C CB  1 
ATOM   1453 C CG  . GLN C 2 10 ? -0.007  0.292   28.053  1.00 26.45  ? 10 GLN C CG  1 
ATOM   1454 C CD  . GLN C 2 10 ? 1.294   0.932   27.578  1.00 28.38  ? 10 GLN C CD  1 
ATOM   1455 O OE1 . GLN C 2 10 ? 1.529   2.123   27.780  1.00 31.47  ? 10 GLN C OE1 1 
ATOM   1456 N NE2 . GLN C 2 10 ? 2.146   0.139   26.959  1.00 33.27  ? 10 GLN C NE2 1 
ATOM   1457 N N   . VAL C 2 11 ? -1.004  0.116   24.659  1.00 32.80  ? 11 VAL C N   1 
ATOM   1458 C CA  . VAL C 2 11 ? -1.301  -1.008  23.766  1.00 40.40  ? 11 VAL C CA  1 
ATOM   1459 C C   . VAL C 2 11 ? -0.307  -2.161  23.891  1.00 43.88  ? 11 VAL C C   1 
ATOM   1460 O O   . VAL C 2 11 ? 0.893   -1.981  23.668  1.00 42.46  ? 11 VAL C O   1 
ATOM   1461 C CB  . VAL C 2 11 ? -1.333  -0.534  22.281  1.00 39.34  ? 11 VAL C CB  1 
ATOM   1462 C CG1 . VAL C 2 11 ? -1.509  -1.734  21.355  1.00 36.80  ? 11 VAL C CG1 1 
ATOM   1463 C CG2 . VAL C 2 11 ? -2.471  0.481   22.077  1.00 35.11  ? 11 VAL C CG2 1 
ATOM   1464 N N   . ASP C 2 12 ? -0.812  -3.344  24.220  1.00 53.93  ? 12 ASP C N   1 
ATOM   1465 C CA  . ASP C 2 12 ? 0.043   -4.523  24.376  1.00 65.27  ? 12 ASP C CA  1 
ATOM   1466 C C   . ASP C 2 12 ? -0.556  -5.822  23.836  1.00 72.14  ? 12 ASP C C   1 
ATOM   1467 O O   . ASP C 2 12 ? -0.561  -6.835  24.542  1.00 76.59  ? 12 ASP C O   1 
ATOM   1468 C CB  . ASP C 2 12 ? 0.388   -4.733  25.856  1.00 67.78  ? 12 ASP C CB  1 
ATOM   1469 C CG  . ASP C 2 12 ? 1.228   -3.615  26.424  1.00 72.31  ? 12 ASP C CG  1 
ATOM   1470 O OD1 . ASP C 2 12 ? 2.305   -3.326  25.850  1.00 73.86  ? 12 ASP C OD1 1 
ATOM   1471 O OD2 . ASP C 2 12 ? 0.810   -3.031  27.454  1.00 71.65  ? 12 ASP C OD2 1 
ATOM   1472 N N   . ARG C 2 13 ? -1.057  -5.807  22.605  1.00 77.96  ? 13 ARG C N   1 
ATOM   1473 C CA  . ARG C 2 13 ? -1.631  -7.017  22.025  1.00 83.13  ? 13 ARG C CA  1 
ATOM   1474 C C   . ARG C 2 13 ? -0.620  -7.717  21.123  1.00 86.04  ? 13 ARG C C   1 
ATOM   1475 O O   . ARG C 2 13 ? 0.554   -7.284  21.128  1.00 86.93  ? 13 ARG C O   1 
ATOM   1476 C CB  . ARG C 2 13 ? -2.893  -6.687  21.224  1.00 84.12  ? 13 ARG C CB  1 
ATOM   1477 C CG  . ARG C 2 13 ? -2.651  -5.690  20.119  1.00 87.37  ? 13 ARG C CG  1 
ATOM   1478 C CD  . ARG C 2 13 ? -3.389  -6.089  18.870  1.00 89.25  ? 13 ARG C CD  1 
ATOM   1479 N NE  . ARG C 2 13 ? -4.831  -6.135  19.065  1.00 90.47  ? 13 ARG C NE  1 
ATOM   1480 C CZ  . ARG C 2 13 ? -5.638  -7.021  18.485  1.00 91.54  ? 13 ARG C CZ  1 
ATOM   1481 N NH1 . ARG C 2 13 ? -5.144  -7.967  17.705  1.00 89.69  ? 13 ARG C NH1 1 
ATOM   1482 N NH2 . ARG C 2 13 ? -6.939  -6.981  18.714  1.00 94.16  ? 13 ARG C NH2 1 
ATOM   1483 O OXT . ARG C 2 13 ? -1.012  -8.694  20.450  1.00 90.29  ? 13 ARG C OXT 1 
ATOM   1484 N N   . ALA D 2 2  ? 11.613  3.311   -33.894 0.00 84.99  ? 2  ALA D N   1 
ATOM   1485 C CA  . ALA D 2 2  ? 11.337  2.491   -32.681 1.00 85.01  ? 2  ALA D CA  1 
ATOM   1486 C C   . ALA D 2 2  ? 12.058  1.153   -32.703 1.00 84.85  ? 2  ALA D C   1 
ATOM   1487 O O   . ALA D 2 2  ? 13.254  1.094   -32.421 1.00 85.37  ? 2  ALA D O   1 
ATOM   1488 N N   . GLU D 2 3  ? 11.315  0.098   -33.042 1.00 82.74  ? 3  GLU D N   1 
ATOM   1489 C CA  . GLU D 2 3  ? 11.782  -1.297  -33.134 1.00 82.29  ? 3  GLU D CA  1 
ATOM   1490 C C   . GLU D 2 3  ? 11.114  -2.156  -32.062 1.00 81.32  ? 3  GLU D C   1 
ATOM   1491 O O   . GLU D 2 3  ? 11.564  -2.213  -30.914 1.00 80.75  ? 3  GLU D O   1 
ATOM   1492 C CB  . GLU D 2 3  ? 13.305  -1.417  -33.002 1.00 82.96  ? 3  GLU D CB  1 
ATOM   1493 C CG  . GLU D 2 3  ? 13.807  -2.845  -33.190 1.00 83.87  ? 3  GLU D CG  1 
ATOM   1494 C CD  . GLU D 2 3  ? 15.319  -2.939  -33.331 1.00 86.74  ? 3  GLU D CD  1 
ATOM   1495 O OE1 . GLU D 2 3  ? 15.999  -1.890  -33.261 1.00 87.35  ? 3  GLU D OE1 1 
ATOM   1496 O OE2 . GLU D 2 3  ? 15.826  -4.068  -33.515 1.00 85.86  ? 3  GLU D OE2 1 
ATOM   1497 N N   . MET D 2 4  ? 10.043  -2.834  -32.458 1.00 78.88  ? 4  MET D N   1 
ATOM   1498 C CA  . MET D 2 4  ? 9.274   -3.670  -31.549 1.00 75.96  ? 4  MET D CA  1 
ATOM   1499 C C   . MET D 2 4  ? 9.624   -5.148  -31.632 1.00 73.39  ? 4  MET D C   1 
ATOM   1500 O O   . MET D 2 4  ? 10.328  -5.585  -32.538 1.00 74.92  ? 4  MET D O   1 
ATOM   1501 C CB  . MET D 2 4  ? 7.782   -3.488  -31.832 1.00 77.91  ? 4  MET D CB  1 
ATOM   1502 C CG  . MET D 2 4  ? 7.332   -2.034  -31.838 1.00 79.77  ? 4  MET D CG  1 
ATOM   1503 S SD  . MET D 2 4  ? 7.616   -1.218  -30.255 1.00 79.95  ? 4  MET D SD  1 
ATOM   1504 C CE  . MET D 2 4  ? 5.989   -1.386  -29.505 1.00 79.66  ? 4  MET D CE  1 
ATOM   1505 N N   . LYS D 2 5  ? 9.121   -5.911  -30.667 1.00 69.83  ? 5  LYS D N   1 
ATOM   1506 C CA  . LYS D 2 5  ? 9.350   -7.346  -30.608 1.00 63.45  ? 5  LYS D CA  1 
ATOM   1507 C C   . LYS D 2 5  ? 8.246   -8.034  -29.810 1.00 61.43  ? 5  LYS D C   1 
ATOM   1508 O O   . LYS D 2 5  ? 7.825   -7.554  -28.750 1.00 59.90  ? 5  LYS D O   1 
ATOM   1509 C CB  . LYS D 2 5  ? 10.706  -7.652  -29.972 1.00 63.52  ? 5  LYS D CB  1 
ATOM   1510 C CG  . LYS D 2 5  ? 11.001  -9.137  -29.865 1.00 67.25  ? 5  LYS D CG  1 
ATOM   1511 C CD  . LYS D 2 5  ? 12.406  -9.406  -29.337 1.00 71.05  ? 5  LYS D CD  1 
ATOM   1512 C CE  . LYS D 2 5  ? 12.686  -10.908 -29.284 1.00 74.16  ? 5  LYS D CE  1 
ATOM   1513 N NZ  . LYS D 2 5  ? 14.045  -11.236 -28.757 1.00 75.45  ? 5  LYS D NZ  1 
ATOM   1514 N N   . ASP D 2 6  ? 7.772   -9.156  -30.338 1.00 56.46  ? 6  ASP D N   1 
ATOM   1515 C CA  . ASP D 2 6  ? 6.727   -9.930  -29.698 1.00 52.67  ? 6  ASP D CA  1 
ATOM   1516 C C   . ASP D 2 6  ? 7.371   -11.020 -28.858 1.00 49.38  ? 6  ASP D C   1 
ATOM   1517 O O   . ASP D 2 6  ? 8.200   -11.780 -29.351 1.00 50.71  ? 6  ASP D O   1 
ATOM   1518 C CB  . ASP D 2 6  ? 5.818   -10.558 -30.750 1.00 54.13  ? 6  ASP D CB  1 
ATOM   1519 C CG  . ASP D 2 6  ? 5.154   -9.526  -31.630 1.00 58.92  ? 6  ASP D CG  1 
ATOM   1520 O OD1 . ASP D 2 6  ? 5.360   -8.318  -31.384 1.00 60.69  ? 6  ASP D OD1 1 
ATOM   1521 O OD2 . ASP D 2 6  ? 4.424   -9.918  -32.564 1.00 63.20  ? 6  ASP D OD2 1 
ATOM   1522 N N   . THR D 2 7  ? 6.997   -11.080 -27.587 1.00 45.46  ? 7  THR D N   1 
ATOM   1523 C CA  . THR D 2 7  ? 7.542   -12.079 -26.685 1.00 43.44  ? 7  THR D CA  1 
ATOM   1524 C C   . THR D 2 7  ? 6.417   -12.733 -25.899 1.00 43.22  ? 7  THR D C   1 
ATOM   1525 O O   . THR D 2 7  ? 5.378   -12.115 -25.620 1.00 43.36  ? 7  THR D O   1 
ATOM   1526 C CB  . THR D 2 7  ? 8.547   -11.461 -25.675 1.00 45.71  ? 7  THR D CB  1 
ATOM   1527 O OG1 . THR D 2 7  ? 9.614   -10.820 -26.384 1.00 50.75  ? 7  THR D OG1 1 
ATOM   1528 C CG2 . THR D 2 7  ? 9.130   -12.544 -24.770 1.00 37.85  ? 7  THR D CG2 1 
ATOM   1529 N N   . GLY D 2 8  ? 6.628   -13.999 -25.567 1.00 40.78  ? 8  GLY D N   1 
ATOM   1530 C CA  . GLY D 2 8  ? 5.659   -14.737 -24.791 1.00 36.84  ? 8  GLY D CA  1 
ATOM   1531 C C   . GLY D 2 8  ? 6.407   -15.351 -23.627 1.00 37.49  ? 8  GLY D C   1 
ATOM   1532 O O   . GLY D 2 8  ? 7.595   -15.658 -23.748 1.00 34.85  ? 8  GLY D O   1 
ATOM   1533 N N   . ILE D 2 9  ? 5.735   -15.489 -22.488 1.00 36.87  ? 9  ILE D N   1 
ATOM   1534 C CA  . ILE D 2 9  ? 6.344   -16.110 -21.316 1.00 37.85  ? 9  ILE D CA  1 
ATOM   1535 C C   . ILE D 2 9  ? 5.267   -16.931 -20.621 1.00 35.40  ? 9  ILE D C   1 
ATOM   1536 O O   . ILE D 2 9  ? 4.075   -16.635 -20.725 1.00 33.81  ? 9  ILE D O   1 
ATOM   1537 C CB  . ILE D 2 9  ? 6.919   -15.081 -20.303 1.00 40.75  ? 9  ILE D CB  1 
ATOM   1538 C CG1 . ILE D 2 9  ? 5.783   -14.383 -19.545 1.00 44.36  ? 9  ILE D CG1 1 
ATOM   1539 C CG2 . ILE D 2 9  ? 7.777   -14.067 -21.028 1.00 39.18  ? 9  ILE D CG2 1 
ATOM   1540 C CD1 . ILE D 2 9  ? 6.244   -13.720 -18.259 1.00 47.67  ? 9  ILE D CD1 1 
ATOM   1541 N N   . GLN D 2 10 ? 5.704   -17.960 -19.913 1.00 36.62  ? 10 GLN D N   1 
ATOM   1542 C CA  . GLN D 2 10 ? 4.812   -18.866 -19.212 1.00 39.22  ? 10 GLN D CA  1 
ATOM   1543 C C   . GLN D 2 10 ? 5.224   -18.900 -17.740 1.00 37.89  ? 10 GLN D C   1 
ATOM   1544 O O   . GLN D 2 10 ? 6.376   -19.205 -17.424 1.00 35.90  ? 10 GLN D O   1 
ATOM   1545 C CB  . GLN D 2 10 ? 4.934   -20.260 -19.854 1.00 37.89  ? 10 GLN D CB  1 
ATOM   1546 C CG  . GLN D 2 10 ? 4.079   -21.347 -19.238 1.00 36.53  ? 10 GLN D CG  1 
ATOM   1547 C CD  . GLN D 2 10 ? 2.600   -21.033 -19.293 1.00 37.46  ? 10 GLN D CD  1 
ATOM   1548 O OE1 . GLN D 2 10 ? 2.100   -20.488 -20.277 1.00 37.30  ? 10 GLN D OE1 1 
ATOM   1549 N NE2 . GLN D 2 10 ? 1.887   -21.391 -18.236 1.00 43.08  ? 10 GLN D NE2 1 
ATOM   1550 N N   . VAL D 2 11 ? 4.284   -18.588 -16.849 1.00 37.79  ? 11 VAL D N   1 
ATOM   1551 C CA  . VAL D 2 11 ? 4.573   -18.565 -15.415 1.00 46.47  ? 11 VAL D CA  1 
ATOM   1552 C C   . VAL D 2 11 ? 3.794   -19.577 -14.575 1.00 51.89  ? 11 VAL D C   1 
ATOM   1553 O O   . VAL D 2 11 ? 2.568   -19.511 -14.484 1.00 52.23  ? 11 VAL D O   1 
ATOM   1554 C CB  . VAL D 2 11 ? 4.313   -17.154 -14.820 1.00 47.07  ? 11 VAL D CB  1 
ATOM   1555 C CG1 . VAL D 2 11 ? 4.602   -17.151 -13.315 1.00 44.30  ? 11 VAL D CG1 1 
ATOM   1556 C CG2 . VAL D 2 11 ? 5.179   -16.125 -15.526 1.00 49.16  ? 11 VAL D CG2 1 
ATOM   1557 N N   . ASP D 2 12 ? 4.511   -20.501 -13.946 1.00 59.08  ? 12 ASP D N   1 
ATOM   1558 C CA  . ASP D 2 12 ? 3.868   -21.501 -13.097 1.00 71.15  ? 12 ASP D CA  1 
ATOM   1559 C C   . ASP D 2 12 ? 4.393   -21.476 -11.672 1.00 75.25  ? 12 ASP D C   1 
ATOM   1560 O O   . ASP D 2 12 ? 5.324   -22.202 -11.324 1.00 74.76  ? 12 ASP D O   1 
ATOM   1561 C CB  . ASP D 2 12 ? 4.038   -22.901 -13.684 1.00 74.80  ? 12 ASP D CB  1 
ATOM   1562 C CG  . ASP D 2 12 ? 2.827   -23.345 -14.467 1.00 78.40  ? 12 ASP D CG  1 
ATOM   1563 O OD1 . ASP D 2 12 ? 1.734   -23.427 -13.863 1.00 79.08  ? 12 ASP D OD1 1 
ATOM   1564 O OD2 . ASP D 2 12 ? 2.962   -23.605 -15.684 1.00 81.00  ? 12 ASP D OD2 1 
ATOM   1565 N N   . ARG D 2 13 ? 3.772   -20.626 -10.857 1.00 81.08  ? 13 ARG D N   1 
ATOM   1566 C CA  . ARG D 2 13 ? 4.139   -20.452 -9.458  1.00 85.46  ? 13 ARG D CA  1 
ATOM   1567 C C   . ARG D 2 13 ? 5.516   -19.799 -9.339  1.00 87.00  ? 13 ARG D C   1 
ATOM   1568 O O   . ARG D 2 13 ? 6.128   -19.532 -10.395 1.00 86.90  ? 13 ARG D O   1 
ATOM   1569 C CB  . ARG D 2 13 ? 4.121   -21.805 -8.740  1.00 87.87  ? 13 ARG D CB  1 
ATOM   1570 C CG  . ARG D 2 13 ? 3.238   -21.828 -7.507  1.00 92.13  ? 13 ARG D CG  1 
ATOM   1571 C CD  . ARG D 2 13 ? 3.767   -20.880 -6.442  1.00 95.88  ? 13 ARG D CD  1 
ATOM   1572 N NE  . ARG D 2 13 ? 2.859   -20.772 -5.304  1.00 99.28  ? 13 ARG D NE  1 
ATOM   1573 C CZ  . ARG D 2 13 ? 3.131   -20.094 -4.194  1.00 100.13 ? 13 ARG D CZ  1 
ATOM   1574 N NH1 . ARG D 2 13 ? 4.295   -19.469 -4.068  1.00 99.80  ? 13 ARG D NH1 1 
ATOM   1575 N NH2 . ARG D 2 13 ? 2.243   -20.047 -3.208  1.00 100.13 ? 13 ARG D NH2 1 
ATOM   1576 O OXT . ARG D 2 13 ? 5.965   -19.554 -8.197  1.00 88.43  ? 13 ARG D OXT 1 
HETATM 1577 O O   . HOH E 3 .  ? -16.683 -3.507  20.344  1.00 57.00  ? 90 HOH A O   1 
HETATM 1578 O O   . HOH E 3 .  ? -8.258  3.006   27.193  1.00 48.47  ? 91 HOH A O   1 
HETATM 1579 O O   . HOH E 3 .  ? -10.785 8.431   28.025  1.00 50.89  ? 92 HOH A O   1 
HETATM 1580 O O   . HOH E 3 .  ? 9.453   5.750   6.998   1.00 61.42  ? 93 HOH A O   1 
HETATM 1581 O O   . HOH E 3 .  ? -17.256 17.757  7.439   1.00 61.54  ? 94 HOH A O   1 
HETATM 1582 O O   . HOH E 3 .  ? -23.257 15.339  24.049  1.00 63.59  ? 95 HOH A O   1 
HETATM 1583 O O   . HOH E 3 .  ? -6.819  -10.895 12.142  1.00 47.96  ? 96 HOH A O   1 
HETATM 1584 O O   . HOH F 3 .  ? 12.915  -10.958 -25.517 1.00 61.87  ? 90 HOH B O   1 
HETATM 1585 O O   . HOH F 3 .  ? 3.282   -8.334  -0.769  1.00 45.83  ? 91 HOH B O   1 
HETATM 1586 O O   . HOH F 3 .  ? 9.580   -19.169 -17.512 1.00 46.69  ? 92 HOH B O   1 
HETATM 1587 O O   . HOH F 3 .  ? 2.292   -11.170 -2.352  1.00 58.85  ? 93 HOH B O   1 
HETATM 1588 O O   . HOH F 3 .  ? -4.431  -14.603 -2.005  1.00 69.60  ? 94 HOH B O   1 
HETATM 1589 O O   . HOH F 3 .  ? 19.015  4.985   -11.571 1.00 52.16  ? 95 HOH B O   1 
HETATM 1590 O O   . HOH F 3 .  ? -2.400  -11.405 -2.287  1.00 58.96  ? 96 HOH B O   1 
HETATM 1591 O O   . HOH F 3 .  ? 21.942  -9.831  -14.459 1.00 64.63  ? 97 HOH B O   1 
HETATM 1592 O O   . HOH F 3 .  ? 11.120  -16.414 -21.381 1.00 52.22  ? 98 HOH B O   1 
HETATM 1593 O O   . HOH G 3 .  ? -5.235  2.258   27.712  1.00 55.16  ? 14 HOH C O   1 
HETATM 1594 O O   . HOH G 3 .  ? -6.328  12.358  32.036  1.00 60.76  ? 15 HOH C O   1 
HETATM 1595 O O   . HOH H 3 .  ? 8.325   -21.191 -8.654  1.00 54.88  ? 14 HOH D O   1 
HETATM 1596 O O   . HOH H 3 .  ? 6.237   -1.553  -35.112 1.00 55.68  ? 15 HOH D O   1 
# 
